data_9ER7
#
_entry.id   9ER7
#
_cell.length_a   93.790
_cell.length_b   96.010
_cell.length_c   182.790
_cell.angle_alpha   90.000
_cell.angle_beta   90.000
_cell.angle_gamma   90.000
#
_symmetry.space_group_name_H-M   'P 21 21 21'
#
loop_
_entity.id
_entity.type
_entity.pdbx_description
1 polymer 'Hydrogenase-1 small chain'
2 polymer 'Hydrogenase-1 large chain'
3 non-polymer 'IRON/SULFUR CLUSTER'
4 non-polymer 'FE3-S4 CLUSTER'
5 non-polymer 'FE4-S3 CLUSTER'
6 non-polymer 'CHLORIDE ION'
7 non-polymer 'SULFATE ION'
8 non-polymer 'CARBONMONOXIDE-(DICYANO) IRON'
9 non-polymer 'NICKEL (II) ION'
10 non-polymer 'MAGNESIUM ION'
11 non-polymer 'CARBON MONOXIDE'
12 non-polymer 2-AMINO-2-HYDROXYMETHYL-PROPANE-1,3-DIOL
13 water water
#
loop_
_entity_poly.entity_id
_entity_poly.type
_entity_poly.pdbx_seq_one_letter_code
_entity_poly.pdbx_strand_id
1 'polypeptide(L)'
;LENKPRIPVVWIHGLECTCCTESFIRSAHPLAKDVILSLISLDYDDTLMAAAGTQAEEVFEDIITQYNGKYILAVEGNPP
LGEQGMFCISSGRPFIEKLKRAAAGASAIIAWGTCASWGCVQAARPNPTQATPIDKVITDKPIIKVPGCPPIPDVMSAII
TYMVTFDRLPDVDRMGRPLMFYGQRIHDKCYRRAHFDAGEFVQSWDDDAARKGYCLYKMGCKGPTTYNACSSTRWNDGVS
FPIQSGHGCLGCAENGFWDRGSFYSRVVDIPRSHHHHHH
;
S,T
2 'polypeptide(L)'
;MSTQYETQGYTINNAGRRLVVDPITRIEGHMRCEVNINDQNVITNAVSCGTMFRGLEIILQGRDPRDAWAFVERICGVCT
GVHALASVYAIEDAIGIKVPDNANIIRNIMLATLWCHDHLVHFYQLAGMDWIDVLDALKADPRKTSELAQSLSSWPKSSP
GYFFDVQNRLKKFVEGGQLGIFRNGYWGHPQYKLPPEANLMGFAHYLEALDFQREIVKIHAVFGGKNPHPNWIVGGMPCA
INIDESGAVGAVNMERLNLVQSIITRTADFINNVMIPDALAIGQFNKPWSEIGTGLSDKCVLSYGAFPDIANDFGEKSLL
MPGGAVINGDFNNVLPVDLVDPQQVQEFVDHAWYRYPNDQVGRHPFDGITDPWYNPGDVKGSDTNIQQLNEQERYSWIKA
PRWRGNAMEVGPLARTLIAYHKGDAATVESVDRMMSALNLPLSGIQSTLGRILCRAHEAQWAAGKLQYFFDKLMTNLKNG
NLATASTEKWEPATWPTECRGVGFTEAPRGALGHWAAIRDGKIDLYQCVVPTTWNASPRDPKGQIGAYEAALMNTKMAIP
EQPLEILRTLHSFDPCLACSTH
;
L,M
#
# COMPACT_ATOMS: atom_id res chain seq x y z
N LYS A 4 -5.16 24.46 16.86
CA LYS A 4 -3.71 24.82 16.84
C LYS A 4 -3.29 25.14 15.40
N PRO A 5 -2.94 26.43 15.09
CA PRO A 5 -2.72 26.84 13.69
C PRO A 5 -1.54 26.15 13.00
N ARG A 6 -1.71 25.89 11.70
CA ARG A 6 -0.72 25.17 10.90
C ARG A 6 0.16 26.18 10.17
N ILE A 7 1.44 25.83 9.92
CA ILE A 7 2.39 26.71 9.21
C ILE A 7 1.86 27.10 7.83
N PRO A 8 1.86 28.42 7.52
CA PRO A 8 1.41 28.88 6.20
C PRO A 8 2.43 28.55 5.11
N VAL A 9 1.92 28.05 3.99
CA VAL A 9 2.71 27.76 2.79
C VAL A 9 2.05 28.43 1.60
N VAL A 10 2.88 29.20 0.88
CA VAL A 10 2.51 29.82 -0.38
C VAL A 10 3.28 29.09 -1.46
N TRP A 11 2.52 28.46 -2.38
CA TRP A 11 3.13 27.69 -3.48
C TRP A 11 2.90 28.42 -4.81
N ILE A 12 3.98 28.91 -5.43
CA ILE A 12 3.93 29.61 -6.70
C ILE A 12 4.55 28.72 -7.78
N HIS A 13 4.26 29.09 -9.04
CA HIS A 13 4.58 28.31 -10.20
C HIS A 13 5.13 29.21 -11.28
N GLY A 14 6.37 28.95 -11.71
CA GLY A 14 6.98 29.69 -12.83
C GLY A 14 6.84 28.91 -14.11
N LEU A 15 7.87 28.89 -14.97
CA LEU A 15 7.89 27.97 -16.11
C LEU A 15 8.06 26.57 -15.54
N GLU A 16 7.19 25.63 -15.96
CA GLU A 16 7.04 24.35 -15.27
C GLU A 16 6.31 23.40 -16.20
N CYS A 17 6.28 22.12 -15.81
CA CYS A 17 5.37 21.15 -16.38
C CYS A 17 4.34 20.67 -15.35
N THR A 18 4.47 21.08 -14.09
CA THR A 18 3.57 20.71 -12.97
C THR A 18 3.87 19.28 -12.47
N CYS A 19 5.04 18.69 -12.85
CA CYS A 19 5.39 17.37 -12.34
C CYS A 19 5.61 17.40 -10.83
N CYS A 20 6.04 18.54 -10.26
CA CYS A 20 6.34 18.62 -8.84
C CYS A 20 5.06 18.64 -8.01
N THR A 21 4.03 19.36 -8.44
CA THR A 21 2.72 19.32 -7.79
C THR A 21 2.14 17.91 -7.89
N GLU A 22 2.31 17.28 -9.06
CA GLU A 22 1.73 15.95 -9.26
C GLU A 22 2.45 14.95 -8.37
N SER A 23 3.78 15.08 -8.23
CA SER A 23 4.51 14.20 -7.32
C SER A 23 4.03 14.37 -5.89
N PHE A 24 3.89 15.63 -5.42
CA PHE A 24 3.46 15.87 -4.07
C PHE A 24 2.14 15.16 -3.78
N ILE A 25 1.17 15.24 -4.70
CA ILE A 25 -0.13 14.67 -4.37
C ILE A 25 -0.10 13.13 -4.41
N ARG A 26 0.99 12.51 -4.91
CA ARG A 26 1.16 11.06 -4.82
C ARG A 26 1.55 10.59 -3.43
N SER A 27 1.92 11.51 -2.53
CA SER A 27 2.46 11.11 -1.24
C SER A 27 1.63 10.00 -0.58
N ALA A 28 2.31 8.95 -0.13
CA ALA A 28 1.65 7.80 0.51
C ALA A 28 1.55 7.99 2.02
N HIS A 29 2.51 8.74 2.61
CA HIS A 29 2.55 8.77 4.07
C HIS A 29 3.41 9.95 4.48
N PRO A 30 2.86 11.08 4.98
CA PRO A 30 1.42 11.34 5.08
C PRO A 30 0.77 11.54 3.70
N LEU A 31 -0.49 11.12 3.60
CA LEU A 31 -1.29 11.42 2.41
C LEU A 31 -1.28 12.92 2.18
N ALA A 32 -1.28 13.36 0.93
CA ALA A 32 -1.36 14.78 0.60
C ALA A 32 -2.60 15.40 1.26
N LYS A 33 -3.70 14.64 1.25
CA LYS A 33 -4.91 15.02 1.95
C LYS A 33 -4.63 15.47 3.37
N ASP A 34 -3.89 14.64 4.11
CA ASP A 34 -3.59 14.95 5.51
C ASP A 34 -2.57 16.08 5.63
N VAL A 35 -1.64 16.20 4.68
CA VAL A 35 -0.73 17.34 4.73
C VAL A 35 -1.54 18.64 4.66
N ILE A 36 -2.52 18.72 3.74
CA ILE A 36 -3.26 19.94 3.51
C ILE A 36 -4.30 20.18 4.62
N LEU A 37 -4.95 19.15 5.13
CA LEU A 37 -5.99 19.36 6.13
C LEU A 37 -5.41 19.46 7.54
N SER A 38 -4.27 18.84 7.82
CA SER A 38 -3.77 18.68 9.19
C SER A 38 -2.38 19.26 9.45
N LEU A 39 -1.47 19.29 8.49
CA LEU A 39 -0.09 19.55 8.84
C LEU A 39 0.35 20.97 8.49
N ILE A 40 -0.06 21.49 7.32
CA ILE A 40 0.31 22.84 6.87
C ILE A 40 -0.97 23.59 6.56
N SER A 41 -0.85 24.90 6.29
CA SER A 41 -1.94 25.67 5.72
C SER A 41 -1.55 26.07 4.30
N LEU A 42 -2.02 25.28 3.33
CA LEU A 42 -1.70 25.55 1.94
C LEU A 42 -2.59 26.72 1.48
N ASP A 43 -2.04 27.92 1.54
CA ASP A 43 -2.84 29.14 1.51
C ASP A 43 -2.92 29.73 0.10
N TYR A 44 -2.04 29.27 -0.82
CA TYR A 44 -2.02 29.80 -2.16
C TYR A 44 -1.41 28.69 -3.02
N ASP A 45 -2.07 28.36 -4.13
CA ASP A 45 -1.56 27.33 -5.04
C ASP A 45 -2.45 27.32 -6.27
N ASP A 46 -1.98 27.90 -7.38
CA ASP A 46 -2.85 28.13 -8.51
C ASP A 46 -3.44 26.82 -9.03
N THR A 47 -2.69 25.71 -8.96
CA THR A 47 -3.15 24.45 -9.56
C THR A 47 -4.36 23.87 -8.82
N LEU A 48 -4.53 24.18 -7.53
CA LEU A 48 -5.53 23.50 -6.72
C LEU A 48 -6.58 24.43 -6.11
N MET A 49 -6.34 25.73 -6.08
CA MET A 49 -7.17 26.63 -5.30
C MET A 49 -8.51 26.95 -6.01
N ALA A 50 -9.54 27.17 -5.20
CA ALA A 50 -10.86 27.50 -5.69
C ALA A 50 -10.89 28.84 -6.42
N ALA A 51 -10.34 29.88 -5.78
CA ALA A 51 -10.34 31.25 -6.29
C ALA A 51 -9.51 31.35 -7.56
N ALA A 52 -9.94 32.22 -8.48
CA ALA A 52 -9.18 32.54 -9.70
C ALA A 52 -9.05 34.06 -9.81
N GLY A 53 -8.15 34.51 -10.68
CA GLY A 53 -8.14 35.90 -11.11
C GLY A 53 -8.00 36.84 -9.92
N THR A 54 -8.91 37.83 -9.81
CA THR A 54 -8.78 38.84 -8.78
C THR A 54 -8.96 38.24 -7.39
N GLN A 55 -9.82 37.24 -7.28
CA GLN A 55 -10.07 36.58 -6.00
C GLN A 55 -8.80 35.86 -5.52
N ALA A 56 -8.09 35.22 -6.46
CA ALA A 56 -6.88 34.52 -6.12
C ALA A 56 -5.80 35.50 -5.71
N GLU A 57 -5.70 36.62 -6.42
CA GLU A 57 -4.65 37.57 -6.10
C GLU A 57 -4.94 38.31 -4.79
N GLU A 58 -6.21 38.47 -4.43
CA GLU A 58 -6.60 39.00 -3.11
C GLU A 58 -6.07 38.06 -2.01
N VAL A 59 -6.15 36.74 -2.26
CA VAL A 59 -5.60 35.77 -1.32
C VAL A 59 -4.09 35.91 -1.23
N PHE A 60 -3.41 35.89 -2.38
CA PHE A 60 -1.97 35.99 -2.41
C PHE A 60 -1.51 37.21 -1.62
N GLU A 61 -2.08 38.38 -1.93
CA GLU A 61 -1.65 39.63 -1.30
C GLU A 61 -1.94 39.64 0.20
N ASP A 62 -3.11 39.16 0.59
CA ASP A 62 -3.42 39.16 1.99
C ASP A 62 -2.53 38.20 2.80
N ILE A 63 -2.29 36.99 2.28
CA ILE A 63 -1.47 36.02 2.99
C ILE A 63 -0.06 36.58 3.20
N ILE A 64 0.57 37.12 2.14
CA ILE A 64 1.96 37.53 2.28
C ILE A 64 2.05 38.75 3.18
N THR A 65 0.93 39.49 3.35
CA THR A 65 0.91 40.65 4.25
C THR A 65 0.68 40.20 5.67
N GLN A 66 -0.42 39.49 5.93
CA GLN A 66 -0.82 38.99 7.25
C GLN A 66 0.27 38.10 7.86
N TYR A 67 0.91 37.26 7.04
CA TYR A 67 1.89 36.33 7.58
C TYR A 67 3.33 36.71 7.20
N ASN A 68 3.57 37.99 6.90
CA ASN A 68 4.89 38.50 6.55
C ASN A 68 5.92 38.00 7.55
N GLY A 69 6.98 37.37 7.04
CA GLY A 69 8.07 36.84 7.85
C GLY A 69 7.81 35.45 8.42
N LYS A 70 6.61 34.89 8.18
CA LYS A 70 6.19 33.67 8.87
C LYS A 70 5.62 32.60 7.94
N TYR A 71 5.69 32.78 6.61
CA TYR A 71 5.24 31.70 5.75
C TYR A 71 6.44 31.06 5.06
N ILE A 72 6.23 29.80 4.66
CA ILE A 72 7.15 29.11 3.77
C ILE A 72 6.73 29.41 2.34
N LEU A 73 7.69 29.76 1.48
CA LEU A 73 7.43 29.89 0.05
C LEU A 73 7.92 28.62 -0.65
N ALA A 74 6.99 27.88 -1.26
CA ALA A 74 7.37 26.75 -2.11
C ALA A 74 7.32 27.24 -3.55
N VAL A 75 8.38 26.94 -4.31
CA VAL A 75 8.49 27.36 -5.68
C VAL A 75 8.63 26.12 -6.57
N GLU A 76 7.71 26.02 -7.52
CA GLU A 76 7.77 25.03 -8.59
C GLU A 76 8.04 25.80 -9.87
N GLY A 77 8.83 25.21 -10.76
CA GLY A 77 9.22 25.93 -11.96
C GLY A 77 10.28 26.99 -11.69
N ASN A 78 10.49 27.86 -12.69
CA ASN A 78 11.51 28.91 -12.54
C ASN A 78 11.16 30.16 -13.34
N PRO A 79 11.83 31.28 -13.02
CA PRO A 79 11.66 32.52 -13.78
C PRO A 79 12.51 32.56 -15.04
N PRO A 80 11.92 32.94 -16.19
CA PRO A 80 12.66 33.28 -17.39
C PRO A 80 13.08 34.74 -17.36
N LEU A 81 14.34 35.04 -17.73
CA LEU A 81 14.78 36.42 -17.78
C LEU A 81 14.59 37.02 -19.17
N GLY A 82 14.32 36.18 -20.18
CA GLY A 82 14.14 36.66 -21.55
C GLY A 82 12.85 37.47 -21.73
N GLU A 83 12.87 38.35 -22.74
CA GLU A 83 11.68 39.13 -23.09
C GLU A 83 11.13 39.89 -21.89
N GLN A 84 12.03 40.47 -21.07
CA GLN A 84 11.67 41.24 -19.90
CA GLN A 84 11.63 41.25 -19.91
C GLN A 84 10.84 40.41 -18.92
N GLY A 85 11.05 39.08 -18.94
CA GLY A 85 10.38 38.19 -18.02
C GLY A 85 8.99 37.74 -18.50
N MET A 86 8.57 38.18 -19.69
CA MET A 86 7.20 37.94 -20.15
C MET A 86 7.06 36.64 -20.93
N PHE A 87 8.10 35.78 -20.93
CA PHE A 87 7.88 34.36 -21.23
C PHE A 87 7.08 33.65 -20.14
N CYS A 88 6.89 34.29 -18.98
CA CYS A 88 5.98 33.75 -17.97
C CYS A 88 5.24 34.91 -17.33
N ILE A 89 3.95 35.01 -17.65
CA ILE A 89 3.13 36.15 -17.23
C ILE A 89 2.14 35.75 -16.15
N SER A 90 2.14 36.52 -15.09
CA SER A 90 1.40 36.31 -13.85
C SER A 90 0.62 37.58 -13.52
N SER A 91 -0.72 37.54 -13.69
CA SER A 91 -1.58 38.70 -13.48
C SER A 91 -1.05 39.90 -14.28
N GLY A 92 -0.65 39.66 -15.54
CA GLY A 92 -0.27 40.69 -16.49
C GLY A 92 1.17 41.19 -16.34
N ARG A 93 1.91 40.63 -15.40
CA ARG A 93 3.24 41.09 -15.06
C ARG A 93 4.23 39.92 -15.11
N PRO A 94 5.55 40.19 -15.20
CA PRO A 94 6.51 39.10 -15.22
C PRO A 94 6.41 38.25 -13.96
N PHE A 95 6.48 36.93 -14.14
CA PHE A 95 6.50 36.01 -13.01
C PHE A 95 7.58 36.38 -12.00
N ILE A 96 8.73 36.81 -12.49
CA ILE A 96 9.84 37.09 -11.58
C ILE A 96 9.44 38.16 -10.56
N GLU A 97 8.54 39.10 -10.90
CA GLU A 97 8.11 40.11 -9.92
C GLU A 97 7.30 39.48 -8.78
N LYS A 98 6.44 38.50 -9.13
CA LYS A 98 5.65 37.77 -8.15
C LYS A 98 6.58 36.96 -7.25
N LEU A 99 7.58 36.31 -7.86
CA LEU A 99 8.58 35.55 -7.12
C LEU A 99 9.31 36.43 -6.12
N LYS A 100 9.69 37.63 -6.55
CA LYS A 100 10.41 38.53 -5.66
C LYS A 100 9.51 39.01 -4.52
N ARG A 101 8.24 39.34 -4.77
CA ARG A 101 7.33 39.79 -3.73
C ARG A 101 7.05 38.67 -2.73
N ALA A 102 6.83 37.45 -3.22
CA ALA A 102 6.58 36.31 -2.36
C ALA A 102 7.83 35.99 -1.54
N ALA A 103 9.01 36.03 -2.17
CA ALA A 103 10.25 35.70 -1.49
C ALA A 103 10.53 36.70 -0.35
N ALA A 104 10.17 37.97 -0.55
CA ALA A 104 10.60 38.96 0.44
C ALA A 104 9.94 38.78 1.81
N GLY A 105 8.73 38.21 1.86
CA GLY A 105 8.02 37.98 3.11
C GLY A 105 8.20 36.56 3.67
N ALA A 106 8.90 35.69 2.93
CA ALA A 106 9.02 34.30 3.36
C ALA A 106 10.05 34.18 4.48
N SER A 107 9.82 33.23 5.39
CA SER A 107 10.83 32.82 6.37
C SER A 107 11.87 31.92 5.70
N ALA A 108 11.42 31.12 4.71
CA ALA A 108 12.30 30.20 4.02
C ALA A 108 11.64 29.75 2.73
N ILE A 109 12.48 29.30 1.79
CA ILE A 109 12.00 28.88 0.49
C ILE A 109 12.36 27.43 0.25
N ILE A 110 11.37 26.67 -0.27
CA ILE A 110 11.63 25.34 -0.80
C ILE A 110 11.63 25.46 -2.33
N ALA A 111 12.74 25.07 -2.96
CA ALA A 111 12.88 25.01 -4.39
C ALA A 111 12.59 23.57 -4.82
N TRP A 112 11.32 23.33 -5.21
CA TRP A 112 10.95 22.00 -5.60
C TRP A 112 11.52 21.68 -6.97
N GLY A 113 12.09 20.50 -7.06
CA GLY A 113 12.42 19.91 -8.34
C GLY A 113 13.68 20.51 -8.97
N THR A 114 14.11 19.84 -10.03
CA THR A 114 15.22 20.34 -10.82
C THR A 114 14.90 21.71 -11.41
N CYS A 115 13.63 22.03 -11.75
CA CYS A 115 13.30 23.35 -12.28
C CYS A 115 13.75 24.44 -11.30
N ALA A 116 13.23 24.42 -10.08
CA ALA A 116 13.47 25.53 -9.17
C ALA A 116 14.91 25.47 -8.64
N SER A 117 15.47 24.25 -8.59
CA SER A 117 16.80 24.06 -8.04
C SER A 117 17.87 24.53 -9.01
N TRP A 118 17.71 24.16 -10.28
CA TRP A 118 18.80 24.23 -11.26
C TRP A 118 18.39 24.86 -12.60
N GLY A 119 17.21 24.51 -13.11
CA GLY A 119 16.74 25.00 -14.40
C GLY A 119 15.87 23.99 -15.14
N CYS A 120 16.26 22.72 -15.07
CA CYS A 120 15.57 21.61 -15.73
C CYS A 120 15.41 21.87 -17.23
N VAL A 121 14.37 21.28 -17.85
CA VAL A 121 14.39 21.07 -19.29
C VAL A 121 14.40 22.39 -20.09
N GLN A 122 13.70 23.41 -19.58
CA GLN A 122 13.66 24.66 -20.31
C GLN A 122 15.03 25.33 -20.29
N ALA A 123 15.86 24.99 -19.33
CA ALA A 123 17.21 25.58 -19.24
C ALA A 123 18.24 24.80 -20.05
N ALA A 124 17.85 23.65 -20.60
CA ALA A 124 18.73 22.87 -21.45
C ALA A 124 19.02 23.67 -22.72
N ARG A 125 20.20 23.39 -23.30
CA ARG A 125 20.65 24.12 -24.48
C ARG A 125 19.56 24.19 -25.55
N PRO A 126 19.26 25.37 -26.15
CA PRO A 126 19.93 26.65 -25.90
C PRO A 126 19.31 27.64 -24.92
N ASN A 127 18.46 27.10 -24.02
CA ASN A 127 17.74 27.90 -23.03
C ASN A 127 17.10 29.13 -23.69
N PRO A 128 16.12 28.92 -24.56
CA PRO A 128 15.48 30.01 -25.29
C PRO A 128 14.95 31.15 -24.44
N THR A 129 14.45 30.84 -23.24
CA THR A 129 13.79 31.83 -22.41
C THR A 129 14.70 32.42 -21.33
N GLN A 130 15.94 31.98 -21.24
CA GLN A 130 16.82 32.34 -20.13
C GLN A 130 16.21 31.97 -18.78
N ALA A 131 15.69 30.73 -18.72
CA ALA A 131 15.17 30.21 -17.49
C ALA A 131 16.32 30.07 -16.49
N THR A 132 16.04 30.52 -15.28
CA THR A 132 17.07 30.69 -14.25
C THR A 132 16.59 30.07 -12.94
N PRO A 133 17.45 29.33 -12.20
CA PRO A 133 17.04 28.77 -10.90
C PRO A 133 16.84 29.85 -9.84
N ILE A 134 16.05 29.53 -8.82
N ILE A 134 16.05 29.58 -8.82
CA ILE A 134 15.58 30.48 -7.83
CA ILE A 134 15.61 30.64 -7.95
C ILE A 134 16.75 31.15 -7.11
C ILE A 134 16.77 31.18 -7.11
N ASP A 135 17.79 30.37 -6.80
CA ASP A 135 18.88 30.86 -5.97
C ASP A 135 19.74 31.88 -6.70
N LYS A 136 19.57 32.03 -8.00
CA LYS A 136 20.30 33.06 -8.73
C LYS A 136 19.51 34.36 -8.80
N VAL A 137 18.26 34.34 -8.33
CA VAL A 137 17.38 35.50 -8.38
C VAL A 137 17.11 36.00 -6.97
N ILE A 138 16.85 35.07 -6.04
CA ILE A 138 16.59 35.38 -4.65
C ILE A 138 17.85 35.01 -3.87
N THR A 139 18.54 36.02 -3.30
CA THR A 139 19.88 35.80 -2.78
C THR A 139 19.98 36.13 -1.28
N ASP A 140 18.84 36.44 -0.64
CA ASP A 140 18.85 36.86 0.75
C ASP A 140 17.88 36.03 1.59
N LYS A 141 17.62 34.77 1.17
CA LYS A 141 16.68 33.92 1.87
C LYS A 141 17.19 32.47 1.93
N PRO A 142 16.86 31.70 2.99
CA PRO A 142 17.19 30.27 3.05
C PRO A 142 16.43 29.59 1.89
N ILE A 143 17.16 28.84 1.08
CA ILE A 143 16.59 28.06 -0.03
C ILE A 143 17.02 26.60 0.15
N ILE A 144 16.03 25.72 0.32
CA ILE A 144 16.27 24.29 0.35
C ILE A 144 15.99 23.72 -1.04
N LYS A 145 17.00 23.18 -1.69
CA LYS A 145 16.84 22.59 -3.01
CA LYS A 145 16.83 22.59 -3.01
C LYS A 145 16.38 21.14 -2.85
N VAL A 146 15.31 20.77 -3.56
CA VAL A 146 14.80 19.40 -3.50
C VAL A 146 14.72 18.87 -4.92
N PRO A 147 15.89 18.51 -5.51
CA PRO A 147 15.92 18.27 -6.93
C PRO A 147 15.40 16.90 -7.33
N GLY A 148 15.35 16.70 -8.65
CA GLY A 148 14.66 15.58 -9.25
C GLY A 148 13.57 16.07 -10.18
N CYS A 149 13.28 15.23 -11.18
CA CYS A 149 12.32 15.60 -12.19
C CYS A 149 11.20 14.58 -12.30
N PRO A 150 10.20 14.59 -11.39
CA PRO A 150 10.18 15.38 -10.17
C PRO A 150 10.92 14.66 -9.05
N PRO A 151 11.03 15.28 -7.86
CA PRO A 151 11.47 14.55 -6.67
C PRO A 151 10.48 13.45 -6.30
N ILE A 152 10.93 12.54 -5.46
CA ILE A 152 10.12 11.40 -5.01
C ILE A 152 8.97 11.92 -4.15
N PRO A 153 7.73 11.48 -4.36
CA PRO A 153 6.60 11.93 -3.55
C PRO A 153 6.84 11.90 -2.05
N ASP A 154 7.29 10.74 -1.54
CA ASP A 154 7.43 10.55 -0.10
C ASP A 154 8.65 11.31 0.45
N VAL A 155 9.56 11.73 -0.41
CA VAL A 155 10.66 12.62 0.01
C VAL A 155 10.10 14.03 0.17
N MET A 156 9.29 14.49 -0.80
CA MET A 156 8.67 15.81 -0.65
C MET A 156 7.89 15.90 0.65
N SER A 157 7.01 14.93 0.92
CA SER A 157 6.23 14.98 2.15
C SER A 157 7.10 14.76 3.39
N ALA A 158 8.16 13.93 3.30
CA ALA A 158 9.07 13.75 4.44
C ALA A 158 9.73 15.09 4.83
N ILE A 159 10.14 15.88 3.86
CA ILE A 159 10.77 17.17 4.13
C ILE A 159 9.78 18.09 4.82
N ILE A 160 8.51 18.14 4.35
CA ILE A 160 7.47 18.92 5.00
C ILE A 160 7.29 18.47 6.45
N THR A 161 7.13 17.15 6.71
CA THR A 161 6.95 16.66 8.07
C THR A 161 8.14 17.02 8.95
N TYR A 162 9.35 16.97 8.40
CA TYR A 162 10.54 17.35 9.17
C TYR A 162 10.39 18.80 9.65
N MET A 163 10.00 19.68 8.73
CA MET A 163 9.88 21.09 9.05
C MET A 163 8.81 21.33 10.12
N VAL A 164 7.67 20.63 10.00
CA VAL A 164 6.56 20.73 10.93
C VAL A 164 6.94 20.16 12.30
N THR A 165 7.46 18.92 12.33
CA THR A 165 7.69 18.21 13.59
C THR A 165 8.84 18.86 14.37
N PHE A 166 9.93 19.21 13.67
CA PHE A 166 11.19 19.64 14.28
C PHE A 166 11.30 21.17 14.33
N ASP A 167 10.41 21.89 13.64
CA ASP A 167 10.41 23.35 13.63
C ASP A 167 11.76 23.89 13.15
N ARG A 168 12.36 23.21 12.16
CA ARG A 168 13.59 23.72 11.58
C ARG A 168 13.70 23.21 10.16
N LEU A 169 14.66 23.80 9.43
CA LEU A 169 14.95 23.38 8.08
C LEU A 169 15.88 22.16 8.14
N PRO A 170 15.76 21.24 7.16
CA PRO A 170 16.72 20.14 7.10
C PRO A 170 18.12 20.68 6.90
N ASP A 171 19.13 19.99 7.45
CA ASP A 171 20.51 20.30 7.15
C ASP A 171 20.79 19.93 5.71
N VAL A 172 21.67 20.69 5.07
CA VAL A 172 21.91 20.57 3.66
C VAL A 172 23.38 20.35 3.33
N ASP A 173 23.62 19.75 2.18
CA ASP A 173 24.94 19.71 1.58
C ASP A 173 25.35 21.10 1.06
N ARG A 174 26.53 21.15 0.44
CA ARG A 174 27.12 22.43 0.02
C ARG A 174 26.30 23.09 -1.11
N MET A 175 25.37 22.35 -1.73
CA MET A 175 24.49 22.87 -2.77
C MET A 175 23.09 23.15 -2.27
N GLY A 176 22.79 23.00 -0.98
CA GLY A 176 21.50 23.30 -0.41
C GLY A 176 20.48 22.14 -0.52
N ARG A 177 20.95 20.92 -0.82
CA ARG A 177 20.08 19.75 -0.83
C ARG A 177 20.03 19.08 0.55
N PRO A 178 18.85 18.69 1.06
CA PRO A 178 18.76 17.98 2.34
C PRO A 178 19.66 16.74 2.41
N LEU A 179 20.57 16.69 3.37
CA LEU A 179 21.47 15.53 3.50
C LEU A 179 20.70 14.21 3.65
N MET A 180 19.53 14.27 4.29
CA MET A 180 18.78 13.07 4.61
C MET A 180 18.52 12.27 3.32
N PHE A 181 18.15 12.94 2.22
CA PHE A 181 17.78 12.21 1.02
C PHE A 181 18.77 12.38 -0.11
N TYR A 182 19.70 13.36 -0.03
CA TYR A 182 20.57 13.62 -1.17
C TYR A 182 22.05 13.45 -0.81
N GLY A 183 22.36 12.90 0.37
CA GLY A 183 23.74 12.75 0.83
C GLY A 183 24.49 11.63 0.10
N GLN A 184 23.78 10.66 -0.50
CA GLN A 184 24.43 9.54 -1.17
C GLN A 184 23.93 9.37 -2.61
N ARG A 185 24.76 8.72 -3.42
CA ARG A 185 24.50 8.52 -4.82
C ARG A 185 23.51 7.37 -5.02
N ILE A 186 22.80 7.44 -6.14
CA ILE A 186 21.94 6.34 -6.58
C ILE A 186 22.74 5.03 -6.63
N HIS A 187 23.93 5.10 -7.22
CA HIS A 187 24.83 3.96 -7.42
C HIS A 187 25.38 3.40 -6.11
N ASP A 188 25.39 4.18 -5.04
CA ASP A 188 25.92 3.73 -3.76
C ASP A 188 24.89 2.98 -2.91
N LYS A 189 23.63 2.98 -3.37
CA LYS A 189 22.55 2.20 -2.76
C LYS A 189 21.78 1.43 -3.81
N CYS A 190 22.42 1.08 -4.93
CA CYS A 190 21.70 0.42 -6.02
C CYS A 190 21.73 -1.10 -5.87
N TYR A 191 20.55 -1.75 -5.99
CA TYR A 191 20.47 -3.19 -5.80
C TYR A 191 21.10 -3.94 -6.96
N ARG A 192 21.48 -3.27 -8.05
CA ARG A 192 22.18 -3.96 -9.14
C ARG A 192 23.69 -3.78 -9.07
N ARG A 193 24.19 -3.21 -7.99
CA ARG A 193 25.61 -2.94 -7.84
C ARG A 193 26.46 -4.22 -7.90
N ALA A 194 25.95 -5.35 -7.40
CA ALA A 194 26.68 -6.61 -7.51
C ALA A 194 27.02 -6.90 -8.96
N HIS A 195 26.10 -6.59 -9.89
CA HIS A 195 26.31 -6.87 -11.30
C HIS A 195 27.35 -5.93 -11.90
N PHE A 196 27.30 -4.65 -11.50
CA PHE A 196 28.31 -3.66 -11.90
C PHE A 196 29.71 -4.12 -11.49
N ASP A 197 29.84 -4.58 -10.23
CA ASP A 197 31.11 -5.04 -9.68
C ASP A 197 31.65 -6.29 -10.40
N ALA A 198 30.76 -7.12 -10.94
CA ALA A 198 31.08 -8.37 -11.62
C ALA A 198 31.21 -8.21 -13.13
N GLY A 199 30.99 -6.99 -13.62
CA GLY A 199 31.06 -6.76 -15.06
C GLY A 199 29.87 -7.40 -15.77
N GLU A 200 28.74 -7.54 -15.05
CA GLU A 200 27.52 -8.16 -15.58
C GLU A 200 26.56 -7.06 -16.05
N PHE A 201 26.50 -6.86 -17.38
CA PHE A 201 25.86 -5.67 -17.95
C PHE A 201 24.86 -6.01 -19.02
N VAL A 202 23.75 -5.29 -19.03
CA VAL A 202 22.87 -5.23 -20.19
C VAL A 202 23.68 -4.60 -21.33
N GLN A 203 23.67 -5.26 -22.48
CA GLN A 203 24.38 -4.77 -23.63
C GLN A 203 23.43 -4.26 -24.70
N SER A 204 22.25 -4.86 -24.84
CA SER A 204 21.21 -4.32 -25.69
C SER A 204 19.86 -4.60 -25.04
N TRP A 205 18.84 -3.83 -25.40
CA TRP A 205 17.57 -3.98 -24.73
C TRP A 205 17.02 -5.40 -24.85
N ASP A 206 16.51 -5.90 -23.72
CA ASP A 206 15.76 -7.15 -23.68
C ASP A 206 16.66 -8.34 -24.02
N ASP A 207 17.96 -8.18 -23.80
CA ASP A 207 18.91 -9.29 -23.82
C ASP A 207 18.74 -10.17 -22.58
N ASP A 208 19.49 -11.27 -22.53
CA ASP A 208 19.40 -12.16 -21.38
C ASP A 208 19.75 -11.42 -20.08
N ALA A 209 20.77 -10.57 -20.14
CA ALA A 209 21.22 -9.77 -19.00
C ALA A 209 20.05 -8.91 -18.49
N ALA A 210 19.33 -8.24 -19.41
CA ALA A 210 18.22 -7.38 -19.02
C ALA A 210 17.14 -8.18 -18.30
N ARG A 211 16.93 -9.41 -18.77
CA ARG A 211 15.91 -10.29 -18.21
C ARG A 211 16.29 -10.84 -16.84
N LYS A 212 17.55 -10.64 -16.44
CA LYS A 212 18.01 -11.05 -15.13
C LYS A 212 18.28 -9.85 -14.22
N GLY A 213 17.96 -8.62 -14.68
CA GLY A 213 18.22 -7.44 -13.87
C GLY A 213 19.70 -7.05 -13.71
N TYR A 214 20.51 -7.25 -14.76
CA TYR A 214 21.90 -6.84 -14.70
C TYR A 214 22.04 -5.32 -14.76
N CYS A 215 23.25 -4.86 -14.48
CA CYS A 215 23.55 -3.45 -14.35
C CYS A 215 23.36 -2.75 -15.70
N LEU A 216 22.91 -1.49 -15.65
CA LEU A 216 22.56 -0.69 -16.84
C LEU A 216 23.64 0.33 -17.21
N TYR A 217 24.84 0.22 -16.65
CA TYR A 217 25.90 1.19 -16.90
C TYR A 217 26.24 1.31 -18.38
N LYS A 218 26.30 0.18 -19.08
CA LYS A 218 26.66 0.23 -20.50
C LYS A 218 25.51 0.78 -21.34
N MET A 219 24.29 0.83 -20.77
CA MET A 219 23.17 1.41 -21.46
C MET A 219 23.00 2.89 -21.08
N GLY A 220 24.00 3.46 -20.41
CA GLY A 220 24.06 4.89 -20.14
C GLY A 220 23.60 5.31 -18.74
N CYS A 221 23.38 4.35 -17.83
CA CYS A 221 22.97 4.71 -16.47
C CYS A 221 23.87 5.79 -15.83
N LYS A 222 23.28 6.90 -15.35
CA LYS A 222 24.01 7.99 -14.73
C LYS A 222 23.94 7.91 -13.20
N GLY A 223 23.50 6.77 -12.65
CA GLY A 223 23.48 6.59 -11.20
C GLY A 223 24.82 6.93 -10.51
N PRO A 224 25.99 6.57 -11.10
CA PRO A 224 27.29 6.88 -10.48
C PRO A 224 27.60 8.35 -10.16
N THR A 225 26.87 9.28 -10.79
CA THR A 225 27.10 10.70 -10.58
C THR A 225 25.86 11.41 -10.07
N THR A 226 24.83 10.67 -9.60
CA THR A 226 23.55 11.30 -9.27
C THR A 226 23.21 11.04 -7.83
N TYR A 227 22.85 12.11 -7.09
CA TYR A 227 22.50 12.06 -5.69
C TYR A 227 20.98 12.20 -5.56
N ASN A 228 20.36 11.16 -4.97
CA ASN A 228 18.93 11.09 -4.76
C ASN A 228 18.68 9.84 -3.90
N ALA A 229 17.40 9.55 -3.65
CA ALA A 229 16.96 8.50 -2.75
C ALA A 229 16.23 7.37 -3.49
N CYS A 230 16.36 7.36 -4.82
CA CYS A 230 15.51 6.48 -5.63
C CYS A 230 15.80 5.01 -5.40
N SER A 231 17.08 4.66 -5.20
CA SER A 231 17.47 3.27 -5.06
C SER A 231 17.22 2.73 -3.66
N SER A 232 16.80 3.62 -2.72
CA SER A 232 16.60 3.25 -1.32
CA SER A 232 16.61 3.25 -1.33
C SER A 232 15.14 3.43 -0.97
N THR A 233 14.69 4.69 -0.93
CA THR A 233 13.31 5.03 -0.66
C THR A 233 12.38 4.48 -1.77
N ARG A 234 12.86 4.54 -3.02
CA ARG A 234 12.08 4.16 -4.18
C ARG A 234 10.91 5.11 -4.41
N TRP A 235 10.09 4.77 -5.41
CA TRP A 235 9.05 5.61 -5.96
C TRP A 235 7.66 5.00 -5.77
N ASN A 236 6.65 5.85 -5.59
CA ASN A 236 5.25 5.48 -5.65
C ASN A 236 4.96 4.43 -4.60
N ASP A 237 5.28 4.75 -3.34
CA ASP A 237 5.01 3.91 -2.18
C ASP A 237 5.89 2.65 -2.26
N GLY A 238 7.15 2.84 -2.61
CA GLY A 238 8.12 1.76 -2.62
C GLY A 238 7.78 0.69 -3.65
N VAL A 239 7.26 1.10 -4.80
CA VAL A 239 6.94 0.13 -5.85
C VAL A 239 8.15 -0.10 -6.77
N SER A 240 8.79 0.97 -7.25
CA SER A 240 9.83 0.80 -8.26
C SER A 240 10.79 2.00 -8.24
N PHE A 241 11.74 2.00 -9.16
CA PHE A 241 12.47 3.21 -9.52
C PHE A 241 13.03 3.00 -10.91
N PRO A 242 13.59 4.01 -11.59
CA PRO A 242 13.93 3.87 -13.02
C PRO A 242 14.73 2.61 -13.35
N ILE A 243 15.79 2.37 -12.59
CA ILE A 243 16.69 1.24 -12.81
C ILE A 243 15.97 -0.11 -12.62
N GLN A 244 15.12 -0.20 -11.58
CA GLN A 244 14.43 -1.45 -11.31
C GLN A 244 13.57 -1.85 -12.49
N SER A 245 12.96 -0.86 -13.16
CA SER A 245 12.07 -1.11 -14.28
C SER A 245 12.85 -1.16 -15.59
N GLY A 246 14.19 -1.10 -15.51
CA GLY A 246 15.05 -1.49 -16.64
C GLY A 246 15.66 -0.33 -17.42
N HIS A 247 15.45 0.93 -17.00
CA HIS A 247 16.05 2.06 -17.69
C HIS A 247 17.15 2.64 -16.81
N GLY A 248 18.33 2.95 -17.36
CA GLY A 248 19.33 3.64 -16.55
C GLY A 248 18.80 4.95 -16.00
N CYS A 249 19.36 5.35 -14.86
CA CYS A 249 19.18 6.68 -14.35
C CYS A 249 19.58 7.69 -15.45
N LEU A 250 18.75 8.73 -15.62
CA LEU A 250 19.01 9.83 -16.54
C LEU A 250 19.91 10.88 -15.90
N GLY A 251 20.01 10.82 -14.58
CA GLY A 251 20.74 11.83 -13.79
C GLY A 251 19.85 13.01 -13.36
N CYS A 252 18.53 12.78 -13.22
CA CYS A 252 17.56 13.86 -13.26
C CYS A 252 17.54 14.78 -12.04
N ALA A 253 18.23 14.38 -10.97
CA ALA A 253 18.39 15.24 -9.81
C ALA A 253 19.59 16.18 -9.91
N GLU A 254 20.44 16.02 -10.94
CA GLU A 254 21.68 16.76 -11.01
C GLU A 254 21.58 17.99 -11.93
N ASN A 255 22.24 19.05 -11.48
CA ASN A 255 22.36 20.28 -12.26
C ASN A 255 22.86 19.98 -13.67
N GLY A 256 22.08 20.42 -14.68
CA GLY A 256 22.57 20.35 -16.05
C GLY A 256 22.46 18.96 -16.68
N PHE A 257 21.66 18.06 -16.09
CA PHE A 257 21.69 16.67 -16.52
C PHE A 257 21.30 16.50 -17.97
N TRP A 258 20.43 17.37 -18.50
CA TRP A 258 19.95 17.28 -19.88
C TRP A 258 21.09 17.44 -20.88
N ASP A 259 22.14 18.17 -20.47
CA ASP A 259 23.22 18.54 -21.37
C ASP A 259 24.52 17.81 -21.03
N ARG A 260 24.40 16.69 -20.31
CA ARG A 260 25.56 15.86 -20.00
C ARG A 260 25.66 14.71 -20.98
N GLY A 261 25.30 14.92 -22.24
CA GLY A 261 25.39 13.90 -23.27
C GLY A 261 24.14 13.02 -23.34
N SER A 262 24.11 12.14 -24.35
CA SER A 262 23.01 11.23 -24.58
C SER A 262 22.79 10.44 -23.30
N PHE A 263 21.52 10.17 -22.99
CA PHE A 263 21.24 9.31 -21.87
C PHE A 263 21.76 7.89 -22.06
N TYR A 264 22.07 7.50 -23.30
CA TYR A 264 22.53 6.15 -23.60
C TYR A 264 24.05 6.09 -23.78
N SER A 265 24.75 7.19 -23.57
CA SER A 265 26.21 7.26 -23.72
C SER A 265 26.87 7.35 -22.35
N ARG A 266 28.18 7.05 -22.25
CA ARG A 266 28.95 7.38 -21.05
C ARG A 266 29.39 8.86 -21.01
N SER B 2 -14.16 50.46 -30.51
CA SER B 2 -14.72 49.09 -30.41
C SER B 2 -15.28 48.66 -31.77
N THR B 3 -15.04 47.39 -32.11
CA THR B 3 -15.37 46.88 -33.42
C THR B 3 -16.22 45.64 -33.25
N GLN B 4 -16.86 45.26 -34.34
CA GLN B 4 -17.63 44.05 -34.39
C GLN B 4 -17.34 43.38 -35.73
N TYR B 5 -17.26 42.04 -35.72
CA TYR B 5 -17.21 41.26 -36.93
C TYR B 5 -17.90 39.93 -36.67
N GLU B 6 -18.21 39.22 -37.75
CA GLU B 6 -18.91 37.95 -37.70
C GLU B 6 -17.98 36.82 -38.09
N THR B 7 -18.01 35.71 -37.34
CA THR B 7 -17.26 34.50 -37.70
C THR B 7 -17.95 33.30 -37.07
N GLN B 8 -18.07 32.22 -37.83
CA GLN B 8 -18.60 30.93 -37.39
C GLN B 8 -19.96 31.06 -36.70
N GLY B 9 -20.78 32.04 -37.10
CA GLY B 9 -22.11 32.22 -36.55
C GLY B 9 -22.12 33.15 -35.36
N TYR B 10 -20.95 33.65 -34.97
CA TYR B 10 -20.83 34.48 -33.78
C TYR B 10 -20.66 35.94 -34.18
N THR B 11 -21.13 36.85 -33.30
CA THR B 11 -20.85 38.26 -33.44
C THR B 11 -19.81 38.63 -32.38
N ILE B 12 -18.56 38.82 -32.85
CA ILE B 12 -17.48 39.20 -31.95
C ILE B 12 -17.53 40.71 -31.79
N ASN B 13 -17.71 41.17 -30.55
CA ASN B 13 -18.02 42.56 -30.25
C ASN B 13 -17.29 42.99 -28.97
N ASN B 14 -16.31 43.91 -29.08
CA ASN B 14 -15.52 44.30 -27.92
C ASN B 14 -15.98 45.61 -27.30
N ALA B 15 -17.23 46.00 -27.57
CA ALA B 15 -17.88 47.02 -26.79
C ALA B 15 -18.17 46.48 -25.39
N GLY B 16 -18.41 47.40 -24.45
CA GLY B 16 -18.88 47.03 -23.13
C GLY B 16 -17.73 46.72 -22.18
N ARG B 17 -18.11 46.38 -20.95
CA ARG B 17 -17.19 46.14 -19.86
CA ARG B 17 -17.17 46.17 -19.86
C ARG B 17 -16.23 45.01 -20.22
N ARG B 18 -14.94 45.23 -19.91
CA ARG B 18 -13.90 44.21 -20.09
C ARG B 18 -13.60 43.58 -18.72
N LEU B 19 -13.55 42.25 -18.69
CA LEU B 19 -13.25 41.50 -17.48
C LEU B 19 -11.99 40.70 -17.76
N VAL B 20 -11.10 40.69 -16.76
CA VAL B 20 -9.87 39.90 -16.86
C VAL B 20 -9.81 38.84 -15.78
N VAL B 21 -9.48 37.60 -16.18
CA VAL B 21 -9.23 36.53 -15.22
C VAL B 21 -7.79 36.06 -15.46
N ASP B 22 -6.92 36.48 -14.56
CA ASP B 22 -5.51 36.14 -14.68
C ASP B 22 -4.95 36.12 -13.28
N PRO B 23 -4.63 34.94 -12.67
CA PRO B 23 -4.55 33.64 -13.35
C PRO B 23 -5.87 32.87 -13.43
N ILE B 24 -5.99 32.07 -14.50
CA ILE B 24 -6.90 30.95 -14.44
C ILE B 24 -6.27 29.91 -13.52
N THR B 25 -7.00 29.50 -12.49
CA THR B 25 -6.55 28.49 -11.53
C THR B 25 -7.27 27.18 -11.84
N ARG B 26 -6.80 26.11 -11.17
CA ARG B 26 -7.35 24.76 -11.34
C ARG B 26 -7.26 24.33 -12.80
N ILE B 27 -6.11 24.70 -13.37
CA ILE B 27 -5.63 24.17 -14.64
C ILE B 27 -4.17 23.79 -14.44
N GLU B 28 -3.59 23.10 -15.44
CA GLU B 28 -2.15 23.02 -15.50
C GLU B 28 -1.61 24.32 -16.12
N GLY B 29 -0.59 24.89 -15.46
CA GLY B 29 0.17 25.98 -16.07
C GLY B 29 -0.55 27.33 -16.08
N HIS B 30 -0.18 28.18 -17.06
CA HIS B 30 -0.44 29.61 -17.02
C HIS B 30 -1.40 30.00 -18.15
N MET B 31 -2.57 30.52 -17.79
CA MET B 31 -3.55 31.06 -18.71
C MET B 31 -4.12 32.37 -18.17
N ARG B 32 -4.40 33.26 -19.11
CA ARG B 32 -5.19 34.46 -18.88
C ARG B 32 -6.38 34.45 -19.83
N CYS B 33 -7.51 34.93 -19.34
CA CYS B 33 -8.69 35.01 -20.18
C CYS B 33 -9.26 36.42 -19.98
N GLU B 34 -9.71 37.01 -21.08
CA GLU B 34 -10.44 38.27 -21.02
C GLU B 34 -11.73 38.10 -21.82
N VAL B 35 -12.77 38.82 -21.36
CA VAL B 35 -14.01 38.89 -22.09
C VAL B 35 -14.53 40.33 -22.09
N ASN B 36 -15.44 40.60 -23.04
CA ASN B 36 -16.34 41.75 -22.94
C ASN B 36 -17.76 41.22 -22.74
N ILE B 37 -18.49 41.92 -21.87
CA ILE B 37 -19.89 41.63 -21.61
C ILE B 37 -20.72 42.84 -22.02
N ASN B 38 -21.95 42.54 -22.47
CA ASN B 38 -22.91 43.59 -22.86
C ASN B 38 -23.75 44.02 -21.66
N ASP B 39 -24.81 44.81 -21.94
CA ASP B 39 -25.61 45.37 -20.86
C ASP B 39 -26.49 44.33 -20.17
N GLN B 40 -26.58 43.13 -20.73
CA GLN B 40 -27.31 42.03 -20.11
C GLN B 40 -26.31 41.05 -19.47
N ASN B 41 -25.06 41.48 -19.22
CA ASN B 41 -24.02 40.64 -18.63
C ASN B 41 -23.79 39.37 -19.44
N VAL B 42 -23.87 39.46 -20.76
CA VAL B 42 -23.64 38.33 -21.64
C VAL B 42 -22.33 38.55 -22.40
N ILE B 43 -21.52 37.48 -22.49
CA ILE B 43 -20.22 37.61 -23.13
C ILE B 43 -20.43 37.85 -24.63
N THR B 44 -19.82 38.91 -25.17
CA THR B 44 -19.83 39.19 -26.61
C THR B 44 -18.42 39.11 -27.24
N ASN B 45 -17.40 38.83 -26.42
CA ASN B 45 -16.02 38.74 -26.89
C ASN B 45 -15.28 37.88 -25.88
N ALA B 46 -14.45 36.96 -26.38
CA ALA B 46 -13.69 36.09 -25.48
C ALA B 46 -12.27 35.99 -26.06
N VAL B 47 -11.26 36.07 -25.15
CA VAL B 47 -9.85 36.12 -25.49
C VAL B 47 -9.12 35.07 -24.67
N SER B 48 -8.52 34.08 -25.36
CA SER B 48 -7.78 33.00 -24.73
C SER B 48 -6.29 33.32 -24.86
N CYS B 49 -5.55 33.36 -23.74
CA CYS B 49 -4.13 33.71 -23.76
C CYS B 49 -3.30 32.70 -22.96
N GLY B 50 -2.35 32.04 -23.64
CA GLY B 50 -1.36 31.24 -22.95
C GLY B 50 -0.23 32.14 -22.47
N THR B 51 0.01 32.12 -21.15
CA THR B 51 0.90 33.07 -20.51
C THR B 51 2.23 32.42 -20.13
N MET B 52 2.67 31.40 -20.85
CA MET B 52 3.98 30.79 -20.61
C MET B 52 4.50 30.24 -21.93
N PHE B 53 5.84 30.10 -22.00
CA PHE B 53 6.54 29.42 -23.07
C PHE B 53 7.89 28.94 -22.55
N ARG B 54 8.33 27.77 -23.04
CA ARG B 54 9.60 27.20 -22.68
C ARG B 54 10.48 26.91 -23.88
N GLY B 55 9.90 26.42 -24.98
CA GLY B 55 10.67 26.25 -26.21
C GLY B 55 11.24 24.85 -26.44
N LEU B 56 10.49 23.80 -26.09
CA LEU B 56 10.98 22.44 -26.26
C LEU B 56 11.34 22.17 -27.72
N GLU B 57 10.62 22.76 -28.66
CA GLU B 57 10.90 22.49 -30.08
C GLU B 57 12.29 22.99 -30.50
N ILE B 58 12.78 24.01 -29.81
CA ILE B 58 14.10 24.59 -30.04
C ILE B 58 15.14 23.71 -29.34
N ILE B 59 14.85 23.34 -28.09
CA ILE B 59 15.72 22.54 -27.22
C ILE B 59 16.01 21.17 -27.84
N LEU B 60 15.04 20.62 -28.58
CA LEU B 60 15.11 19.29 -29.15
C LEU B 60 16.08 19.24 -30.34
N GLN B 61 16.33 20.39 -30.98
CA GLN B 61 17.28 20.42 -32.10
C GLN B 61 18.65 19.90 -31.66
N GLY B 62 19.21 18.99 -32.46
CA GLY B 62 20.54 18.49 -32.15
C GLY B 62 20.60 17.33 -31.16
N ARG B 63 19.46 16.93 -30.60
CA ARG B 63 19.45 15.78 -29.70
C ARG B 63 19.46 14.47 -30.47
N ASP B 64 19.92 13.41 -29.80
CA ASP B 64 19.81 12.06 -30.33
C ASP B 64 18.33 11.69 -30.36
N PRO B 65 17.79 11.19 -31.48
CA PRO B 65 16.39 10.77 -31.55
C PRO B 65 15.98 9.82 -30.42
N ARG B 66 16.90 8.97 -29.95
CA ARG B 66 16.61 8.00 -28.91
C ARG B 66 16.31 8.71 -27.59
N ASP B 67 16.90 9.91 -27.38
CA ASP B 67 16.76 10.68 -26.17
C ASP B 67 15.52 11.56 -26.18
N ALA B 68 14.89 11.75 -27.34
CA ALA B 68 13.90 12.80 -27.51
C ALA B 68 12.72 12.63 -26.54
N TRP B 69 12.30 11.37 -26.33
CA TRP B 69 11.11 11.09 -25.53
C TRP B 69 11.26 11.68 -24.13
N ALA B 70 12.48 11.64 -23.57
CA ALA B 70 12.72 12.06 -22.19
C ALA B 70 12.56 13.58 -22.06
N PHE B 71 13.04 14.32 -23.07
CA PHE B 71 12.87 15.77 -23.10
C PHE B 71 11.40 16.15 -23.27
N VAL B 72 10.76 15.59 -24.30
CA VAL B 72 9.40 16.02 -24.59
C VAL B 72 8.40 15.50 -23.56
N GLU B 73 8.70 14.43 -22.82
CA GLU B 73 7.87 14.04 -21.70
C GLU B 73 7.64 15.22 -20.76
N ARG B 74 8.68 16.04 -20.56
CA ARG B 74 8.62 17.19 -19.68
C ARG B 74 7.84 18.37 -20.28
N ILE B 75 7.20 18.21 -21.44
CA ILE B 75 6.20 19.18 -21.87
C ILE B 75 5.14 19.26 -20.79
N CYS B 76 4.87 18.14 -20.09
CA CYS B 76 3.76 18.17 -19.15
C CYS B 76 3.81 17.02 -18.15
N GLY B 77 3.66 17.37 -16.86
CA GLY B 77 3.68 16.40 -15.78
C GLY B 77 2.27 15.95 -15.38
N VAL B 78 1.25 16.61 -15.93
CA VAL B 78 -0.16 16.22 -15.72
C VAL B 78 -0.49 15.12 -16.72
N CYS B 79 -0.33 15.39 -18.02
CA CYS B 79 -0.45 14.34 -19.01
C CYS B 79 0.90 13.66 -19.16
N THR B 80 1.47 13.24 -18.01
CA THR B 80 2.79 12.64 -18.03
C THR B 80 2.77 11.30 -18.75
N GLY B 81 3.72 11.14 -19.65
CA GLY B 81 3.83 9.93 -20.46
C GLY B 81 3.36 10.12 -21.89
N VAL B 82 2.33 10.94 -22.12
CA VAL B 82 1.70 10.92 -23.45
C VAL B 82 2.67 11.49 -24.49
N HIS B 83 3.46 12.48 -24.10
CA HIS B 83 4.45 13.03 -25.03
C HIS B 83 5.59 12.05 -25.29
N ALA B 84 5.96 11.22 -24.29
CA ALA B 84 6.96 10.18 -24.53
C ALA B 84 6.44 9.17 -25.55
N LEU B 85 5.18 8.80 -25.40
CA LEU B 85 4.57 7.85 -26.31
C LEU B 85 4.57 8.42 -27.72
N ALA B 86 4.11 9.66 -27.88
CA ALA B 86 4.11 10.28 -29.20
C ALA B 86 5.52 10.36 -29.80
N SER B 87 6.53 10.60 -28.95
CA SER B 87 7.92 10.72 -29.39
C SER B 87 8.45 9.39 -29.92
N VAL B 88 8.30 8.31 -29.15
CA VAL B 88 8.81 7.04 -29.60
C VAL B 88 8.02 6.62 -30.85
N TYR B 89 6.72 6.88 -30.90
CA TYR B 89 5.99 6.67 -32.16
C TYR B 89 6.59 7.45 -33.34
N ALA B 90 6.92 8.73 -33.15
CA ALA B 90 7.42 9.57 -34.23
C ALA B 90 8.77 9.06 -34.70
N ILE B 91 9.65 8.77 -33.75
CA ILE B 91 10.99 8.33 -34.09
C ILE B 91 10.95 6.96 -34.78
N GLU B 92 10.08 6.07 -34.30
CA GLU B 92 9.93 4.75 -34.91
C GLU B 92 9.37 4.90 -36.33
N ASP B 93 8.46 5.85 -36.50
CA ASP B 93 7.86 6.08 -37.81
C ASP B 93 8.92 6.59 -38.79
N ALA B 94 9.78 7.51 -38.31
CA ALA B 94 10.82 8.09 -39.15
C ALA B 94 11.79 7.01 -39.59
N ILE B 95 12.25 6.17 -38.63
CA ILE B 95 13.37 5.29 -38.91
C ILE B 95 12.87 3.99 -39.56
N GLY B 96 11.66 3.58 -39.23
CA GLY B 96 11.08 2.35 -39.75
C GLY B 96 11.30 1.20 -38.76
N ILE B 97 10.91 1.43 -37.50
CA ILE B 97 11.06 0.48 -36.41
C ILE B 97 9.70 -0.12 -36.09
N LYS B 98 9.64 -1.45 -35.97
CA LYS B 98 8.45 -2.14 -35.52
C LYS B 98 8.75 -2.75 -34.16
N VAL B 99 7.88 -2.49 -33.18
CA VAL B 99 8.12 -2.98 -31.85
C VAL B 99 7.40 -4.31 -31.63
N PRO B 100 7.88 -5.13 -30.66
CA PRO B 100 7.16 -6.36 -30.30
C PRO B 100 5.78 -6.12 -29.70
N ASP B 101 4.91 -7.12 -29.84
CA ASP B 101 3.54 -7.00 -29.38
C ASP B 101 3.50 -6.56 -27.92
N ASN B 102 4.31 -7.16 -27.05
CA ASN B 102 4.20 -6.84 -25.63
C ASN B 102 4.54 -5.37 -25.37
N ALA B 103 5.48 -4.82 -26.14
CA ALA B 103 5.80 -3.41 -26.02
C ALA B 103 4.60 -2.54 -26.36
N ASN B 104 3.90 -2.90 -27.44
CA ASN B 104 2.72 -2.16 -27.84
C ASN B 104 1.64 -2.25 -26.77
N ILE B 105 1.41 -3.47 -26.24
CA ILE B 105 0.36 -3.67 -25.23
C ILE B 105 0.68 -2.85 -23.97
N ILE B 106 1.94 -2.89 -23.54
CA ILE B 106 2.37 -2.15 -22.36
C ILE B 106 2.21 -0.65 -22.62
N ARG B 107 2.59 -0.16 -23.80
CA ARG B 107 2.34 1.24 -24.14
C ARG B 107 0.86 1.62 -24.00
N ASN B 108 -0.04 0.77 -24.53
CA ASN B 108 -1.47 0.95 -24.39
C ASN B 108 -1.89 0.97 -22.91
N ILE B 109 -1.27 0.11 -22.11
CA ILE B 109 -1.56 0.12 -20.68
C ILE B 109 -1.11 1.46 -20.10
N MET B 110 0.08 1.93 -20.48
CA MET B 110 0.58 3.21 -19.96
C MET B 110 -0.40 4.34 -20.31
N LEU B 111 -0.93 4.33 -21.54
CA LEU B 111 -1.84 5.39 -21.99
C LEU B 111 -3.20 5.30 -21.27
N ALA B 112 -3.75 4.07 -21.17
CA ALA B 112 -5.01 3.85 -20.49
C ALA B 112 -4.91 4.24 -19.01
N THR B 113 -3.77 3.94 -18.37
CA THR B 113 -3.53 4.28 -16.99
C THR B 113 -3.60 5.80 -16.84
N LEU B 114 -2.91 6.50 -17.73
CA LEU B 114 -2.89 7.96 -17.76
C LEU B 114 -4.31 8.49 -17.93
N TRP B 115 -5.08 7.96 -18.90
CA TRP B 115 -6.45 8.40 -19.07
C TRP B 115 -7.25 8.29 -17.76
N CYS B 116 -7.18 7.13 -17.10
CA CYS B 116 -7.89 6.93 -15.84
C CYS B 116 -7.49 7.97 -14.79
N HIS B 117 -6.17 8.07 -14.58
CA HIS B 117 -5.62 8.93 -13.55
C HIS B 117 -5.97 10.38 -13.83
N ASP B 118 -5.65 10.81 -15.03
CA ASP B 118 -5.79 12.21 -15.41
C ASP B 118 -7.26 12.63 -15.31
N HIS B 119 -8.13 11.86 -15.95
CA HIS B 119 -9.55 12.20 -15.91
C HIS B 119 -10.11 12.22 -14.49
N LEU B 120 -9.74 11.27 -13.64
CA LEU B 120 -10.19 11.27 -12.26
C LEU B 120 -9.79 12.54 -11.51
N VAL B 121 -8.50 12.88 -11.55
CA VAL B 121 -7.99 14.05 -10.84
C VAL B 121 -8.66 15.31 -11.40
N HIS B 122 -8.86 15.37 -12.71
CA HIS B 122 -9.49 16.54 -13.30
C HIS B 122 -10.89 16.71 -12.72
N PHE B 123 -11.69 15.63 -12.73
CA PHE B 123 -13.08 15.72 -12.29
C PHE B 123 -13.16 16.29 -10.87
N TYR B 124 -12.30 15.79 -9.96
CA TYR B 124 -12.42 16.14 -8.56
C TYR B 124 -11.59 17.38 -8.23
N GLN B 125 -10.29 17.32 -8.42
CA GLN B 125 -9.38 18.37 -7.96
C GLN B 125 -9.39 19.63 -8.82
N LEU B 126 -9.66 19.52 -10.12
CA LEU B 126 -9.62 20.67 -11.01
C LEU B 126 -11.01 21.25 -11.28
N ALA B 127 -11.95 20.46 -11.83
CA ALA B 127 -13.26 21.00 -12.18
C ALA B 127 -14.25 20.97 -11.00
N GLY B 128 -14.05 20.06 -10.05
CA GLY B 128 -15.07 19.72 -9.06
C GLY B 128 -15.66 20.91 -8.30
N MET B 129 -14.79 21.79 -7.82
CA MET B 129 -15.22 22.93 -7.03
C MET B 129 -15.99 23.99 -7.83
N ASP B 130 -16.11 23.83 -9.14
CA ASP B 130 -16.99 24.68 -9.93
C ASP B 130 -18.47 24.26 -9.76
N TRP B 131 -18.69 23.03 -9.26
CA TRP B 131 -20.00 22.38 -9.25
C TRP B 131 -20.45 22.03 -7.83
N ILE B 132 -19.47 21.72 -6.98
CA ILE B 132 -19.65 21.41 -5.56
C ILE B 132 -19.33 22.63 -4.73
N ASP B 133 -20.35 23.10 -3.95
CA ASP B 133 -20.15 24.18 -3.00
C ASP B 133 -19.63 23.55 -1.71
N VAL B 134 -18.30 23.58 -1.53
CA VAL B 134 -17.68 22.84 -0.46
C VAL B 134 -18.15 23.40 0.88
N LEU B 135 -18.22 24.73 0.98
CA LEU B 135 -18.57 25.35 2.26
C LEU B 135 -20.02 25.06 2.64
N ASP B 136 -20.89 24.89 1.64
CA ASP B 136 -22.28 24.55 1.87
C ASP B 136 -22.43 23.16 2.48
N ALA B 137 -21.43 22.26 2.31
CA ALA B 137 -21.46 20.96 2.95
C ALA B 137 -21.59 21.05 4.47
N LEU B 138 -21.12 22.15 5.08
CA LEU B 138 -21.26 22.33 6.53
C LEU B 138 -22.74 22.36 6.95
N LYS B 139 -23.67 22.58 6.03
CA LYS B 139 -25.10 22.65 6.38
C LYS B 139 -25.80 21.31 6.17
N ALA B 140 -25.10 20.28 5.66
CA ALA B 140 -25.74 19.03 5.28
C ALA B 140 -26.16 18.19 6.49
N ASP B 141 -27.17 17.34 6.28
CA ASP B 141 -27.56 16.32 7.23
C ASP B 141 -26.78 15.04 6.91
N PRO B 142 -25.91 14.51 7.83
CA PRO B 142 -25.21 13.25 7.55
C PRO B 142 -26.09 12.08 7.13
N ARG B 143 -27.22 11.86 7.81
CA ARG B 143 -28.12 10.78 7.36
C ARG B 143 -28.68 10.98 5.96
N LYS B 144 -29.14 12.19 5.63
CA LYS B 144 -29.67 12.45 4.31
C LYS B 144 -28.56 12.30 3.24
N THR B 145 -27.30 12.62 3.62
CA THR B 145 -26.16 12.42 2.72
C THR B 145 -25.96 10.94 2.47
N SER B 146 -26.04 10.12 3.54
CA SER B 146 -25.93 8.67 3.38
C SER B 146 -27.02 8.14 2.45
N GLU B 147 -28.25 8.62 2.66
CA GLU B 147 -29.37 8.16 1.84
C GLU B 147 -29.18 8.52 0.37
N LEU B 148 -28.70 9.73 0.10
CA LEU B 148 -28.43 10.14 -1.27
C LEU B 148 -27.39 9.21 -1.87
N ALA B 149 -26.24 9.08 -1.19
CA ALA B 149 -25.17 8.28 -1.75
C ALA B 149 -25.62 6.85 -2.07
N GLN B 150 -26.36 6.25 -1.12
CA GLN B 150 -26.82 4.89 -1.27
C GLN B 150 -27.87 4.77 -2.37
N SER B 151 -28.62 5.83 -2.66
CA SER B 151 -29.53 5.83 -3.78
C SER B 151 -28.78 5.84 -5.11
N LEU B 152 -27.53 6.35 -5.14
CA LEU B 152 -26.82 6.56 -6.41
C LEU B 152 -25.79 5.47 -6.71
N SER B 153 -25.33 4.75 -5.69
CA SER B 153 -24.18 3.87 -5.87
C SER B 153 -24.16 2.73 -4.87
N SER B 154 -23.52 1.64 -5.29
CA SER B 154 -23.17 0.52 -4.42
C SER B 154 -21.89 0.78 -3.64
N TRP B 155 -21.19 1.88 -3.95
CA TRP B 155 -19.93 2.18 -3.28
C TRP B 155 -20.04 1.93 -1.78
N PRO B 156 -19.08 1.23 -1.14
CA PRO B 156 -19.26 0.91 0.27
C PRO B 156 -19.33 2.07 1.25
N LYS B 157 -18.54 3.13 0.99
CA LYS B 157 -18.29 4.17 1.99
C LYS B 157 -19.40 5.21 1.97
N SER B 158 -20.46 4.93 2.75
CA SER B 158 -21.70 5.67 2.68
C SER B 158 -22.36 5.89 4.04
N SER B 159 -21.71 5.49 5.15
CA SER B 159 -22.38 5.48 6.44
C SER B 159 -22.67 6.91 6.87
N PRO B 160 -23.76 7.14 7.65
CA PRO B 160 -23.99 8.44 8.24
C PRO B 160 -22.80 8.93 9.04
N GLY B 161 -22.21 8.02 9.84
CA GLY B 161 -21.06 8.37 10.66
C GLY B 161 -19.87 8.84 9.83
N TYR B 162 -19.63 8.17 8.72
CA TYR B 162 -18.60 8.59 7.79
C TYR B 162 -18.85 10.01 7.29
N PHE B 163 -20.04 10.30 6.79
CA PHE B 163 -20.30 11.66 6.34
C PHE B 163 -20.23 12.65 7.48
N PHE B 164 -20.66 12.26 8.69
CA PHE B 164 -20.49 13.14 9.84
C PHE B 164 -19.01 13.43 10.08
N ASP B 165 -18.15 12.39 9.99
CA ASP B 165 -16.74 12.56 10.27
C ASP B 165 -16.13 13.51 9.23
N VAL B 166 -16.51 13.32 7.95
CA VAL B 166 -16.01 14.19 6.88
C VAL B 166 -16.44 15.63 7.17
N GLN B 167 -17.74 15.81 7.47
CA GLN B 167 -18.25 17.14 7.73
C GLN B 167 -17.52 17.77 8.91
N ASN B 168 -17.33 16.96 9.97
CA ASN B 168 -16.73 17.48 11.19
C ASN B 168 -15.28 17.91 10.94
N ARG B 169 -14.58 17.14 10.10
CA ARG B 169 -13.21 17.51 9.74
C ARG B 169 -13.16 18.84 8.99
N LEU B 170 -14.13 19.05 8.09
CA LEU B 170 -14.22 20.27 7.33
C LEU B 170 -14.53 21.43 8.28
N LYS B 171 -15.47 21.19 9.20
CA LYS B 171 -15.83 22.18 10.21
C LYS B 171 -14.65 22.66 11.05
N LYS B 172 -13.89 21.70 11.60
CA LYS B 172 -12.72 22.02 12.40
C LYS B 172 -11.64 22.70 11.56
N PHE B 173 -11.56 22.34 10.27
CA PHE B 173 -10.60 22.97 9.35
C PHE B 173 -10.95 24.45 9.18
N VAL B 174 -12.22 24.76 8.95
CA VAL B 174 -12.70 26.13 8.82
C VAL B 174 -12.54 26.91 10.13
N GLU B 175 -12.84 26.25 11.24
CA GLU B 175 -12.77 26.88 12.55
C GLU B 175 -11.40 27.47 12.81
N GLY B 176 -10.39 26.87 12.22
CA GLY B 176 -9.01 27.30 12.38
C GLY B 176 -8.72 28.69 11.81
N GLY B 177 -9.63 29.23 10.98
N GLY B 177 -9.63 29.23 10.98
N GLY B 177 -9.64 29.22 10.99
CA GLY B 177 -9.46 30.54 10.38
CA GLY B 177 -9.46 30.55 10.39
CA GLY B 177 -9.48 30.53 10.37
C GLY B 177 -8.40 30.54 9.28
C GLY B 177 -8.40 30.54 9.28
C GLY B 177 -8.42 30.55 9.27
N GLN B 178 -8.14 29.35 8.71
CA GLN B 178 -7.17 29.17 7.62
C GLN B 178 -7.82 28.27 6.55
N LEU B 179 -8.55 28.90 5.63
CA LEU B 179 -9.38 28.15 4.70
C LEU B 179 -8.54 27.53 3.57
N GLY B 180 -7.26 27.88 3.47
CA GLY B 180 -6.38 27.19 2.51
C GLY B 180 -6.86 27.31 1.07
N ILE B 181 -6.94 26.17 0.35
CA ILE B 181 -7.34 26.16 -1.06
C ILE B 181 -8.80 26.57 -1.23
N PHE B 182 -9.58 26.69 -0.14
CA PHE B 182 -10.98 27.08 -0.24
C PHE B 182 -11.16 28.58 -0.05
N ARG B 183 -10.11 29.32 0.35
CA ARG B 183 -10.22 30.74 0.67
C ARG B 183 -10.70 31.54 -0.54
N ASN B 184 -11.72 32.40 -0.35
CA ASN B 184 -12.10 33.38 -1.33
C ASN B 184 -12.58 32.72 -2.61
N GLY B 185 -13.15 31.52 -2.48
CA GLY B 185 -13.85 30.89 -3.60
C GLY B 185 -15.21 31.56 -3.85
N TYR B 186 -16.02 30.88 -4.65
CA TYR B 186 -17.25 31.46 -5.18
C TYR B 186 -18.46 30.93 -4.40
N TRP B 187 -18.21 30.28 -3.26
CA TRP B 187 -19.24 29.67 -2.41
C TRP B 187 -20.42 30.64 -2.25
N GLY B 188 -21.59 30.06 -2.46
CA GLY B 188 -22.87 30.75 -2.32
C GLY B 188 -23.35 31.36 -3.64
N HIS B 189 -22.50 31.37 -4.68
CA HIS B 189 -22.89 31.90 -5.98
C HIS B 189 -24.20 31.24 -6.42
N PRO B 190 -25.18 31.97 -7.00
CA PRO B 190 -26.44 31.33 -7.36
C PRO B 190 -26.37 30.17 -8.34
N GLN B 191 -25.26 30.03 -9.08
CA GLN B 191 -25.15 28.94 -10.02
C GLN B 191 -24.77 27.60 -9.35
N TYR B 192 -24.40 27.62 -8.07
CA TYR B 192 -24.28 26.40 -7.28
C TYR B 192 -25.68 25.89 -6.93
N LYS B 193 -26.03 24.74 -7.53
CA LYS B 193 -27.38 24.20 -7.48
C LYS B 193 -27.51 22.95 -6.60
N LEU B 194 -26.40 22.35 -6.15
CA LEU B 194 -26.52 21.15 -5.35
C LEU B 194 -27.18 21.45 -4.01
N PRO B 195 -27.99 20.51 -3.49
CA PRO B 195 -28.44 20.59 -2.11
C PRO B 195 -27.28 20.23 -1.17
N PRO B 196 -27.33 20.63 0.11
CA PRO B 196 -26.18 20.45 1.00
C PRO B 196 -25.65 19.01 1.06
N GLU B 197 -26.57 18.03 0.98
CA GLU B 197 -26.21 16.63 1.09
CA GLU B 197 -26.20 16.63 1.10
C GLU B 197 -25.35 16.22 -0.11
N ALA B 198 -25.69 16.73 -1.30
CA ALA B 198 -24.92 16.42 -2.49
C ALA B 198 -23.54 17.12 -2.41
N ASN B 199 -23.46 18.31 -1.82
CA ASN B 199 -22.19 18.97 -1.58
C ASN B 199 -21.31 18.18 -0.60
N LEU B 200 -21.89 17.65 0.48
CA LEU B 200 -21.11 16.85 1.40
C LEU B 200 -20.64 15.54 0.75
N MET B 201 -21.51 14.89 -0.02
CA MET B 201 -21.15 13.68 -0.73
C MET B 201 -20.02 13.99 -1.70
N GLY B 202 -20.14 15.10 -2.42
CA GLY B 202 -19.13 15.49 -3.39
C GLY B 202 -17.78 15.75 -2.74
N PHE B 203 -17.80 16.46 -1.61
CA PHE B 203 -16.58 16.80 -0.92
C PHE B 203 -15.92 15.54 -0.38
N ALA B 204 -16.68 14.64 0.22
CA ALA B 204 -16.13 13.40 0.69
C ALA B 204 -15.41 12.68 -0.47
N HIS B 205 -16.05 12.65 -1.65
CA HIS B 205 -15.47 12.00 -2.82
C HIS B 205 -14.23 12.74 -3.32
N TYR B 206 -14.22 14.06 -3.23
CA TYR B 206 -13.02 14.83 -3.56
C TYR B 206 -11.84 14.29 -2.76
N LEU B 207 -12.06 14.08 -1.45
CA LEU B 207 -10.99 13.62 -0.57
C LEU B 207 -10.60 12.17 -0.93
N GLU B 208 -11.62 11.30 -1.18
CA GLU B 208 -11.36 9.93 -1.48
C GLU B 208 -10.58 9.84 -2.81
N ALA B 209 -10.91 10.71 -3.77
CA ALA B 209 -10.23 10.71 -5.05
C ALA B 209 -8.79 11.21 -4.88
N LEU B 210 -8.60 12.23 -4.05
CA LEU B 210 -7.24 12.75 -3.78
C LEU B 210 -6.37 11.61 -3.26
N ASP B 211 -6.91 10.80 -2.36
CA ASP B 211 -6.18 9.65 -1.88
C ASP B 211 -5.98 8.61 -2.98
N PHE B 212 -7.07 8.19 -3.63
CA PHE B 212 -6.99 7.00 -4.47
C PHE B 212 -6.14 7.22 -5.72
N GLN B 213 -6.08 8.43 -6.26
CA GLN B 213 -5.36 8.68 -7.50
C GLN B 213 -3.90 8.23 -7.42
N ARG B 214 -3.31 8.31 -6.23
CA ARG B 214 -1.93 7.91 -6.06
C ARG B 214 -1.73 6.43 -6.40
N GLU B 215 -2.76 5.59 -6.22
CA GLU B 215 -2.62 4.16 -6.47
C GLU B 215 -2.55 3.83 -7.98
N ILE B 216 -3.32 4.56 -8.79
CA ILE B 216 -3.49 4.23 -10.19
C ILE B 216 -2.14 4.21 -10.90
N VAL B 217 -1.28 5.18 -10.58
CA VAL B 217 0.00 5.34 -11.28
C VAL B 217 1.04 4.30 -10.87
N LYS B 218 0.75 3.43 -9.89
CA LYS B 218 1.62 2.33 -9.55
C LYS B 218 1.84 1.44 -10.79
N ILE B 219 0.86 1.44 -11.72
CA ILE B 219 1.05 0.73 -12.98
C ILE B 219 2.22 1.34 -13.78
N HIS B 220 2.26 2.68 -13.87
CA HIS B 220 3.38 3.36 -14.50
C HIS B 220 4.69 3.03 -13.79
N ALA B 221 4.66 2.91 -12.44
CA ALA B 221 5.87 2.61 -11.71
C ALA B 221 6.44 1.24 -12.06
N VAL B 222 5.56 0.23 -12.16
CA VAL B 222 6.03 -1.09 -12.51
C VAL B 222 6.64 -1.12 -13.93
N PHE B 223 5.90 -0.66 -14.95
CA PHE B 223 6.41 -0.75 -16.33
C PHE B 223 7.40 0.37 -16.70
N GLY B 224 7.30 1.54 -16.01
CA GLY B 224 8.00 2.73 -16.41
C GLY B 224 8.89 3.31 -15.33
N GLY B 225 9.07 2.62 -14.20
CA GLY B 225 10.03 3.04 -13.18
C GLY B 225 9.46 4.00 -12.13
N LYS B 226 8.64 4.96 -12.55
CA LYS B 226 8.22 6.04 -11.70
C LYS B 226 7.09 6.83 -12.36
N ASN B 227 6.33 7.52 -11.49
CA ASN B 227 5.35 8.49 -11.95
C ASN B 227 5.30 9.62 -10.94
N PRO B 228 5.34 10.90 -11.35
CA PRO B 228 5.41 11.35 -12.74
C PRO B 228 6.66 10.98 -13.55
N HIS B 229 6.47 11.04 -14.86
CA HIS B 229 7.55 10.96 -15.85
C HIS B 229 8.25 9.62 -15.86
N PRO B 230 7.51 8.58 -16.28
CA PRO B 230 8.10 7.27 -16.50
C PRO B 230 9.07 7.24 -17.67
N ASN B 231 9.75 6.12 -17.78
CA ASN B 231 10.74 5.88 -18.83
C ASN B 231 10.19 4.95 -19.90
N TRP B 232 10.80 5.07 -21.11
CA TRP B 232 10.37 4.48 -22.36
C TRP B 232 11.65 4.24 -23.18
N ILE B 233 11.53 3.49 -24.28
CA ILE B 233 12.63 3.45 -25.23
C ILE B 233 12.08 3.43 -26.66
N VAL B 234 12.88 3.99 -27.57
CA VAL B 234 12.72 3.71 -28.99
C VAL B 234 13.01 2.22 -29.21
N GLY B 235 12.03 1.52 -29.77
CA GLY B 235 12.14 0.10 -29.98
C GLY B 235 11.21 -0.71 -29.09
N GLY B 236 10.61 -0.10 -28.05
CA GLY B 236 9.59 -0.76 -27.25
C GLY B 236 9.48 -0.19 -25.84
N MET B 237 9.76 -1.03 -24.84
CA MET B 237 9.85 -0.60 -23.45
C MET B 237 11.05 -1.29 -22.80
N PRO B 238 11.67 -0.67 -21.77
CA PRO B 238 12.83 -1.26 -21.11
C PRO B 238 12.54 -2.25 -20.00
N CYS B 239 11.25 -2.44 -19.71
CA CYS B 239 10.80 -3.32 -18.64
C CYS B 239 10.77 -4.78 -19.12
N ALA B 240 11.98 -5.36 -19.27
CA ALA B 240 12.15 -6.75 -19.67
C ALA B 240 11.35 -7.66 -18.75
N ILE B 241 10.80 -8.75 -19.33
CA ILE B 241 9.97 -9.72 -18.65
C ILE B 241 10.72 -11.02 -18.43
N ASN B 242 10.54 -11.61 -17.25
CA ASN B 242 11.07 -12.92 -16.87
C ASN B 242 10.08 -13.49 -15.86
N ILE B 243 9.39 -14.56 -16.27
CA ILE B 243 8.37 -15.22 -15.47
C ILE B 243 8.95 -16.41 -14.72
N ASP B 244 9.77 -17.23 -15.39
CA ASP B 244 10.03 -18.58 -14.91
C ASP B 244 11.50 -18.97 -14.98
N GLU B 245 12.41 -18.00 -15.01
N GLU B 245 12.41 -18.00 -15.01
CA GLU B 245 13.83 -18.27 -15.13
CA GLU B 245 13.83 -18.28 -15.11
C GLU B 245 14.58 -17.59 -13.99
C GLU B 245 14.59 -17.59 -13.99
N SER B 246 15.81 -18.05 -13.77
CA SER B 246 16.70 -17.44 -12.79
C SER B 246 16.80 -15.94 -13.05
N GLY B 247 16.77 -15.14 -11.97
CA GLY B 247 16.89 -13.70 -12.12
C GLY B 247 15.54 -12.98 -12.35
N ALA B 248 14.40 -13.68 -12.25
CA ALA B 248 13.12 -13.02 -12.43
C ALA B 248 12.88 -11.91 -11.41
N VAL B 249 13.53 -12.01 -10.26
CA VAL B 249 13.58 -10.94 -9.27
C VAL B 249 14.10 -9.62 -9.85
N GLY B 250 14.85 -9.67 -10.95
CA GLY B 250 15.38 -8.47 -11.60
C GLY B 250 14.56 -7.97 -12.79
N ALA B 251 13.30 -8.41 -12.92
CA ALA B 251 12.52 -8.12 -14.10
C ALA B 251 11.04 -8.11 -13.78
N VAL B 252 10.24 -7.87 -14.82
CA VAL B 252 8.81 -7.95 -14.66
C VAL B 252 8.47 -9.42 -14.53
N ASN B 253 8.07 -9.80 -13.32
CA ASN B 253 7.80 -11.21 -12.98
C ASN B 253 6.37 -11.35 -12.49
N MET B 254 5.99 -12.55 -12.02
CA MET B 254 4.60 -12.79 -11.67
C MET B 254 4.14 -11.90 -10.52
N GLU B 255 5.05 -11.60 -9.60
CA GLU B 255 4.67 -10.76 -8.46
C GLU B 255 4.40 -9.35 -8.92
N ARG B 256 5.22 -8.85 -9.87
CA ARG B 256 5.04 -7.52 -10.43
CA ARG B 256 5.03 -7.52 -10.43
C ARG B 256 3.72 -7.44 -11.19
N LEU B 257 3.42 -8.48 -11.99
CA LEU B 257 2.17 -8.50 -12.74
C LEU B 257 0.96 -8.59 -11.80
N ASN B 258 1.11 -9.32 -10.69
CA ASN B 258 0.04 -9.42 -9.72
C ASN B 258 -0.26 -8.04 -9.14
N LEU B 259 0.79 -7.25 -8.87
CA LEU B 259 0.59 -5.90 -8.37
CA LEU B 259 0.61 -5.88 -8.38
C LEU B 259 -0.25 -5.11 -9.39
N VAL B 260 0.13 -5.18 -10.68
CA VAL B 260 -0.56 -4.45 -11.73
C VAL B 260 -2.02 -4.86 -11.77
N GLN B 261 -2.33 -6.15 -11.69
CA GLN B 261 -3.70 -6.61 -11.74
C GLN B 261 -4.52 -6.02 -10.57
N SER B 262 -3.94 -6.03 -9.38
CA SER B 262 -4.62 -5.50 -8.20
CA SER B 262 -4.58 -5.48 -8.18
C SER B 262 -4.98 -4.03 -8.39
N ILE B 263 -4.05 -3.24 -8.94
CA ILE B 263 -4.35 -1.83 -9.21
C ILE B 263 -5.44 -1.64 -10.27
N ILE B 264 -5.45 -2.46 -11.33
CA ILE B 264 -6.47 -2.32 -12.35
C ILE B 264 -7.84 -2.49 -11.73
N THR B 265 -8.02 -3.53 -10.91
CA THR B 265 -9.35 -3.83 -10.39
C THR B 265 -9.86 -2.67 -9.52
N ARG B 266 -8.98 -2.15 -8.66
CA ARG B 266 -9.36 -1.08 -7.76
C ARG B 266 -9.72 0.17 -8.56
N THR B 267 -8.98 0.42 -9.64
CA THR B 267 -9.12 1.62 -10.46
C THR B 267 -10.50 1.60 -11.14
N ALA B 268 -10.85 0.46 -11.74
CA ALA B 268 -12.18 0.33 -12.31
C ALA B 268 -13.27 0.53 -11.27
N ASP B 269 -13.10 -0.10 -10.11
CA ASP B 269 -14.07 -0.01 -9.03
C ASP B 269 -14.29 1.43 -8.58
N PHE B 270 -13.21 2.19 -8.39
CA PHE B 270 -13.33 3.59 -7.99
C PHE B 270 -14.05 4.42 -9.06
N ILE B 271 -13.61 4.32 -10.30
CA ILE B 271 -14.21 5.08 -11.38
C ILE B 271 -15.69 4.75 -11.53
N ASN B 272 -16.01 3.44 -11.55
CA ASN B 272 -17.37 2.99 -11.87
C ASN B 272 -18.33 3.34 -10.75
N ASN B 273 -17.88 3.37 -9.48
CA ASN B 273 -18.81 3.48 -8.34
C ASN B 273 -18.74 4.80 -7.59
N VAL B 274 -17.72 5.62 -7.89
CA VAL B 274 -17.64 6.94 -7.29
C VAL B 274 -17.77 8.03 -8.36
N MET B 275 -16.86 8.03 -9.35
CA MET B 275 -16.78 9.11 -10.33
CA MET B 275 -16.83 9.14 -10.28
C MET B 275 -18.03 9.11 -11.23
N ILE B 276 -18.40 7.94 -11.74
CA ILE B 276 -19.49 7.88 -12.70
C ILE B 276 -20.78 8.35 -12.04
N PRO B 277 -21.19 7.86 -10.86
CA PRO B 277 -22.42 8.37 -10.23
C PRO B 277 -22.33 9.85 -9.89
N ASP B 278 -21.15 10.33 -9.53
CA ASP B 278 -21.00 11.75 -9.26
C ASP B 278 -21.23 12.59 -10.53
N ALA B 279 -20.72 12.13 -11.65
CA ALA B 279 -20.87 12.89 -12.88
C ALA B 279 -22.33 12.91 -13.32
N LEU B 280 -23.02 11.79 -13.16
CA LEU B 280 -24.45 11.75 -13.47
C LEU B 280 -25.22 12.71 -12.52
N ALA B 281 -24.85 12.76 -11.24
CA ALA B 281 -25.55 13.60 -10.28
C ALA B 281 -25.31 15.09 -10.57
N ILE B 282 -24.07 15.45 -10.93
CA ILE B 282 -23.82 16.81 -11.37
C ILE B 282 -24.70 17.10 -12.59
N GLY B 283 -24.83 16.14 -13.52
CA GLY B 283 -25.74 16.33 -14.63
C GLY B 283 -27.18 16.63 -14.18
N GLN B 284 -27.68 15.82 -13.24
CA GLN B 284 -29.07 15.90 -12.83
C GLN B 284 -29.38 17.25 -12.18
N PHE B 285 -28.43 17.80 -11.42
CA PHE B 285 -28.68 19.04 -10.70
C PHE B 285 -28.34 20.30 -11.52
N ASN B 286 -27.71 20.12 -12.70
CA ASN B 286 -27.21 21.26 -13.50
C ASN B 286 -27.59 21.11 -14.98
N LYS B 287 -28.82 20.66 -15.22
CA LYS B 287 -29.25 20.38 -16.58
C LYS B 287 -29.16 21.61 -17.51
N PRO B 288 -29.43 22.86 -17.06
CA PRO B 288 -29.26 24.03 -17.93
C PRO B 288 -27.87 24.16 -18.56
N TRP B 289 -26.86 23.52 -17.96
CA TRP B 289 -25.51 23.59 -18.52
C TRP B 289 -25.33 22.64 -19.68
N SER B 290 -26.39 21.89 -20.03
CA SER B 290 -26.40 21.16 -21.29
C SER B 290 -26.68 22.07 -22.49
N GLU B 291 -26.99 23.34 -22.25
CA GLU B 291 -27.30 24.29 -23.30
C GLU B 291 -26.27 25.42 -23.32
N ILE B 292 -25.26 25.36 -22.46
CA ILE B 292 -24.27 26.43 -22.33
C ILE B 292 -22.92 25.88 -22.80
N GLY B 293 -22.14 26.71 -23.48
CA GLY B 293 -20.77 26.37 -23.81
C GLY B 293 -20.64 25.42 -24.99
N THR B 294 -21.66 25.38 -25.88
CA THR B 294 -21.56 24.54 -27.05
C THR B 294 -20.27 24.78 -27.84
N GLY B 295 -20.03 26.05 -28.16
CA GLY B 295 -18.89 26.46 -28.95
C GLY B 295 -18.81 25.71 -30.27
N LEU B 296 -17.64 25.17 -30.59
CA LEU B 296 -17.43 24.50 -31.85
C LEU B 296 -17.93 23.04 -31.82
N SER B 297 -18.48 22.55 -30.69
CA SER B 297 -18.79 21.13 -30.60
C SER B 297 -19.95 20.71 -31.52
N ASP B 298 -20.71 21.68 -32.05
CA ASP B 298 -21.74 21.35 -33.04
C ASP B 298 -21.33 21.83 -34.44
N LYS B 299 -20.04 22.16 -34.61
CA LYS B 299 -19.55 22.67 -35.88
C LYS B 299 -18.37 21.83 -36.37
N CYS B 300 -17.27 21.78 -35.60
CA CYS B 300 -16.04 21.18 -36.07
C CYS B 300 -15.34 20.47 -34.91
N VAL B 301 -15.12 19.16 -35.06
CA VAL B 301 -14.47 18.35 -34.04
C VAL B 301 -13.47 17.42 -34.72
N LEU B 302 -12.42 17.07 -33.96
CA LEU B 302 -11.26 16.40 -34.51
C LEU B 302 -10.78 15.33 -33.53
N SER B 303 -10.48 14.13 -34.06
CA SER B 303 -9.74 13.10 -33.37
C SER B 303 -8.74 12.48 -34.35
N TYR B 304 -7.52 12.21 -33.89
CA TYR B 304 -6.58 11.43 -34.66
C TYR B 304 -6.75 9.93 -34.47
N GLY B 305 -7.35 9.52 -33.35
CA GLY B 305 -7.43 8.13 -32.95
C GLY B 305 -6.23 7.71 -32.10
N ALA B 306 -6.40 6.54 -31.46
CA ALA B 306 -5.40 6.06 -30.54
C ALA B 306 -5.63 4.60 -30.18
N PHE B 307 -4.65 4.07 -29.45
CA PHE B 307 -4.68 2.72 -28.92
C PHE B 307 -4.66 1.71 -30.06
N PRO B 308 -3.56 1.61 -30.81
CA PRO B 308 -3.46 0.58 -31.86
C PRO B 308 -3.45 -0.78 -31.21
N ASP B 309 -4.39 -1.64 -31.59
CA ASP B 309 -4.52 -2.95 -30.98
C ASP B 309 -3.71 -3.99 -31.77
N ILE B 310 -3.43 -3.69 -33.04
CA ILE B 310 -2.49 -4.47 -33.84
C ILE B 310 -1.14 -3.76 -33.81
N ALA B 311 -0.13 -4.44 -33.30
CA ALA B 311 1.15 -3.79 -33.06
C ALA B 311 1.68 -3.19 -34.36
N ASN B 312 2.07 -1.91 -34.31
CA ASN B 312 2.70 -1.22 -35.43
C ASN B 312 1.72 -0.93 -36.60
N ASP B 313 0.43 -1.06 -36.35
CA ASP B 313 -0.59 -0.70 -37.32
C ASP B 313 -1.40 0.46 -36.77
N PHE B 314 -1.27 1.64 -37.40
CA PHE B 314 -1.95 2.85 -36.97
C PHE B 314 -3.19 3.14 -37.82
N GLY B 315 -3.65 2.11 -38.55
CA GLY B 315 -4.84 2.22 -39.38
C GLY B 315 -6.17 2.14 -38.61
N GLU B 316 -7.26 2.35 -39.36
CA GLU B 316 -8.59 2.42 -38.77
C GLU B 316 -9.01 1.08 -38.14
N LYS B 317 -8.55 -0.05 -38.67
CA LYS B 317 -9.01 -1.32 -38.14
C LYS B 317 -8.28 -1.67 -36.85
N SER B 318 -7.18 -0.96 -36.57
CA SER B 318 -6.34 -1.24 -35.40
C SER B 318 -6.69 -0.30 -34.23
N LEU B 319 -6.88 0.99 -34.46
CA LEU B 319 -7.06 1.96 -33.39
C LEU B 319 -8.39 1.72 -32.65
N LEU B 320 -8.31 1.47 -31.34
CA LEU B 320 -9.54 1.23 -30.58
C LEU B 320 -10.30 2.52 -30.30
N MET B 321 -9.58 3.65 -30.35
CA MET B 321 -10.19 4.94 -30.17
C MET B 321 -10.29 5.55 -31.55
N PRO B 322 -11.50 5.72 -32.13
CA PRO B 322 -11.63 6.22 -33.50
C PRO B 322 -11.06 7.62 -33.75
N GLY B 323 -10.52 7.79 -34.96
CA GLY B 323 -10.11 9.07 -35.51
C GLY B 323 -11.05 9.55 -36.63
N GLY B 324 -11.04 10.88 -36.84
CA GLY B 324 -11.82 11.47 -37.91
C GLY B 324 -12.08 12.93 -37.62
N ALA B 325 -12.62 13.63 -38.60
CA ALA B 325 -12.91 15.06 -38.49
C ALA B 325 -14.32 15.34 -39.02
N VAL B 326 -15.03 16.21 -38.32
CA VAL B 326 -16.30 16.77 -38.79
C VAL B 326 -16.07 18.27 -38.95
N ILE B 327 -16.55 18.83 -40.08
CA ILE B 327 -16.62 20.27 -40.26
C ILE B 327 -18.03 20.69 -40.69
N ASN B 328 -18.31 21.98 -40.52
CA ASN B 328 -19.51 22.64 -41.01
C ASN B 328 -20.78 22.03 -40.37
N GLY B 329 -20.69 21.44 -39.17
CA GLY B 329 -21.84 20.83 -38.53
C GLY B 329 -22.34 19.57 -39.25
N ASP B 330 -21.56 19.04 -40.17
CA ASP B 330 -21.99 17.87 -40.94
C ASP B 330 -21.49 16.58 -40.30
N PHE B 331 -22.23 16.10 -39.28
CA PHE B 331 -21.86 14.90 -38.54
C PHE B 331 -22.18 13.63 -39.33
N ASN B 332 -22.83 13.77 -40.50
CA ASN B 332 -23.06 12.62 -41.38
C ASN B 332 -21.86 12.31 -42.28
N ASN B 333 -20.79 13.11 -42.19
CA ASN B 333 -19.62 12.86 -43.01
CA ASN B 333 -19.62 12.94 -43.03
C ASN B 333 -18.36 13.02 -42.16
N VAL B 334 -17.96 11.90 -41.55
CA VAL B 334 -16.74 11.88 -40.76
C VAL B 334 -15.60 11.69 -41.74
N LEU B 335 -14.73 12.70 -41.83
CA LEU B 335 -13.65 12.75 -42.79
C LEU B 335 -12.35 12.14 -42.23
N PRO B 336 -11.53 11.49 -43.08
CA PRO B 336 -10.25 10.98 -42.66
C PRO B 336 -9.19 12.08 -42.50
N VAL B 337 -8.33 11.86 -41.51
CA VAL B 337 -7.24 12.78 -41.21
C VAL B 337 -5.92 12.19 -41.67
N ASP B 338 -5.10 13.03 -42.30
CA ASP B 338 -3.78 12.64 -42.76
CA ASP B 338 -3.78 12.63 -42.76
C ASP B 338 -2.76 13.65 -42.24
N LEU B 339 -1.89 13.23 -41.32
CA LEU B 339 -1.00 14.17 -40.64
C LEU B 339 0.21 14.56 -41.46
N VAL B 340 0.41 13.94 -42.63
CA VAL B 340 1.50 14.34 -43.51
C VAL B 340 1.02 15.34 -44.58
N ASP B 341 -0.28 15.36 -44.84
CA ASP B 341 -0.87 16.20 -45.89
C ASP B 341 -0.66 17.67 -45.53
N PRO B 342 0.13 18.47 -46.29
CA PRO B 342 0.35 19.87 -45.92
C PRO B 342 -0.85 20.80 -45.93
N GLN B 343 -1.97 20.38 -46.55
CA GLN B 343 -3.18 21.19 -46.58
C GLN B 343 -4.10 20.91 -45.39
N GLN B 344 -3.74 19.91 -44.54
CA GLN B 344 -4.60 19.59 -43.42
C GLN B 344 -4.20 20.38 -42.17
N VAL B 345 -3.33 19.82 -41.36
CA VAL B 345 -2.94 20.53 -40.14
C VAL B 345 -1.95 21.65 -40.49
N GLN B 346 -2.33 22.88 -40.12
CA GLN B 346 -1.43 24.01 -40.25
C GLN B 346 -1.54 24.87 -39.00
N GLU B 347 -0.45 25.58 -38.68
CA GLU B 347 -0.44 26.50 -37.56
C GLU B 347 -0.19 27.92 -38.04
N PHE B 348 -0.99 28.85 -37.52
CA PHE B 348 -0.87 30.27 -37.81
C PHE B 348 -0.31 30.99 -36.59
N VAL B 349 0.38 32.09 -36.82
CA VAL B 349 0.89 32.91 -35.72
C VAL B 349 0.60 34.39 -35.86
N ASP B 350 -0.32 34.81 -36.73
CA ASP B 350 -0.61 36.23 -36.85
C ASP B 350 -1.11 36.84 -35.54
N HIS B 351 -1.71 36.02 -34.65
CA HIS B 351 -2.22 36.53 -33.37
C HIS B 351 -1.44 35.90 -32.20
N ALA B 352 -0.22 35.40 -32.48
CA ALA B 352 0.61 34.76 -31.46
C ALA B 352 2.03 35.36 -31.47
N TRP B 353 2.76 35.15 -30.38
CA TRP B 353 4.03 35.79 -30.11
C TRP B 353 5.18 34.99 -30.76
N TYR B 354 5.12 34.90 -32.09
CA TYR B 354 6.11 34.16 -32.87
C TYR B 354 6.39 34.89 -34.18
N ARG B 355 7.53 34.57 -34.80
CA ARG B 355 7.88 35.15 -36.07
C ARG B 355 7.77 34.09 -37.16
N TYR B 356 7.06 34.46 -38.23
CA TYR B 356 7.06 33.70 -39.47
C TYR B 356 7.47 34.65 -40.60
N PRO B 357 8.04 34.15 -41.70
CA PRO B 357 8.34 35.02 -42.83
C PRO B 357 7.08 35.68 -43.38
N ASN B 358 5.98 34.91 -43.42
CA ASN B 358 4.67 35.46 -43.79
C ASN B 358 3.64 34.98 -42.76
N ASP B 359 3.21 35.88 -41.89
CA ASP B 359 2.27 35.54 -40.82
C ASP B 359 0.82 35.39 -41.31
N GLN B 360 0.56 35.58 -42.61
CA GLN B 360 -0.78 35.41 -43.16
C GLN B 360 -0.98 33.99 -43.67
N VAL B 361 0.03 33.13 -43.53
CA VAL B 361 -0.13 31.77 -44.01
C VAL B 361 0.14 30.81 -42.84
N GLY B 362 -0.49 29.64 -42.98
CA GLY B 362 -0.36 28.59 -41.98
C GLY B 362 0.73 27.62 -42.40
N ARG B 363 1.52 27.09 -41.44
CA ARG B 363 2.60 26.17 -41.72
CA ARG B 363 2.60 26.16 -41.71
C ARG B 363 2.27 24.79 -41.14
N HIS B 364 2.31 23.78 -42.01
CA HIS B 364 2.23 22.39 -41.60
C HIS B 364 3.44 22.11 -40.72
N PRO B 365 3.34 21.25 -39.68
CA PRO B 365 4.46 21.14 -38.76
C PRO B 365 5.83 20.73 -39.33
N PHE B 366 5.86 20.03 -40.47
CA PHE B 366 7.13 19.69 -41.11
C PHE B 366 7.78 20.94 -41.69
N ASP B 367 6.99 22.02 -41.87
CA ASP B 367 7.52 23.32 -42.27
C ASP B 367 7.44 24.27 -41.09
N GLY B 368 7.33 23.75 -39.88
CA GLY B 368 7.05 24.59 -38.72
C GLY B 368 8.26 25.43 -38.30
N ILE B 369 7.94 26.55 -37.65
CA ILE B 369 8.96 27.49 -37.15
C ILE B 369 8.55 27.90 -35.75
N THR B 370 9.53 27.84 -34.84
CA THR B 370 9.30 28.30 -33.49
C THR B 370 10.35 29.35 -33.14
N ASP B 371 10.01 30.60 -33.45
CA ASP B 371 10.92 31.73 -33.30
C ASP B 371 10.19 32.76 -32.42
N PRO B 372 10.37 32.72 -31.10
CA PRO B 372 9.55 33.53 -30.22
C PRO B 372 9.73 35.02 -30.44
N TRP B 373 8.60 35.74 -30.31
CA TRP B 373 8.58 37.16 -30.54
C TRP B 373 7.53 37.81 -29.63
N TYR B 374 7.97 38.29 -28.48
CA TYR B 374 7.03 38.89 -27.54
C TYR B 374 6.71 40.30 -28.01
N ASN B 375 5.51 40.48 -28.54
CA ASN B 375 5.09 41.73 -29.12
C ASN B 375 3.59 41.86 -28.90
N PRO B 376 3.18 42.39 -27.75
CA PRO B 376 1.74 42.47 -27.42
C PRO B 376 1.08 43.71 -28.01
N GLY B 377 1.88 44.59 -28.62
CA GLY B 377 1.32 45.72 -29.35
C GLY B 377 0.64 46.71 -28.41
N ASP B 378 -0.49 47.24 -28.89
CA ASP B 378 -1.18 48.33 -28.21
C ASP B 378 -2.08 47.80 -27.10
N VAL B 379 -1.48 47.27 -26.02
CA VAL B 379 -2.21 46.83 -24.86
C VAL B 379 -2.68 48.06 -24.11
N LYS B 380 -3.70 47.88 -23.30
CA LYS B 380 -3.90 48.83 -22.22
C LYS B 380 -2.88 48.41 -21.16
N GLY B 381 -2.09 49.39 -20.69
CA GLY B 381 -0.95 49.10 -19.80
C GLY B 381 0.37 49.24 -20.55
N SER B 382 1.37 48.36 -20.28
CA SER B 382 2.66 48.35 -20.96
C SER B 382 3.06 46.90 -21.24
N ASP B 383 4.17 46.73 -21.95
CA ASP B 383 4.76 45.45 -22.30
C ASP B 383 4.96 44.55 -21.08
N THR B 384 5.21 45.14 -19.88
CA THR B 384 5.47 44.34 -18.69
C THR B 384 4.38 44.56 -17.66
N ASN B 385 3.25 45.15 -18.08
CA ASN B 385 2.16 45.36 -17.17
C ASN B 385 0.86 45.44 -17.97
N ILE B 386 0.36 44.28 -18.38
CA ILE B 386 -0.77 44.17 -19.30
C ILE B 386 -2.08 44.28 -18.52
N GLN B 387 -2.82 45.36 -18.73
CA GLN B 387 -4.14 45.50 -18.15
C GLN B 387 -5.18 44.92 -19.09
N GLN B 388 -4.98 45.07 -20.40
CA GLN B 388 -5.85 44.44 -21.40
C GLN B 388 -5.00 44.07 -22.61
N LEU B 389 -4.99 42.78 -22.97
CA LEU B 389 -4.46 42.33 -24.22
C LEU B 389 -5.21 43.00 -25.39
N ASN B 390 -4.51 43.10 -26.53
CA ASN B 390 -5.07 43.56 -27.78
C ASN B 390 -5.24 42.39 -28.74
N GLU B 391 -6.43 41.82 -28.71
CA GLU B 391 -6.76 40.62 -29.47
C GLU B 391 -6.83 40.91 -30.97
N GLN B 392 -6.82 42.18 -31.39
CA GLN B 392 -6.66 42.48 -32.81
C GLN B 392 -5.22 42.24 -33.25
N GLU B 393 -4.27 42.17 -32.31
CA GLU B 393 -2.88 41.94 -32.66
C GLU B 393 -2.45 40.61 -32.03
N ARG B 394 -1.20 40.52 -31.57
CA ARG B 394 -0.70 39.27 -31.02
C ARG B 394 -0.97 39.21 -29.53
N TYR B 395 -1.52 38.08 -29.05
CA TYR B 395 -2.04 38.05 -27.69
C TYR B 395 -1.85 36.73 -26.95
N SER B 396 -0.98 35.84 -27.44
CA SER B 396 -0.78 34.54 -26.82
C SER B 396 0.58 33.91 -27.18
N TRP B 397 1.09 33.06 -26.28
CA TRP B 397 2.18 32.14 -26.58
C TRP B 397 1.70 30.84 -27.24
N ILE B 398 0.39 30.71 -27.50
CA ILE B 398 -0.16 29.54 -28.16
C ILE B 398 -0.33 29.81 -29.65
N LYS B 399 0.23 28.91 -30.50
CA LYS B 399 0.00 28.97 -31.94
C LYS B 399 -1.44 28.57 -32.24
N ALA B 400 -1.93 28.94 -33.42
CA ALA B 400 -3.30 28.70 -33.83
C ALA B 400 -3.38 27.57 -34.85
N PRO B 401 -3.66 26.31 -34.45
CA PRO B 401 -3.77 25.23 -35.41
C PRO B 401 -5.15 25.25 -36.08
N ARG B 402 -5.18 24.85 -37.34
CA ARG B 402 -6.43 24.71 -38.08
C ARG B 402 -6.29 23.41 -38.87
N TRP B 403 -7.44 22.85 -39.27
CA TRP B 403 -7.48 21.65 -40.06
C TRP B 403 -8.22 21.99 -41.35
N ARG B 404 -7.50 21.95 -42.48
CA ARG B 404 -8.02 22.44 -43.75
C ARG B 404 -8.59 23.86 -43.58
N GLY B 405 -7.93 24.68 -42.75
CA GLY B 405 -8.37 26.04 -42.52
C GLY B 405 -9.49 26.16 -41.48
N ASN B 406 -10.07 25.04 -41.00
CA ASN B 406 -11.18 25.09 -40.04
C ASN B 406 -10.63 25.12 -38.60
N ALA B 407 -11.31 25.88 -37.73
CA ALA B 407 -11.06 25.84 -36.30
C ALA B 407 -11.82 24.67 -35.71
N MET B 408 -11.10 23.84 -34.94
CA MET B 408 -11.61 22.57 -34.46
C MET B 408 -11.59 22.50 -32.93
N GLU B 409 -12.52 21.74 -32.37
CA GLU B 409 -12.46 21.30 -30.99
C GLU B 409 -11.93 19.87 -30.93
N VAL B 410 -11.04 19.65 -29.94
CA VAL B 410 -10.50 18.34 -29.61
C VAL B 410 -10.82 17.99 -28.16
N GLY B 411 -10.72 16.69 -27.87
CA GLY B 411 -10.86 16.17 -26.53
C GLY B 411 -12.00 15.16 -26.38
N PRO B 412 -12.35 14.82 -25.13
CA PRO B 412 -13.35 13.78 -24.88
C PRO B 412 -14.64 13.94 -25.66
N LEU B 413 -15.19 15.16 -25.68
CA LEU B 413 -16.46 15.40 -26.35
C LEU B 413 -16.29 15.20 -27.84
N ALA B 414 -15.19 15.73 -28.38
CA ALA B 414 -14.88 15.56 -29.79
C ALA B 414 -14.76 14.09 -30.16
N ARG B 415 -14.00 13.34 -29.36
CA ARG B 415 -13.85 11.91 -29.58
C ARG B 415 -15.19 11.19 -29.52
N THR B 416 -16.02 11.53 -28.52
CA THR B 416 -17.32 10.88 -28.36
C THR B 416 -18.15 11.10 -29.62
N LEU B 417 -18.16 12.35 -30.12
CA LEU B 417 -18.96 12.70 -31.28
C LEU B 417 -18.45 11.97 -32.52
N ILE B 418 -17.13 11.92 -32.72
CA ILE B 418 -16.57 11.19 -33.84
C ILE B 418 -16.93 9.69 -33.74
N ALA B 419 -16.72 9.07 -32.58
CA ALA B 419 -17.01 7.66 -32.42
C ALA B 419 -18.50 7.40 -32.66
N TYR B 420 -19.35 8.26 -32.10
CA TYR B 420 -20.80 8.12 -32.20
C TYR B 420 -21.22 8.11 -33.66
N HIS B 421 -20.69 9.07 -34.43
CA HIS B 421 -21.11 9.29 -35.80
C HIS B 421 -20.40 8.34 -36.77
N LYS B 422 -19.35 7.64 -36.34
CA LYS B 422 -18.77 6.59 -37.16
C LYS B 422 -19.52 5.29 -36.90
N GLY B 423 -20.40 5.30 -35.89
CA GLY B 423 -21.28 4.19 -35.56
C GLY B 423 -20.62 3.16 -34.66
N ASP B 424 -19.75 3.60 -33.73
CA ASP B 424 -19.18 2.67 -32.77
C ASP B 424 -20.26 2.25 -31.77
N ALA B 425 -20.50 0.95 -31.64
CA ALA B 425 -21.71 0.50 -30.96
C ALA B 425 -21.68 0.86 -29.48
N ALA B 426 -20.54 0.61 -28.80
CA ALA B 426 -20.37 0.93 -27.40
C ALA B 426 -20.72 2.40 -27.16
N THR B 427 -20.23 3.28 -28.06
CA THR B 427 -20.32 4.71 -27.84
C THR B 427 -21.78 5.16 -27.96
N VAL B 428 -22.44 4.71 -29.03
CA VAL B 428 -23.84 5.05 -29.23
C VAL B 428 -24.66 4.69 -27.98
N GLU B 429 -24.42 3.49 -27.43
CA GLU B 429 -25.21 2.98 -26.33
C GLU B 429 -24.91 3.73 -25.03
N SER B 430 -23.62 4.00 -24.78
CA SER B 430 -23.19 4.78 -23.63
C SER B 430 -23.90 6.14 -23.63
N VAL B 431 -23.89 6.79 -24.80
CA VAL B 431 -24.35 8.17 -24.97
C VAL B 431 -25.88 8.21 -24.91
N ASP B 432 -26.54 7.27 -25.58
CA ASP B 432 -27.99 7.15 -25.55
C ASP B 432 -28.48 6.91 -24.13
N ARG B 433 -27.92 5.93 -23.44
CA ARG B 433 -28.35 5.57 -22.09
C ARG B 433 -28.09 6.72 -21.11
N MET B 434 -26.97 7.44 -21.32
CA MET B 434 -26.57 8.48 -20.42
C MET B 434 -27.52 9.67 -20.52
N MET B 435 -27.83 10.09 -21.76
CA MET B 435 -28.70 11.23 -22.03
C MET B 435 -30.15 10.88 -21.69
N SER B 436 -30.50 9.59 -21.84
CA SER B 436 -31.80 9.10 -21.43
CA SER B 436 -31.81 9.11 -21.43
C SER B 436 -31.97 9.28 -19.93
N ALA B 437 -30.96 8.84 -19.17
CA ALA B 437 -31.00 8.92 -17.73
C ALA B 437 -31.21 10.37 -17.28
N LEU B 438 -30.76 11.34 -18.09
CA LEU B 438 -30.85 12.76 -17.73
C LEU B 438 -32.11 13.41 -18.29
N ASN B 439 -32.81 12.65 -19.16
CA ASN B 439 -33.98 13.14 -19.85
C ASN B 439 -33.60 14.41 -20.61
N LEU B 440 -32.51 14.31 -21.40
CA LEU B 440 -32.08 15.42 -22.22
C LEU B 440 -31.94 14.89 -23.65
N PRO B 441 -32.11 15.78 -24.66
CA PRO B 441 -31.86 15.43 -26.07
C PRO B 441 -30.39 15.19 -26.32
N LEU B 442 -30.11 14.51 -27.45
CA LEU B 442 -28.74 14.12 -27.76
C LEU B 442 -27.88 15.37 -27.85
N SER B 443 -28.47 16.45 -28.35
CA SER B 443 -27.79 17.72 -28.56
C SER B 443 -27.26 18.31 -27.26
N GLY B 444 -27.83 17.90 -26.10
CA GLY B 444 -27.33 18.36 -24.81
C GLY B 444 -25.89 17.92 -24.50
N ILE B 445 -25.39 16.93 -25.25
CA ILE B 445 -24.01 16.49 -25.04
C ILE B 445 -23.03 17.53 -25.57
N GLN B 446 -23.48 18.38 -26.53
CA GLN B 446 -22.63 19.39 -27.18
C GLN B 446 -22.69 20.66 -26.34
N SER B 447 -21.94 20.65 -25.23
CA SER B 447 -22.11 21.63 -24.16
C SER B 447 -20.97 21.50 -23.16
N THR B 448 -20.88 22.46 -22.23
CA THR B 448 -19.96 22.37 -21.11
C THR B 448 -20.30 21.16 -20.23
N LEU B 449 -21.59 20.94 -19.91
CA LEU B 449 -21.97 19.71 -19.19
C LEU B 449 -21.50 18.46 -19.93
N GLY B 450 -21.74 18.44 -21.24
CA GLY B 450 -21.41 17.30 -22.07
C GLY B 450 -19.91 16.95 -22.04
N ARG B 451 -19.06 17.96 -22.03
CA ARG B 451 -17.64 17.74 -21.92
C ARG B 451 -17.29 16.94 -20.66
N ILE B 452 -17.90 17.32 -19.53
CA ILE B 452 -17.67 16.66 -18.25
C ILE B 452 -18.18 15.23 -18.28
N LEU B 453 -19.38 15.00 -18.83
CA LEU B 453 -19.97 13.68 -18.89
C LEU B 453 -19.11 12.79 -19.78
N CYS B 454 -18.67 13.29 -20.96
CA CYS B 454 -17.88 12.46 -21.85
C CYS B 454 -16.53 12.08 -21.21
N ARG B 455 -15.94 13.01 -20.47
CA ARG B 455 -14.69 12.69 -19.80
C ARG B 455 -14.84 11.59 -18.74
N ALA B 456 -15.91 11.68 -17.95
CA ALA B 456 -16.21 10.63 -16.99
C ALA B 456 -16.36 9.29 -17.68
N HIS B 457 -17.13 9.25 -18.76
CA HIS B 457 -17.37 8.01 -19.48
C HIS B 457 -16.06 7.47 -20.05
N GLU B 458 -15.16 8.34 -20.51
CA GLU B 458 -13.88 7.89 -21.01
C GLU B 458 -13.04 7.25 -19.93
N ALA B 459 -13.17 7.72 -18.67
CA ALA B 459 -12.42 7.09 -17.59
C ALA B 459 -12.89 5.64 -17.41
N GLN B 460 -14.21 5.43 -17.48
CA GLN B 460 -14.78 4.10 -17.43
C GLN B 460 -14.27 3.25 -18.59
N TRP B 461 -14.29 3.82 -19.80
CA TRP B 461 -13.85 3.10 -20.99
C TRP B 461 -12.39 2.65 -20.86
N ALA B 462 -11.54 3.57 -20.37
CA ALA B 462 -10.13 3.31 -20.24
C ALA B 462 -9.86 2.25 -19.17
N ALA B 463 -10.63 2.27 -18.07
CA ALA B 463 -10.49 1.29 -17.00
C ALA B 463 -10.79 -0.11 -17.53
N GLY B 464 -11.83 -0.21 -18.37
CA GLY B 464 -12.14 -1.45 -19.07
C GLY B 464 -11.04 -1.91 -20.03
N LYS B 465 -10.50 -1.01 -20.83
CA LYS B 465 -9.43 -1.35 -21.76
C LYS B 465 -8.16 -1.77 -21.02
N LEU B 466 -7.91 -1.20 -19.83
CA LEU B 466 -6.77 -1.61 -19.03
C LEU B 466 -6.76 -3.14 -18.80
N GLN B 467 -7.91 -3.68 -18.41
CA GLN B 467 -8.03 -5.10 -18.18
C GLN B 467 -7.82 -5.86 -19.49
N TYR B 468 -8.47 -5.36 -20.55
CA TYR B 468 -8.35 -6.02 -21.85
C TYR B 468 -6.89 -6.10 -22.28
N PHE B 469 -6.14 -5.00 -22.15
CA PHE B 469 -4.74 -4.99 -22.55
C PHE B 469 -3.90 -5.91 -21.63
N PHE B 470 -4.18 -5.91 -20.34
CA PHE B 470 -3.45 -6.73 -19.40
C PHE B 470 -3.65 -8.20 -19.75
N ASP B 471 -4.88 -8.55 -20.10
CA ASP B 471 -5.22 -9.93 -20.43
C ASP B 471 -4.51 -10.32 -21.72
N LYS B 472 -4.39 -9.39 -22.67
CA LYS B 472 -3.62 -9.67 -23.89
C LYS B 472 -2.13 -9.88 -23.59
N LEU B 473 -1.58 -9.11 -22.65
CA LEU B 473 -0.21 -9.36 -22.25
C LEU B 473 -0.06 -10.77 -21.67
N MET B 474 -0.93 -11.10 -20.71
CA MET B 474 -0.87 -12.42 -20.08
C MET B 474 -1.03 -13.54 -21.12
N THR B 475 -1.90 -13.33 -22.14
CA THR B 475 -2.08 -14.34 -23.18
C THR B 475 -0.75 -14.58 -23.91
N ASN B 476 -0.03 -13.49 -24.26
CA ASN B 476 1.27 -13.62 -24.88
C ASN B 476 2.25 -14.39 -24.00
N LEU B 477 2.27 -14.07 -22.70
CA LEU B 477 3.12 -14.76 -21.75
C LEU B 477 2.76 -16.26 -21.66
N LYS B 478 1.46 -16.60 -21.69
CA LYS B 478 1.05 -18.00 -21.64
C LYS B 478 1.58 -18.75 -22.87
N ASN B 479 1.74 -18.05 -24.00
CA ASN B 479 2.25 -18.58 -25.25
C ASN B 479 3.76 -18.44 -25.39
N GLY B 480 4.46 -18.01 -24.33
CA GLY B 480 5.90 -17.95 -24.34
C GLY B 480 6.45 -16.77 -25.16
N ASN B 481 5.64 -15.72 -25.33
CA ASN B 481 6.00 -14.55 -26.13
C ASN B 481 6.34 -13.44 -25.13
N LEU B 482 7.64 -13.23 -24.91
CA LEU B 482 8.10 -12.37 -23.83
C LEU B 482 8.65 -11.03 -24.35
N ALA B 483 9.00 -10.96 -25.65
CA ALA B 483 9.78 -9.83 -26.18
C ALA B 483 9.15 -8.47 -25.81
N THR B 484 10.01 -7.52 -25.34
CA THR B 484 9.57 -6.16 -25.06
C THR B 484 10.37 -5.10 -25.83
N ALA B 485 11.45 -5.47 -26.54
CA ALA B 485 12.16 -4.48 -27.33
C ALA B 485 12.64 -5.10 -28.63
N SER B 486 12.60 -4.27 -29.68
CA SER B 486 13.27 -4.53 -30.96
C SER B 486 14.51 -3.64 -30.99
N THR B 487 15.69 -4.21 -31.23
CA THR B 487 16.92 -3.44 -31.26
C THR B 487 17.58 -3.50 -32.64
N GLU B 488 16.85 -3.99 -33.66
CA GLU B 488 17.38 -4.07 -35.02
C GLU B 488 17.93 -2.73 -35.47
N LYS B 489 17.25 -1.61 -35.13
CA LYS B 489 17.67 -0.29 -35.59
CA LYS B 489 17.66 -0.29 -35.59
C LYS B 489 17.95 0.66 -34.42
N TRP B 490 18.45 0.13 -33.30
CA TRP B 490 18.93 0.92 -32.20
C TRP B 490 20.14 1.78 -32.60
N GLU B 491 21.05 1.26 -33.42
CA GLU B 491 22.31 1.95 -33.66
C GLU B 491 22.10 2.99 -34.76
N PRO B 492 22.63 4.22 -34.59
CA PRO B 492 22.47 5.25 -35.62
C PRO B 492 22.93 4.86 -37.02
N ALA B 493 23.92 3.96 -37.07
CA ALA B 493 24.45 3.52 -38.36
C ALA B 493 23.37 2.81 -39.19
N THR B 494 22.29 2.35 -38.54
CA THR B 494 21.27 1.59 -39.24
C THR B 494 20.20 2.52 -39.81
N TRP B 495 20.23 3.80 -39.45
CA TRP B 495 19.13 4.71 -39.74
C TRP B 495 19.30 5.30 -41.13
N PRO B 496 18.21 5.77 -41.77
CA PRO B 496 18.35 6.61 -42.96
C PRO B 496 19.13 7.87 -42.61
N THR B 497 19.96 8.35 -43.53
CA THR B 497 20.68 9.61 -43.37
C THR B 497 19.68 10.75 -43.18
N GLU B 498 18.54 10.72 -43.90
CA GLU B 498 17.49 11.71 -43.73
C GLU B 498 16.15 11.00 -43.74
N CYS B 499 15.32 11.25 -42.69
CA CYS B 499 14.01 10.66 -42.68
C CYS B 499 13.11 11.50 -41.76
N ARG B 500 11.81 11.32 -41.93
CA ARG B 500 10.89 12.08 -41.10
C ARG B 500 9.72 11.20 -40.71
N GLY B 501 9.10 11.53 -39.59
CA GLY B 501 8.08 10.66 -39.05
C GLY B 501 7.06 11.48 -38.26
N VAL B 502 5.87 10.89 -38.10
CA VAL B 502 4.80 11.47 -37.31
C VAL B 502 4.44 10.46 -36.24
N GLY B 503 4.36 10.91 -35.00
CA GLY B 503 3.79 10.12 -33.92
C GLY B 503 2.51 10.81 -33.45
N PHE B 504 1.43 10.05 -33.30
CA PHE B 504 0.16 10.65 -32.95
C PHE B 504 -0.58 9.76 -31.97
N THR B 505 -1.40 10.39 -31.13
CA THR B 505 -2.28 9.67 -30.21
C THR B 505 -3.37 10.63 -29.75
N GLU B 506 -4.23 10.10 -28.87
CA GLU B 506 -5.26 10.89 -28.21
C GLU B 506 -4.86 10.97 -26.77
N ALA B 507 -4.34 12.16 -26.40
CA ALA B 507 -3.99 12.43 -25.01
C ALA B 507 -5.30 12.64 -24.27
N PRO B 508 -5.30 12.69 -22.91
CA PRO B 508 -6.53 12.94 -22.17
C PRO B 508 -7.30 14.15 -22.69
N ARG B 509 -6.62 15.19 -23.20
CA ARG B 509 -7.26 16.44 -23.61
C ARG B 509 -7.58 16.50 -25.11
N GLY B 510 -7.08 15.53 -25.91
CA GLY B 510 -7.37 15.56 -27.34
C GLY B 510 -6.19 15.12 -28.22
N ALA B 511 -6.35 15.41 -29.50
CA ALA B 511 -5.46 14.99 -30.57
C ALA B 511 -4.06 15.58 -30.37
N LEU B 512 -3.05 14.69 -30.33
CA LEU B 512 -1.66 15.05 -30.12
C LEU B 512 -0.85 14.54 -31.30
N GLY B 513 0.03 15.38 -31.82
CA GLY B 513 0.99 14.95 -32.82
C GLY B 513 2.37 15.52 -32.53
N HIS B 514 3.40 14.72 -32.83
CA HIS B 514 4.79 15.12 -32.87
C HIS B 514 5.31 14.83 -34.28
N TRP B 515 5.90 15.83 -34.90
CA TRP B 515 6.50 15.73 -36.23
C TRP B 515 8.00 15.88 -36.09
N ALA B 516 8.75 14.85 -36.52
CA ALA B 516 10.21 14.83 -36.30
C ALA B 516 10.94 14.57 -37.61
N ALA B 517 11.96 15.36 -37.87
CA ALA B 517 12.85 15.11 -39.01
C ALA B 517 14.22 14.78 -38.44
N ILE B 518 14.80 13.69 -38.94
CA ILE B 518 16.07 13.19 -38.50
C ILE B 518 17.04 13.40 -39.67
N ARG B 519 18.18 13.96 -39.35
CA ARG B 519 19.24 14.07 -40.35
C ARG B 519 20.57 13.79 -39.68
N ASP B 520 21.39 12.91 -40.28
CA ASP B 520 22.73 12.69 -39.81
C ASP B 520 22.75 12.26 -38.35
N GLY B 521 21.77 11.42 -37.96
CA GLY B 521 21.76 10.86 -36.62
C GLY B 521 21.21 11.81 -35.56
N LYS B 522 20.74 12.99 -35.95
CA LYS B 522 20.28 13.97 -34.96
C LYS B 522 18.92 14.54 -35.33
N ILE B 523 18.19 15.08 -34.34
CA ILE B 523 16.92 15.75 -34.59
C ILE B 523 17.22 17.06 -35.33
N ASP B 524 16.67 17.17 -36.53
CA ASP B 524 16.83 18.36 -37.36
C ASP B 524 15.67 19.32 -37.11
N LEU B 525 14.49 18.75 -36.84
CA LEU B 525 13.25 19.48 -36.64
C LEU B 525 12.36 18.63 -35.74
N TYR B 526 11.72 19.29 -34.77
CA TYR B 526 10.80 18.65 -33.86
C TYR B 526 9.70 19.66 -33.56
N GLN B 527 8.53 19.42 -34.14
CA GLN B 527 7.39 20.30 -33.94
C GLN B 527 6.22 19.51 -33.34
N CYS B 528 5.61 20.13 -32.33
CA CYS B 528 4.52 19.53 -31.59
C CYS B 528 3.27 20.38 -31.77
N VAL B 529 2.14 19.73 -31.98
CA VAL B 529 0.84 20.35 -31.96
C VAL B 529 0.02 19.56 -30.95
N VAL B 530 -0.40 20.20 -29.83
CA VAL B 530 -0.92 19.47 -28.70
C VAL B 530 -2.39 19.85 -28.49
N PRO B 531 -3.18 19.00 -27.82
CA PRO B 531 -4.63 19.24 -27.80
C PRO B 531 -4.98 20.63 -27.33
N THR B 532 -4.36 21.11 -26.25
CA THR B 532 -4.77 22.41 -25.77
C THR B 532 -4.30 23.51 -26.72
N THR B 533 -3.30 23.27 -27.58
CA THR B 533 -2.94 24.22 -28.62
C THR B 533 -4.18 24.47 -29.48
N TRP B 534 -4.83 23.37 -29.89
CA TRP B 534 -6.08 23.47 -30.64
C TRP B 534 -7.12 24.25 -29.85
N ASN B 535 -7.45 23.78 -28.65
CA ASN B 535 -8.63 24.30 -27.97
C ASN B 535 -8.45 25.75 -27.52
N ALA B 536 -7.24 26.09 -27.05
CA ALA B 536 -6.96 27.39 -26.46
C ALA B 536 -6.44 28.38 -27.52
N SER B 537 -6.40 27.96 -28.77
CA SER B 537 -5.90 28.69 -29.93
C SER B 537 -6.37 30.14 -29.95
N PRO B 538 -5.49 31.08 -30.34
CA PRO B 538 -5.93 32.42 -30.71
C PRO B 538 -6.49 32.43 -32.13
N ARG B 539 -6.82 33.64 -32.60
CA ARG B 539 -7.50 33.80 -33.87
C ARG B 539 -6.50 33.65 -35.02
N ASP B 540 -7.04 33.55 -36.23
CA ASP B 540 -6.26 33.36 -37.45
C ASP B 540 -6.46 34.56 -38.38
N PRO B 541 -5.92 34.54 -39.62
CA PRO B 541 -6.03 35.71 -40.50
C PRO B 541 -7.45 36.05 -40.93
N LYS B 542 -8.35 35.08 -40.91
CA LYS B 542 -9.75 35.33 -41.21
C LYS B 542 -10.52 35.80 -39.99
N GLY B 543 -9.89 35.83 -38.81
CA GLY B 543 -10.54 36.19 -37.55
C GLY B 543 -11.30 35.03 -36.93
N GLN B 544 -11.12 33.80 -37.42
CA GLN B 544 -11.84 32.65 -36.86
C GLN B 544 -11.34 32.40 -35.44
N ILE B 545 -12.28 32.09 -34.55
CA ILE B 545 -12.01 31.84 -33.14
C ILE B 545 -11.89 30.34 -32.87
N GLY B 546 -11.03 30.03 -31.89
CA GLY B 546 -10.86 28.67 -31.43
C GLY B 546 -11.91 28.21 -30.43
N ALA B 547 -11.73 26.97 -29.97
CA ALA B 547 -12.74 26.27 -29.17
C ALA B 547 -13.07 26.99 -27.89
N TYR B 548 -12.06 27.45 -27.12
CA TYR B 548 -12.38 28.12 -25.88
C TYR B 548 -13.17 29.39 -26.17
N GLU B 549 -12.67 30.22 -27.10
CA GLU B 549 -13.27 31.52 -27.32
C GLU B 549 -14.75 31.34 -27.75
N ALA B 550 -14.99 30.37 -28.65
CA ALA B 550 -16.33 30.07 -29.13
C ALA B 550 -17.24 29.58 -27.99
N ALA B 551 -16.71 28.70 -27.13
CA ALA B 551 -17.54 28.13 -26.08
C ALA B 551 -17.95 29.21 -25.07
N LEU B 552 -17.08 30.20 -24.83
CA LEU B 552 -17.37 31.31 -23.92
C LEU B 552 -18.36 32.31 -24.53
N MET B 553 -18.30 32.47 -25.84
CA MET B 553 -19.21 33.40 -26.51
C MET B 553 -20.65 33.11 -26.08
N ASN B 554 -21.41 34.20 -25.83
CA ASN B 554 -22.86 34.17 -25.70
C ASN B 554 -23.27 33.71 -24.30
N THR B 555 -22.30 33.63 -23.35
CA THR B 555 -22.54 33.07 -22.04
C THR B 555 -23.01 34.16 -21.08
N LYS B 556 -24.07 33.88 -20.34
CA LYS B 556 -24.55 34.76 -19.29
C LYS B 556 -23.68 34.64 -18.05
N MET B 557 -23.37 35.79 -17.43
CA MET B 557 -22.77 35.81 -16.11
C MET B 557 -23.72 36.41 -15.08
N ALA B 558 -23.89 35.75 -13.92
CA ALA B 558 -24.78 36.26 -12.89
C ALA B 558 -24.15 37.43 -12.17
N ILE B 559 -22.86 37.33 -11.90
CA ILE B 559 -22.11 38.29 -11.12
C ILE B 559 -20.81 38.50 -11.85
N PRO B 560 -20.71 39.56 -12.69
CA PRO B 560 -19.52 39.80 -13.51
C PRO B 560 -18.18 39.69 -12.80
N GLU B 561 -18.12 40.17 -11.55
CA GLU B 561 -16.90 40.20 -10.77
C GLU B 561 -16.43 38.78 -10.43
N GLN B 562 -17.36 37.80 -10.40
CA GLN B 562 -17.07 36.42 -10.02
C GLN B 562 -17.16 35.50 -11.24
N PRO B 563 -16.03 35.08 -11.86
CA PRO B 563 -16.10 34.40 -13.16
C PRO B 563 -16.45 32.92 -13.15
N LEU B 564 -17.46 32.54 -12.35
CA LEU B 564 -17.76 31.14 -12.17
C LEU B 564 -18.14 30.51 -13.50
N GLU B 565 -18.92 31.21 -14.35
CA GLU B 565 -19.38 30.61 -15.58
C GLU B 565 -18.20 30.43 -16.56
N ILE B 566 -17.26 31.38 -16.55
CA ILE B 566 -16.08 31.29 -17.41
C ILE B 566 -15.26 30.07 -16.96
N LEU B 567 -15.03 29.97 -15.66
CA LEU B 567 -14.26 28.86 -15.08
C LEU B 567 -14.90 27.53 -15.41
N ARG B 568 -16.24 27.45 -15.27
CA ARG B 568 -16.93 26.21 -15.57
C ARG B 568 -16.65 25.77 -17.01
N THR B 569 -16.81 26.69 -17.96
CA THR B 569 -16.63 26.29 -19.34
C THR B 569 -15.16 25.99 -19.63
N LEU B 570 -14.25 26.86 -19.15
CA LEU B 570 -12.85 26.59 -19.44
C LEU B 570 -12.44 25.26 -18.84
N HIS B 571 -12.76 25.05 -17.57
CA HIS B 571 -12.38 23.82 -16.89
C HIS B 571 -12.96 22.60 -17.61
N SER B 572 -14.12 22.73 -18.26
CA SER B 572 -14.72 21.57 -18.89
C SER B 572 -13.87 21.05 -20.04
N PHE B 573 -12.99 21.90 -20.59
CA PHE B 573 -12.03 21.47 -21.60
C PHE B 573 -10.74 20.89 -21.03
N ASP B 574 -10.56 21.00 -19.70
CA ASP B 574 -9.40 20.49 -18.99
C ASP B 574 -8.13 21.15 -19.57
N PRO B 575 -7.97 22.48 -19.46
CA PRO B 575 -6.82 23.15 -20.08
C PRO B 575 -5.49 22.66 -19.53
N CYS B 576 -4.55 22.41 -20.46
CA CYS B 576 -3.17 22.15 -20.08
C CYS B 576 -2.28 23.17 -20.79
N LEU B 577 -1.84 24.19 -20.06
CA LEU B 577 -1.20 25.32 -20.70
C LEU B 577 0.27 25.05 -21.04
N ALA B 578 0.95 24.25 -20.21
CA ALA B 578 2.32 23.87 -20.56
C ALA B 578 2.33 23.02 -21.82
N CYS B 579 1.36 22.11 -21.91
CA CYS B 579 1.13 21.39 -23.15
C CYS B 579 0.96 22.34 -24.33
N SER B 580 0.08 23.31 -24.17
CA SER B 580 -0.38 24.13 -25.29
C SER B 580 0.77 24.91 -25.93
N THR B 581 1.74 25.35 -25.10
CA THR B 581 2.85 26.21 -25.50
C THR B 581 4.15 25.43 -25.73
N HIS B 582 4.44 24.44 -24.84
CA HIS B 582 5.66 23.64 -24.93
C HIS B 582 6.91 24.53 -25.17
N LYS C 4 -16.33 -21.75 -12.80
CA LYS C 4 -15.42 -22.86 -13.23
C LYS C 4 -14.57 -23.28 -12.02
N PRO C 5 -14.46 -24.60 -11.70
CA PRO C 5 -13.90 -25.04 -10.42
C PRO C 5 -12.45 -24.60 -10.21
N ARG C 6 -12.06 -24.47 -8.94
CA ARG C 6 -10.73 -24.03 -8.56
C ARG C 6 -9.91 -25.24 -8.12
N ILE C 7 -8.59 -25.18 -8.32
CA ILE C 7 -7.67 -26.26 -8.02
C ILE C 7 -7.69 -26.60 -6.53
N PRO C 8 -7.92 -27.89 -6.18
CA PRO C 8 -7.95 -28.31 -4.79
C PRO C 8 -6.56 -28.25 -4.16
N VAL C 9 -6.51 -27.66 -2.97
CA VAL C 9 -5.33 -27.63 -2.15
C VAL C 9 -5.67 -28.16 -0.76
N VAL C 10 -4.88 -29.14 -0.31
CA VAL C 10 -4.90 -29.69 1.01
C VAL C 10 -3.65 -29.15 1.68
N TRP C 11 -3.83 -28.46 2.80
CA TRP C 11 -2.74 -27.87 3.55
C TRP C 11 -2.64 -28.59 4.89
N ILE C 12 -1.52 -29.28 5.11
CA ILE C 12 -1.30 -29.99 6.36
C ILE C 12 -0.12 -29.37 7.11
N HIS C 13 -0.07 -29.67 8.41
CA HIS C 13 0.81 -29.05 9.36
C HIS C 13 1.49 -30.10 10.24
N GLY C 14 2.82 -30.19 10.19
CA GLY C 14 3.63 -31.07 11.03
C GLY C 14 4.11 -30.32 12.26
N LEU C 15 5.31 -30.62 12.72
CA LEU C 15 5.97 -29.78 13.71
C LEU C 15 6.29 -28.44 13.04
N GLU C 16 5.88 -27.33 13.67
CA GLU C 16 5.83 -26.05 13.00
CA GLU C 16 5.87 -26.04 13.01
C GLU C 16 5.71 -24.96 14.07
N CYS C 17 5.90 -23.71 13.63
CA CYS C 17 5.50 -22.53 14.40
C CYS C 17 4.35 -21.77 13.76
N THR C 18 3.89 -22.16 12.56
CA THR C 18 2.78 -21.55 11.84
C THR C 18 3.21 -20.22 11.19
N CYS C 19 4.52 -19.98 11.09
CA CYS C 19 4.99 -18.78 10.39
C CYS C 19 4.64 -18.78 8.91
N CYS C 20 4.56 -19.96 8.30
CA CYS C 20 4.35 -20.06 6.87
C CYS C 20 2.89 -19.71 6.53
N THR C 21 1.93 -20.22 7.32
CA THR C 21 0.53 -19.82 7.20
C THR C 21 0.41 -18.31 7.39
N GLU C 22 1.10 -17.81 8.42
CA GLU C 22 0.98 -16.40 8.71
C GLU C 22 1.53 -15.56 7.56
N SER C 23 2.67 -15.99 6.98
CA SER C 23 3.20 -15.25 5.86
C SER C 23 2.21 -15.24 4.70
N PHE C 24 1.63 -16.41 4.40
CA PHE C 24 0.69 -16.52 3.31
C PHE C 24 -0.45 -15.50 3.42
N ILE C 25 -1.01 -15.34 4.60
CA ILE C 25 -2.16 -14.45 4.74
C ILE C 25 -1.74 -12.99 4.68
N ARG C 26 -0.44 -12.70 4.76
CA ARG C 26 0.05 -11.33 4.52
C ARG C 26 0.00 -10.86 3.05
N SER C 27 -0.17 -11.78 2.12
CA SER C 27 -0.09 -11.48 0.71
C SER C 27 -0.83 -10.21 0.32
N ALA C 28 -0.11 -9.35 -0.39
CA ALA C 28 -0.65 -8.05 -0.79
C ALA C 28 -1.33 -8.15 -2.16
N HIS C 29 -0.82 -9.03 -3.02
CA HIS C 29 -1.35 -9.02 -4.38
C HIS C 29 -1.00 -10.36 -5.01
N PRO C 30 -1.95 -11.29 -5.20
CA PRO C 30 -3.37 -11.13 -4.82
C PRO C 30 -3.48 -11.20 -3.30
N LEU C 31 -4.50 -10.53 -2.78
CA LEU C 31 -4.84 -10.70 -1.38
C LEU C 31 -5.10 -12.17 -1.09
N ALA C 32 -4.72 -12.61 0.12
CA ALA C 32 -4.98 -13.99 0.51
C ALA C 32 -6.48 -14.30 0.42
N LYS C 33 -7.32 -13.34 0.81
CA LYS C 33 -8.77 -13.44 0.65
C LYS C 33 -9.12 -13.88 -0.77
N ASP C 34 -8.58 -13.16 -1.78
CA ASP C 34 -8.87 -13.47 -3.16
C ASP C 34 -8.24 -14.79 -3.60
N VAL C 35 -7.10 -15.16 -3.06
CA VAL C 35 -6.55 -16.48 -3.37
C VAL C 35 -7.57 -17.54 -2.98
N ILE C 36 -8.06 -17.43 -1.75
CA ILE C 36 -8.95 -18.45 -1.17
C ILE C 36 -10.30 -18.44 -1.87
N LEU C 37 -10.85 -17.25 -2.16
CA LEU C 37 -12.20 -17.17 -2.72
C LEU C 37 -12.22 -17.47 -4.20
N SER C 38 -11.16 -17.11 -4.95
CA SER C 38 -11.23 -17.05 -6.41
C SER C 38 -10.18 -17.86 -7.15
N LEU C 39 -9.03 -18.16 -6.54
CA LEU C 39 -7.91 -18.73 -7.30
C LEU C 39 -7.74 -20.21 -7.05
N ILE C 40 -7.90 -20.65 -5.79
CA ILE C 40 -7.71 -22.06 -5.41
C ILE C 40 -8.94 -22.48 -4.61
N SER C 41 -9.04 -23.79 -4.34
CA SER C 41 -10.03 -24.27 -3.38
C SER C 41 -9.26 -24.83 -2.21
N LEU C 42 -9.18 -24.05 -1.10
CA LEU C 42 -8.42 -24.44 0.07
C LEU C 42 -9.33 -25.37 0.87
N ASP C 43 -9.15 -26.67 0.64
CA ASP C 43 -10.15 -27.69 1.00
C ASP C 43 -9.91 -28.33 2.35
N TYR C 44 -8.73 -28.12 2.94
CA TYR C 44 -8.39 -28.66 4.22
C TYR C 44 -7.26 -27.80 4.76
N ASP C 45 -7.44 -27.31 5.99
CA ASP C 45 -6.39 -26.53 6.66
C ASP C 45 -6.78 -26.33 8.12
N ASP C 46 -6.14 -27.06 9.03
CA ASP C 46 -6.54 -27.09 10.43
C ASP C 46 -6.57 -25.67 10.99
N THR C 47 -5.65 -24.81 10.58
CA THR C 47 -5.52 -23.51 11.23
C THR C 47 -6.73 -22.59 10.95
N LEU C 48 -7.45 -22.78 9.83
CA LEU C 48 -8.46 -21.85 9.35
C LEU C 48 -9.86 -22.46 9.25
N MET C 49 -9.97 -23.79 9.28
CA MET C 49 -11.25 -24.40 8.88
C MET C 49 -12.26 -24.35 10.04
N ALA C 50 -13.55 -24.32 9.65
CA ALA C 50 -14.65 -24.27 10.62
C ALA C 50 -14.75 -25.57 11.42
N ALA C 51 -14.76 -26.69 10.70
CA ALA C 51 -14.91 -28.01 11.29
C ALA C 51 -13.69 -28.38 12.15
N ALA C 52 -13.91 -29.17 13.20
CA ALA C 52 -12.86 -29.72 14.04
C ALA C 52 -13.07 -31.23 14.20
N GLY C 53 -12.11 -31.90 14.79
CA GLY C 53 -12.28 -33.28 15.21
C GLY C 53 -12.79 -34.19 14.07
N THR C 54 -13.85 -34.94 14.40
CA THR C 54 -14.36 -35.93 13.45
C THR C 54 -14.90 -35.24 12.21
N GLN C 55 -15.52 -34.04 12.34
CA GLN C 55 -16.02 -33.29 11.18
C GLN C 55 -14.85 -32.88 10.26
N ALA C 56 -13.75 -32.43 10.87
CA ALA C 56 -12.57 -32.03 10.09
C ALA C 56 -11.98 -33.24 9.34
N GLU C 57 -11.90 -34.40 10.03
CA GLU C 57 -11.26 -35.56 9.42
C GLU C 57 -12.14 -36.16 8.32
N GLU C 58 -13.47 -36.01 8.43
N GLU C 58 -13.47 -36.03 8.44
CA GLU C 58 -14.36 -36.40 7.34
CA GLU C 58 -14.35 -36.38 7.34
C GLU C 58 -14.04 -35.57 6.09
C GLU C 58 -13.99 -35.59 6.09
N VAL C 59 -13.76 -34.28 6.27
CA VAL C 59 -13.37 -33.41 5.15
C VAL C 59 -12.06 -33.91 4.55
N PHE C 60 -11.05 -34.12 5.38
CA PHE C 60 -9.75 -34.65 4.94
C PHE C 60 -9.93 -35.90 4.07
N GLU C 61 -10.68 -36.88 4.60
CA GLU C 61 -10.84 -38.15 3.90
C GLU C 61 -11.63 -37.97 2.61
N ASP C 62 -12.71 -37.19 2.62
CA ASP C 62 -13.54 -36.97 1.45
C ASP C 62 -12.71 -36.32 0.35
N ILE C 63 -11.89 -35.30 0.72
CA ILE C 63 -11.18 -34.55 -0.30
C ILE C 63 -10.13 -35.42 -0.97
N ILE C 64 -9.34 -36.17 -0.19
CA ILE C 64 -8.23 -36.89 -0.78
C ILE C 64 -8.78 -38.08 -1.58
N THR C 65 -9.98 -38.57 -1.25
CA THR C 65 -10.64 -39.65 -2.01
C THR C 65 -11.24 -39.12 -3.33
N GLN C 66 -12.09 -38.09 -3.22
CA GLN C 66 -12.86 -37.57 -4.33
C GLN C 66 -11.92 -36.88 -5.33
N TYR C 67 -10.84 -36.26 -4.85
CA TYR C 67 -9.92 -35.56 -5.74
C TYR C 67 -8.56 -36.28 -5.81
N ASN C 68 -8.55 -37.59 -5.55
CA ASN C 68 -7.36 -38.42 -5.61
C ASN C 68 -6.63 -38.19 -6.93
N GLY C 69 -5.33 -37.89 -6.84
CA GLY C 69 -4.51 -37.65 -8.01
C GLY C 69 -4.70 -36.25 -8.61
N LYS C 70 -5.62 -35.43 -8.05
CA LYS C 70 -5.99 -34.15 -8.64
C LYS C 70 -5.77 -32.94 -7.73
N TYR C 71 -5.29 -33.14 -6.50
CA TYR C 71 -5.12 -32.01 -5.60
C TYR C 71 -3.64 -31.72 -5.42
N ILE C 72 -3.36 -30.46 -5.03
CA ILE C 72 -2.03 -30.07 -4.58
C ILE C 72 -1.94 -30.23 -3.07
N LEU C 73 -0.88 -30.85 -2.60
CA LEU C 73 -0.63 -30.95 -1.17
C LEU C 73 0.36 -29.85 -0.81
N ALA C 74 -0.06 -28.97 0.10
CA ALA C 74 0.86 -28.01 0.68
C ALA C 74 1.20 -28.50 2.08
N VAL C 75 2.49 -28.49 2.40
CA VAL C 75 3.00 -28.96 3.66
C VAL C 75 3.73 -27.83 4.37
N GLU C 76 3.27 -27.58 5.60
CA GLU C 76 3.91 -26.65 6.52
C GLU C 76 4.42 -27.49 7.67
N GLY C 77 5.62 -27.18 8.15
CA GLY C 77 6.20 -28.01 9.18
C GLY C 77 6.80 -29.31 8.60
N ASN C 78 7.12 -30.22 9.51
CA ASN C 78 7.76 -31.46 9.11
C ASN C 78 7.43 -32.59 10.07
N PRO C 79 7.63 -33.86 9.62
CA PRO C 79 7.45 -35.02 10.50
C PRO C 79 8.62 -35.36 11.39
N PRO C 80 8.40 -35.62 12.70
CA PRO C 80 9.42 -36.17 13.58
C PRO C 80 9.40 -37.69 13.46
N LEU C 81 10.59 -38.31 13.42
CA LEU C 81 10.70 -39.76 13.42
C LEU C 81 10.85 -40.31 14.84
N GLY C 82 11.21 -39.48 15.83
CA GLY C 82 11.46 -39.96 17.17
C GLY C 82 10.16 -40.34 17.88
N GLU C 83 10.29 -41.19 18.91
CA GLU C 83 9.17 -41.66 19.70
C GLU C 83 8.07 -42.19 18.78
N GLN C 84 8.50 -42.98 17.78
CA GLN C 84 7.60 -43.63 16.84
C GLN C 84 6.69 -42.62 16.14
N GLY C 85 7.15 -41.37 16.01
CA GLY C 85 6.38 -40.35 15.32
C GLY C 85 5.48 -39.52 16.23
N MET C 86 5.43 -39.85 17.54
CA MET C 86 4.38 -39.30 18.40
C MET C 86 4.85 -38.03 19.08
N PHE C 87 5.96 -37.46 18.60
CA PHE C 87 6.26 -36.07 18.86
C PHE C 87 5.31 -35.16 18.10
N CYS C 88 4.50 -35.68 17.17
CA CYS C 88 3.48 -34.91 16.49
C CYS C 88 2.31 -35.83 16.17
N ILE C 89 1.24 -35.64 16.94
CA ILE C 89 0.10 -36.54 16.96
C ILE C 89 -1.04 -35.85 16.25
N SER C 90 -1.65 -36.58 15.31
CA SER C 90 -2.71 -36.07 14.47
C SER C 90 -3.85 -37.10 14.51
N SER C 91 -4.97 -36.76 15.14
CA SER C 91 -6.09 -37.68 15.21
C SER C 91 -5.61 -39.00 15.80
N GLY C 92 -4.76 -38.92 16.83
CA GLY C 92 -4.38 -40.04 17.68
C GLY C 92 -3.25 -40.91 17.11
N ARG C 93 -2.74 -40.50 15.94
CA ARG C 93 -1.73 -41.29 15.23
C ARG C 93 -0.55 -40.39 14.88
N PRO C 94 0.61 -40.97 14.52
CA PRO C 94 1.73 -40.15 14.07
C PRO C 94 1.36 -39.25 12.88
N PHE C 95 1.76 -37.98 12.94
CA PHE C 95 1.64 -37.10 11.79
C PHE C 95 2.19 -37.73 10.50
N ILE C 96 3.30 -38.42 10.59
CA ILE C 96 3.96 -38.93 9.39
C ILE C 96 2.99 -39.81 8.60
N GLU C 97 2.06 -40.50 9.29
CA GLU C 97 1.11 -41.33 8.55
C GLU C 97 0.09 -40.51 7.75
N LYS C 98 -0.32 -39.37 8.30
CA LYS C 98 -1.23 -38.46 7.65
C LYS C 98 -0.49 -37.85 6.45
N LEU C 99 0.79 -37.50 6.63
CA LEU C 99 1.60 -36.95 5.55
C LEU C 99 1.67 -37.97 4.41
N LYS C 100 2.00 -39.24 4.72
CA LYS C 100 2.14 -40.21 3.65
C LYS C 100 0.81 -40.39 2.92
N ARG C 101 -0.32 -40.44 3.63
CA ARG C 101 -1.63 -40.64 3.01
C ARG C 101 -1.95 -39.47 2.06
N ALA C 102 -1.76 -38.25 2.58
CA ALA C 102 -2.01 -37.06 1.80
C ALA C 102 -1.10 -36.99 0.55
N ALA C 103 0.18 -37.32 0.73
CA ALA C 103 1.12 -37.30 -0.38
C ALA C 103 0.68 -38.27 -1.46
N ALA C 104 0.14 -39.42 -1.06
CA ALA C 104 -0.09 -40.48 -2.05
C ALA C 104 -1.10 -40.05 -3.10
N GLY C 105 -2.09 -39.22 -2.69
CA GLY C 105 -3.14 -38.76 -3.58
C GLY C 105 -2.80 -37.46 -4.33
N ALA C 106 -1.70 -36.78 -3.97
CA ALA C 106 -1.41 -35.48 -4.53
C ALA C 106 -0.87 -35.58 -5.96
N SER C 107 -1.17 -34.60 -6.82
CA SER C 107 -0.46 -34.47 -8.10
C SER C 107 0.93 -33.87 -7.88
N ALA C 108 1.05 -33.01 -6.88
CA ALA C 108 2.30 -32.37 -6.58
C ALA C 108 2.24 -31.82 -5.16
N ILE C 109 3.42 -31.54 -4.64
CA ILE C 109 3.58 -31.14 -3.25
C ILE C 109 4.34 -29.82 -3.25
N ILE C 110 3.86 -28.86 -2.44
CA ILE C 110 4.60 -27.67 -2.13
C ILE C 110 5.09 -27.80 -0.70
N ALA C 111 6.40 -27.76 -0.53
CA ALA C 111 7.04 -27.73 0.77
C ALA C 111 7.24 -26.27 1.17
N TRP C 112 6.28 -25.72 1.93
CA TRP C 112 6.42 -24.35 2.40
C TRP C 112 7.52 -24.25 3.43
N GLY C 113 8.37 -23.24 3.28
CA GLY C 113 9.26 -22.86 4.36
C GLY C 113 10.46 -23.77 4.53
N THR C 114 11.41 -23.27 5.34
CA THR C 114 12.57 -24.05 5.68
C THR C 114 12.17 -25.31 6.45
N CYS C 115 11.06 -25.29 7.19
CA CYS C 115 10.64 -26.50 7.88
C CYS C 115 10.42 -27.64 6.90
N ALA C 116 9.51 -27.46 5.93
CA ALA C 116 9.11 -28.56 5.06
C ALA C 116 10.25 -28.90 4.09
N SER C 117 11.02 -27.88 3.71
CA SER C 117 12.08 -28.01 2.73
C SER C 117 13.29 -28.76 3.30
N TRP C 118 13.70 -28.38 4.53
CA TRP C 118 15.00 -28.73 5.07
C TRP C 118 14.96 -29.25 6.49
N GLY C 119 14.14 -28.66 7.38
CA GLY C 119 14.09 -29.07 8.77
C GLY C 119 13.80 -27.89 9.70
N CYS C 120 14.49 -26.77 9.43
CA CYS C 120 14.40 -25.54 10.23
C CYS C 120 14.71 -25.80 11.70
N VAL C 121 14.12 -25.01 12.62
CA VAL C 121 14.70 -24.84 13.93
C VAL C 121 14.67 -26.16 14.72
N GLN C 122 13.61 -26.96 14.57
CA GLN C 122 13.50 -28.19 15.35
C GLN C 122 14.57 -29.20 14.92
N ALA C 123 15.04 -29.07 13.69
CA ALA C 123 16.09 -29.96 13.20
C ALA C 123 17.50 -29.46 13.55
N ALA C 124 17.63 -28.27 14.15
CA ALA C 124 18.93 -27.78 14.56
C ALA C 124 19.48 -28.66 15.69
N ARG C 125 20.82 -28.69 15.83
CA ARG C 125 21.44 -29.59 16.81
C ARG C 125 20.83 -29.40 18.19
N PRO C 126 20.49 -30.48 18.94
CA PRO C 126 20.69 -31.90 18.55
C PRO C 126 19.51 -32.66 17.94
N ASN C 127 18.57 -31.93 17.34
CA ASN C 127 17.38 -32.47 16.74
C ASN C 127 16.70 -33.51 17.65
N PRO C 128 16.15 -33.04 18.78
CA PRO C 128 15.58 -33.94 19.78
C PRO C 128 14.51 -34.89 19.24
N THR C 129 13.74 -34.47 18.24
CA THR C 129 12.57 -35.20 17.76
C THR C 129 12.86 -35.97 16.46
N GLN C 130 14.09 -35.86 15.94
CA GLN C 130 14.40 -36.40 14.63
C GLN C 130 13.44 -35.84 13.59
N ALA C 131 13.26 -34.51 13.64
CA ALA C 131 12.49 -33.83 12.61
C ALA C 131 13.20 -33.96 11.25
N THR C 132 12.43 -34.27 10.23
CA THR C 132 12.94 -34.69 8.93
C THR C 132 12.18 -33.95 7.83
N PRO C 133 12.87 -33.38 6.80
CA PRO C 133 12.19 -32.67 5.73
C PRO C 133 11.39 -33.65 4.87
N ILE C 134 10.39 -33.13 4.15
CA ILE C 134 9.37 -33.93 3.47
CA ILE C 134 9.41 -34.04 3.58
C ILE C 134 10.04 -34.85 2.45
N ASP C 135 11.04 -34.31 1.73
CA ASP C 135 11.60 -35.06 0.61
C ASP C 135 12.45 -36.24 1.07
N LYS C 136 12.71 -36.39 2.37
CA LYS C 136 13.37 -37.60 2.88
C LYS C 136 12.34 -38.66 3.28
N VAL C 137 11.05 -38.30 3.31
CA VAL C 137 9.95 -39.22 3.60
C VAL C 137 9.18 -39.57 2.34
N ILE C 138 8.86 -38.57 1.50
CA ILE C 138 8.09 -38.76 0.29
C ILE C 138 9.07 -38.71 -0.87
N THR C 139 9.27 -39.85 -1.55
CA THR C 139 10.34 -39.92 -2.53
C THR C 139 9.78 -40.20 -3.92
N ASP C 140 8.46 -40.21 -4.08
CA ASP C 140 7.84 -40.55 -5.37
C ASP C 140 6.93 -39.46 -5.93
N LYS C 141 7.10 -38.20 -5.49
CA LYS C 141 6.22 -37.14 -5.93
C LYS C 141 7.05 -35.90 -6.25
N PRO C 142 6.62 -35.05 -7.20
CA PRO C 142 7.24 -33.73 -7.40
C PRO C 142 7.12 -32.93 -6.10
N ILE C 143 8.24 -32.39 -5.61
CA ILE C 143 8.24 -31.47 -4.47
C ILE C 143 8.91 -30.14 -4.83
N ILE C 144 8.15 -29.07 -4.66
CA ILE C 144 8.60 -27.71 -4.94
C ILE C 144 8.95 -27.14 -3.58
N LYS C 145 10.22 -26.83 -3.38
CA LYS C 145 10.67 -26.30 -2.11
CA LYS C 145 10.70 -26.30 -2.11
C LYS C 145 10.57 -24.80 -2.17
N VAL C 146 9.92 -24.21 -1.15
CA VAL C 146 9.77 -22.76 -1.07
C VAL C 146 10.35 -22.30 0.26
N PRO C 147 11.69 -22.26 0.40
CA PRO C 147 12.29 -22.09 1.71
C PRO C 147 12.35 -20.64 2.18
N GLY C 148 12.80 -20.49 3.41
CA GLY C 148 12.70 -19.24 4.14
C GLY C 148 11.90 -19.45 5.42
N CYS C 149 12.19 -18.66 6.44
CA CYS C 149 11.55 -18.81 7.74
C CYS C 149 10.88 -17.50 8.16
N PRO C 150 9.70 -17.21 7.62
CA PRO C 150 9.06 -17.96 6.54
C PRO C 150 9.47 -17.40 5.19
N PRO C 151 8.98 -17.98 4.07
CA PRO C 151 9.16 -17.35 2.77
C PRO C 151 8.42 -16.02 2.73
N ILE C 152 8.74 -15.21 1.72
CA ILE C 152 8.12 -13.91 1.52
C ILE C 152 6.65 -14.08 1.15
N PRO C 153 5.72 -13.34 1.77
CA PRO C 153 4.29 -13.47 1.44
C PRO C 153 3.95 -13.40 -0.03
N ASP C 154 4.47 -12.42 -0.77
CA ASP C 154 4.09 -12.22 -2.15
C ASP C 154 4.83 -13.19 -3.08
N VAL C 155 5.88 -13.86 -2.57
CA VAL C 155 6.49 -14.99 -3.26
C VAL C 155 5.55 -16.20 -3.18
N MET C 156 5.03 -16.45 -1.98
CA MET C 156 4.13 -17.59 -1.79
C MET C 156 2.96 -17.44 -2.74
N SER C 157 2.36 -16.25 -2.77
CA SER C 157 1.18 -16.07 -3.58
C SER C 157 1.54 -16.00 -5.06
N ALA C 158 2.67 -15.40 -5.42
CA ALA C 158 3.06 -15.44 -6.83
C ALA C 158 3.26 -16.87 -7.34
N ILE C 159 3.85 -17.74 -6.54
CA ILE C 159 4.01 -19.14 -6.97
C ILE C 159 2.64 -19.77 -7.22
N ILE C 160 1.67 -19.54 -6.32
CA ILE C 160 0.31 -20.04 -6.56
C ILE C 160 -0.28 -19.45 -7.85
N THR C 161 -0.15 -18.13 -8.08
CA THR C 161 -0.73 -17.54 -9.27
C THR C 161 -0.07 -18.10 -10.53
N TYR C 162 1.21 -18.41 -10.44
CA TYR C 162 1.87 -19.03 -11.58
C TYR C 162 1.20 -20.38 -11.91
N MET C 163 0.98 -21.19 -10.87
CA MET C 163 0.39 -22.50 -11.08
C MET C 163 -0.99 -22.39 -11.71
N VAL C 164 -1.80 -21.45 -11.23
CA VAL C 164 -3.15 -21.28 -11.74
C VAL C 164 -3.16 -20.68 -13.14
N THR C 165 -2.30 -19.69 -13.40
CA THR C 165 -2.36 -18.95 -14.65
C THR C 165 -1.77 -19.79 -15.79
N PHE C 166 -0.67 -20.49 -15.52
CA PHE C 166 0.10 -21.18 -16.55
C PHE C 166 -0.14 -22.69 -16.53
N ASP C 167 -0.91 -23.19 -15.56
N ASP C 167 -0.87 -23.18 -15.52
CA ASP C 167 -1.27 -24.60 -15.45
CA ASP C 167 -1.27 -24.57 -15.43
C ASP C 167 -0.03 -25.48 -15.46
C ASP C 167 -0.04 -25.48 -15.43
N ARG C 168 1.01 -25.07 -14.73
CA ARG C 168 2.20 -25.88 -14.59
C ARG C 168 2.96 -25.48 -13.33
N LEU C 169 3.82 -26.38 -12.89
CA LEU C 169 4.70 -26.09 -11.78
C LEU C 169 5.75 -25.09 -12.24
N PRO C 170 6.26 -24.24 -11.35
CA PRO C 170 7.42 -23.41 -11.66
C PRO C 170 8.63 -24.29 -11.92
N ASP C 171 9.46 -23.84 -12.87
CA ASP C 171 10.74 -24.48 -13.09
C ASP C 171 11.65 -24.26 -11.90
N VAL C 172 12.45 -25.27 -11.56
CA VAL C 172 13.21 -25.28 -10.32
C VAL C 172 14.70 -25.43 -10.56
N ASP C 173 15.47 -25.05 -9.56
CA ASP C 173 16.90 -25.31 -9.47
C ASP C 173 17.14 -26.77 -9.06
N ARG C 174 18.41 -27.10 -8.82
CA ARG C 174 18.82 -28.48 -8.59
C ARG C 174 18.28 -28.96 -7.22
N MET C 175 17.85 -28.01 -6.38
CA MET C 175 17.35 -28.31 -5.04
CA MET C 175 17.36 -28.29 -5.03
C MET C 175 15.83 -28.27 -4.96
N GLY C 176 15.17 -28.00 -6.10
CA GLY C 176 13.73 -27.97 -6.21
C GLY C 176 13.12 -26.61 -5.82
N ARG C 177 13.93 -25.55 -5.74
CA ARG C 177 13.40 -24.21 -5.46
C ARG C 177 13.01 -23.50 -6.75
N PRO C 178 11.87 -22.76 -6.81
CA PRO C 178 11.51 -22.02 -8.02
C PRO C 178 12.59 -21.04 -8.46
N LEU C 179 13.08 -21.18 -9.71
CA LEU C 179 14.12 -20.32 -10.22
C LEU C 179 13.72 -18.84 -10.15
N MET C 180 12.45 -18.57 -10.43
CA MET C 180 11.98 -17.18 -10.47
C MET C 180 12.40 -16.40 -9.21
N PHE C 181 12.30 -17.01 -8.00
CA PHE C 181 12.57 -16.29 -6.77
C PHE C 181 13.84 -16.72 -6.06
N TYR C 182 14.42 -17.90 -6.39
CA TYR C 182 15.56 -18.45 -5.66
C TYR C 182 16.78 -18.64 -6.56
N GLY C 183 16.72 -18.05 -7.76
CA GLY C 183 17.82 -18.23 -8.70
C GLY C 183 19.05 -17.41 -8.36
N GLN C 184 18.87 -16.31 -7.62
CA GLN C 184 19.98 -15.43 -7.26
C GLN C 184 20.12 -15.24 -5.75
N ARG C 185 21.33 -14.84 -5.36
CA ARG C 185 21.67 -14.68 -3.97
C ARG C 185 21.17 -13.33 -3.45
N ILE C 186 20.89 -13.29 -2.16
CA ILE C 186 20.54 -12.03 -1.51
C ILE C 186 21.59 -10.97 -1.86
N HIS C 187 22.85 -11.38 -1.75
CA HIS C 187 24.01 -10.52 -1.88
C HIS C 187 24.22 -10.04 -3.32
N ASP C 188 23.63 -10.73 -4.31
CA ASP C 188 23.73 -10.34 -5.70
C ASP C 188 22.65 -9.36 -6.14
N LYS C 189 21.74 -8.96 -5.22
CA LYS C 189 20.71 -7.96 -5.49
C LYS C 189 20.58 -7.05 -4.26
N CYS C 190 21.64 -6.97 -3.46
CA CYS C 190 21.58 -6.20 -2.21
C CYS C 190 21.92 -4.73 -2.46
N TYR C 191 21.07 -3.81 -1.97
CA TYR C 191 21.29 -2.37 -2.17
C TYR C 191 22.47 -1.87 -1.33
N ARG C 192 23.02 -2.66 -0.41
CA ARG C 192 24.21 -2.24 0.35
C ARG C 192 25.51 -2.77 -0.28
N ARG C 193 25.42 -3.42 -1.43
CA ARG C 193 26.57 -4.00 -2.07
C ARG C 193 27.67 -2.97 -2.36
N ALA C 194 27.29 -1.74 -2.75
CA ALA C 194 28.28 -0.68 -2.97
C ALA C 194 29.20 -0.55 -1.75
N HIS C 195 28.65 -0.68 -0.55
CA HIS C 195 29.43 -0.52 0.68
C HIS C 195 30.34 -1.72 0.86
N PHE C 196 29.81 -2.93 0.61
CA PHE C 196 30.62 -4.14 0.69
C PHE C 196 31.86 -3.99 -0.20
N ASP C 197 31.63 -3.47 -1.41
CA ASP C 197 32.67 -3.40 -2.43
C ASP C 197 33.73 -2.38 -2.02
N ALA C 198 33.31 -1.35 -1.28
CA ALA C 198 34.18 -0.27 -0.87
C ALA C 198 34.87 -0.55 0.46
N GLY C 199 34.49 -1.66 1.12
CA GLY C 199 35.03 -1.94 2.43
C GLY C 199 34.42 -1.06 3.51
N GLU C 200 33.16 -0.65 3.29
CA GLU C 200 32.41 0.23 4.20
C GLU C 200 31.41 -0.64 4.99
N PHE C 201 31.81 -0.90 6.24
CA PHE C 201 31.15 -1.91 7.06
C PHE C 201 30.71 -1.35 8.40
N VAL C 202 29.53 -1.79 8.87
CA VAL C 202 29.16 -1.67 10.27
C VAL C 202 30.12 -2.55 11.07
N GLN C 203 30.67 -2.01 12.16
N GLN C 203 30.67 -2.00 12.15
CA GLN C 203 31.58 -2.76 13.00
CA GLN C 203 31.60 -2.72 13.01
C GLN C 203 31.01 -3.00 14.40
C GLN C 203 31.03 -2.99 14.39
N SER C 204 30.10 -2.13 14.86
CA SER C 204 29.35 -2.36 16.09
C SER C 204 27.99 -1.68 15.93
N TRP C 205 26.99 -2.19 16.68
CA TRP C 205 25.63 -1.71 16.51
C TRP C 205 25.53 -0.22 16.74
N ASP C 206 24.81 0.48 15.85
CA ASP C 206 24.48 1.88 15.97
C ASP C 206 25.70 2.80 15.89
N ASP C 207 26.78 2.33 15.27
CA ASP C 207 27.95 3.15 14.95
C ASP C 207 27.57 4.03 13.75
N ASP C 208 28.50 4.90 13.34
CA ASP C 208 28.14 5.85 12.31
C ASP C 208 27.86 5.13 11.01
N ALA C 209 28.62 4.06 10.71
CA ALA C 209 28.39 3.22 9.55
C ALA C 209 26.96 2.67 9.55
N ALA C 210 26.49 2.21 10.70
CA ALA C 210 25.14 1.65 10.77
C ALA C 210 24.08 2.72 10.43
N ARG C 211 24.30 3.93 10.93
CA ARG C 211 23.42 5.07 10.70
C ARG C 211 23.43 5.56 9.25
N LYS C 212 24.38 5.07 8.44
CA LYS C 212 24.46 5.42 7.03
C LYS C 212 24.05 4.25 6.14
N GLY C 213 23.63 3.11 6.73
CA GLY C 213 23.24 1.94 5.96
C GLY C 213 24.41 1.22 5.30
N TYR C 214 25.58 1.16 5.98
CA TYR C 214 26.70 0.41 5.42
C TYR C 214 26.48 -1.09 5.54
N CYS C 215 27.35 -1.85 4.85
CA CYS C 215 27.20 -3.29 4.73
C CYS C 215 27.33 -3.95 6.11
N LEU C 216 26.59 -5.06 6.27
CA LEU C 216 26.50 -5.80 7.53
C LEU C 216 27.36 -7.07 7.53
N TYR C 217 28.25 -7.24 6.55
CA TYR C 217 29.11 -8.43 6.47
C TYR C 217 29.87 -8.70 7.76
N LYS C 218 30.47 -7.67 8.38
CA LYS C 218 31.29 -7.86 9.56
C LYS C 218 30.43 -8.09 10.79
N MET C 219 29.12 -7.83 10.69
CA MET C 219 28.17 -8.18 11.74
C MET C 219 27.55 -9.57 11.52
N GLY C 220 28.03 -10.35 10.54
CA GLY C 220 27.60 -11.74 10.40
C GLY C 220 26.64 -12.01 9.24
N CYS C 221 26.37 -11.02 8.38
CA CYS C 221 25.42 -11.18 7.29
C CYS C 221 25.75 -12.40 6.43
N LYS C 222 24.75 -13.27 6.23
CA LYS C 222 24.91 -14.47 5.42
C LYS C 222 24.31 -14.34 4.02
N GLY C 223 23.99 -13.11 3.59
CA GLY C 223 23.54 -12.86 2.25
C GLY C 223 24.41 -13.49 1.18
N PRO C 224 25.76 -13.44 1.31
CA PRO C 224 26.60 -14.03 0.27
C PRO C 224 26.38 -15.51 -0.03
N THR C 225 25.75 -16.27 0.89
CA THR C 225 25.54 -17.70 0.66
C THR C 225 24.06 -18.07 0.68
N THR C 226 23.17 -17.08 0.55
CA THR C 226 21.75 -17.32 0.72
C THR C 226 20.98 -16.89 -0.52
N TYR C 227 20.13 -17.79 -1.02
CA TYR C 227 19.33 -17.61 -2.21
C TYR C 227 17.88 -17.35 -1.80
N ASN C 228 17.35 -16.20 -2.18
CA ASN C 228 15.99 -15.74 -1.85
C ASN C 228 15.76 -14.43 -2.58
N ALA C 229 14.56 -13.86 -2.45
CA ALA C 229 14.16 -12.67 -3.18
C ALA C 229 14.06 -11.46 -2.26
N CYS C 230 14.64 -11.54 -1.07
CA CYS C 230 14.38 -10.51 -0.05
C CYS C 230 14.93 -9.15 -0.45
N SER C 231 16.07 -9.14 -1.14
CA SER C 231 16.75 -7.91 -1.47
C SER C 231 16.21 -7.28 -2.74
N SER C 232 15.27 -7.98 -3.43
CA SER C 232 14.66 -7.47 -4.65
CA SER C 232 14.67 -7.49 -4.65
C SER C 232 13.17 -7.25 -4.45
N THR C 233 12.42 -8.34 -4.26
CA THR C 233 10.99 -8.33 -4.06
C THR C 233 10.67 -7.67 -2.72
N ARG C 234 11.55 -7.90 -1.73
CA ARG C 234 11.41 -7.38 -0.37
C ARG C 234 10.18 -7.98 0.32
N TRP C 235 9.97 -7.51 1.55
CA TRP C 235 8.97 -8.04 2.50
C TRP C 235 7.80 -7.09 2.75
N ASN C 236 6.62 -7.67 2.97
CA ASN C 236 5.46 -6.97 3.52
C ASN C 236 5.11 -5.82 2.59
N ASP C 237 4.82 -6.15 1.33
CA ASP C 237 4.40 -5.19 0.32
C ASP C 237 5.52 -4.23 0.00
N GLY C 238 6.75 -4.76 -0.08
CA GLY C 238 7.86 -3.95 -0.52
C GLY C 238 8.37 -2.98 0.55
N VAL C 239 7.99 -3.19 1.82
CA VAL C 239 8.35 -2.23 2.87
C VAL C 239 9.80 -2.38 3.33
N SER C 240 10.31 -3.60 3.52
CA SER C 240 11.66 -3.72 4.07
C SER C 240 12.20 -5.12 3.77
N PHE C 241 13.35 -5.39 4.35
CA PHE C 241 13.86 -6.74 4.46
C PHE C 241 14.89 -6.72 5.58
N PRO C 242 15.38 -7.88 6.08
CA PRO C 242 16.27 -7.91 7.24
C PRO C 242 17.39 -6.89 7.19
N ILE C 243 18.12 -6.88 6.08
CA ILE C 243 19.28 -6.01 5.92
C ILE C 243 18.90 -4.53 5.92
N GLN C 244 17.81 -4.19 5.26
CA GLN C 244 17.38 -2.79 5.21
C GLN C 244 17.14 -2.24 6.61
N SER C 245 16.60 -3.05 7.52
CA SER C 245 16.30 -2.65 8.88
C SER C 245 17.48 -2.91 9.82
N GLY C 246 18.66 -3.25 9.27
CA GLY C 246 19.90 -3.16 10.02
C GLY C 246 20.42 -4.47 10.60
N HIS C 247 19.78 -5.60 10.33
CA HIS C 247 20.30 -6.90 10.78
C HIS C 247 20.79 -7.69 9.58
N GLY C 248 21.99 -8.30 9.70
CA GLY C 248 22.44 -9.15 8.62
C GLY C 248 21.44 -10.26 8.35
N CYS C 249 21.42 -10.75 7.12
CA CYS C 249 20.75 -11.99 6.79
C CYS C 249 21.27 -13.09 7.72
N LEU C 250 20.32 -13.90 8.25
CA LEU C 250 20.61 -15.08 9.07
C LEU C 250 20.96 -16.28 8.20
N GLY C 251 20.59 -16.21 6.91
CA GLY C 251 20.67 -17.33 5.97
C GLY C 251 19.42 -18.21 6.00
N CYS C 252 18.26 -17.68 6.40
CA CYS C 252 17.10 -18.51 6.76
C CYS C 252 16.46 -19.33 5.65
N ALA C 253 16.77 -19.04 4.38
CA ALA C 253 16.29 -19.85 3.28
C ALA C 253 17.19 -21.06 2.99
N GLU C 254 18.34 -21.17 3.65
CA GLU C 254 19.32 -22.22 3.32
C GLU C 254 19.27 -23.40 4.30
N ASN C 255 19.43 -24.60 3.74
CA ASN C 255 19.51 -25.85 4.48
C ASN C 255 20.51 -25.73 5.61
N GLY C 256 20.08 -26.04 6.83
CA GLY C 256 21.00 -26.10 7.96
C GLY C 256 21.50 -24.75 8.47
N PHE C 257 20.78 -23.65 8.19
CA PHE C 257 21.32 -22.35 8.52
C PHE C 257 21.48 -22.12 10.01
N TRP C 258 20.70 -22.80 10.85
CA TRP C 258 20.78 -22.66 12.28
C TRP C 258 22.13 -23.15 12.83
N ASP C 259 22.78 -24.07 12.14
CA ASP C 259 23.99 -24.69 12.66
C ASP C 259 25.22 -24.32 11.83
N ARG C 260 25.13 -23.23 11.05
CA ARG C 260 26.28 -22.71 10.32
C ARG C 260 27.02 -21.68 11.16
N GLY C 261 26.99 -21.81 12.48
CA GLY C 261 27.66 -20.92 13.40
C GLY C 261 26.79 -19.73 13.80
N SER C 262 27.35 -18.93 14.70
CA SER C 262 26.67 -17.76 15.23
C SER C 262 26.26 -16.86 14.07
N PHE C 263 25.07 -16.26 14.22
CA PHE C 263 24.61 -15.31 13.22
C PHE C 263 25.54 -14.11 13.14
N TYR C 264 26.35 -13.87 14.18
CA TYR C 264 27.21 -12.70 14.24
C TYR C 264 28.66 -13.00 13.90
N SER C 265 28.95 -14.23 13.47
CA SER C 265 30.28 -14.66 13.06
C SER C 265 30.33 -14.85 11.54
N ARG C 266 31.55 -14.84 10.97
CA ARG C 266 31.74 -15.31 9.59
C ARG C 266 31.73 -16.85 9.52
N SER D 2 -13.71 -46.58 36.18
CA SER D 2 -13.90 -45.10 36.24
C SER D 2 -13.50 -44.59 37.62
N THR D 3 -13.27 -43.28 37.73
CA THR D 3 -12.86 -42.67 38.99
C THR D 3 -13.54 -41.30 39.15
N GLN D 4 -13.74 -40.91 40.41
CA GLN D 4 -14.28 -39.60 40.71
C GLN D 4 -13.48 -38.98 41.84
N TYR D 5 -13.14 -37.68 41.70
CA TYR D 5 -12.51 -36.95 42.78
C TYR D 5 -12.88 -35.49 42.66
N GLU D 6 -12.66 -34.75 43.75
CA GLU D 6 -13.01 -33.33 43.83
C GLU D 6 -11.74 -32.49 43.86
N THR D 7 -11.77 -31.37 43.13
CA THR D 7 -10.67 -30.40 43.14
C THR D 7 -11.21 -29.05 42.70
N GLN D 8 -10.87 -28.01 43.45
CA GLN D 8 -11.15 -26.62 43.07
C GLN D 8 -12.64 -26.35 42.90
N GLY D 9 -13.47 -27.11 43.62
CA GLY D 9 -14.92 -26.96 43.57
C GLY D 9 -15.58 -27.77 42.47
N TYR D 10 -14.78 -28.53 41.71
CA TYR D 10 -15.29 -29.36 40.64
C TYR D 10 -15.33 -30.83 41.08
N THR D 11 -16.26 -31.59 40.49
CA THR D 11 -16.32 -33.05 40.60
C THR D 11 -15.82 -33.65 39.28
N ILE D 12 -14.61 -34.20 39.31
CA ILE D 12 -14.02 -34.78 38.11
C ILE D 12 -14.44 -36.24 37.99
N ASN D 13 -15.22 -36.56 36.96
CA ASN D 13 -15.86 -37.84 36.87
C ASN D 13 -15.71 -38.38 35.45
N ASN D 14 -14.92 -39.43 35.28
CA ASN D 14 -14.69 -39.95 33.93
C ASN D 14 -15.52 -41.19 33.63
N ALA D 15 -16.62 -41.37 34.35
CA ALA D 15 -17.60 -42.37 34.00
C ALA D 15 -18.38 -41.81 32.81
N GLY D 16 -19.07 -42.69 32.08
CA GLY D 16 -19.97 -42.17 31.08
C GLY D 16 -19.23 -41.92 29.76
N ARG D 17 -19.99 -41.43 28.80
CA ARG D 17 -19.57 -41.39 27.41
C ARG D 17 -18.33 -40.48 27.25
N ARG D 18 -17.39 -40.93 26.41
CA ARG D 18 -16.19 -40.16 26.10
C ARG D 18 -16.37 -39.54 24.72
N LEU D 19 -15.99 -38.25 24.61
CA LEU D 19 -15.92 -37.54 23.32
C LEU D 19 -14.46 -37.09 23.10
N VAL D 20 -13.99 -37.27 21.86
CA VAL D 20 -12.64 -36.85 21.46
C VAL D 20 -12.76 -35.84 20.33
N VAL D 21 -11.96 -34.77 20.44
CA VAL D 21 -11.87 -33.74 19.41
C VAL D 21 -10.38 -33.59 19.07
N ASP D 22 -9.99 -34.24 17.98
CA ASP D 22 -8.59 -34.32 17.59
C ASP D 22 -8.57 -34.38 16.07
N PRO D 23 -8.30 -33.28 15.33
CA PRO D 23 -7.66 -32.04 15.84
C PRO D 23 -8.62 -30.99 16.37
N ILE D 24 -8.16 -30.22 17.35
CA ILE D 24 -8.75 -28.92 17.54
C ILE D 24 -8.25 -28.03 16.39
N THR D 25 -9.18 -27.44 15.65
CA THR D 25 -8.85 -26.53 14.56
C THR D 25 -9.04 -25.08 14.99
N ARG D 26 -8.59 -24.15 14.13
CA ARG D 26 -8.67 -22.71 14.37
C ARG D 26 -7.97 -22.38 15.66
N ILE D 27 -6.80 -23.00 15.80
CA ILE D 27 -5.80 -22.69 16.81
C ILE D 27 -4.46 -22.71 16.10
N GLU D 28 -3.44 -22.18 16.78
CA GLU D 28 -2.09 -22.45 16.36
C GLU D 28 -1.71 -23.85 16.84
N GLY D 29 -1.19 -24.66 15.93
CA GLY D 29 -0.55 -25.90 16.30
C GLY D 29 -1.53 -27.04 16.62
N HIS D 30 -1.02 -27.98 17.40
CA HIS D 30 -1.61 -29.29 17.61
C HIS D 30 -2.13 -29.47 19.04
N MET D 31 -3.44 -29.72 19.10
CA MET D 31 -4.16 -30.01 20.33
C MET D 31 -5.19 -31.09 20.09
N ARG D 32 -5.31 -31.91 21.14
CA ARG D 32 -6.36 -32.89 21.32
C ARG D 32 -7.11 -32.57 22.61
N CYS D 33 -8.43 -32.70 22.55
CA CYS D 33 -9.25 -32.55 23.74
C CYS D 33 -10.15 -33.78 23.88
N GLU D 34 -10.27 -34.31 25.10
CA GLU D 34 -11.27 -35.34 25.38
C GLU D 34 -12.12 -34.82 26.55
N VAL D 35 -13.39 -35.23 26.54
CA VAL D 35 -14.28 -35.00 27.67
C VAL D 35 -15.07 -36.27 27.98
N ASN D 36 -15.65 -36.30 29.19
CA ASN D 36 -16.75 -37.21 29.46
C ASN D 36 -18.01 -36.38 29.71
N ILE D 37 -19.13 -36.89 29.20
CA ILE D 37 -20.41 -36.22 29.38
C ILE D 37 -21.38 -37.20 30.04
N ASN D 38 -22.21 -36.64 30.91
CA ASN D 38 -23.24 -37.44 31.56
C ASN D 38 -24.47 -37.51 30.65
N ASP D 39 -25.52 -38.13 31.20
N ASP D 39 -25.54 -38.18 31.08
CA ASP D 39 -26.78 -38.36 30.51
CA ASP D 39 -26.67 -38.34 30.16
C ASP D 39 -27.44 -37.06 30.09
C ASP D 39 -27.51 -37.07 30.11
N GLN D 40 -27.12 -35.99 30.82
CA GLN D 40 -27.73 -34.68 30.65
C GLN D 40 -26.91 -33.82 29.68
N ASN D 41 -25.98 -34.45 28.96
CA ASN D 41 -25.07 -33.81 27.99
C ASN D 41 -24.24 -32.72 28.66
N VAL D 42 -23.87 -32.94 29.91
CA VAL D 42 -23.05 -32.01 30.66
C VAL D 42 -21.66 -32.60 30.87
N ILE D 43 -20.64 -31.78 30.61
CA ILE D 43 -19.26 -32.23 30.74
C ILE D 43 -18.95 -32.45 32.22
N THR D 44 -18.45 -33.66 32.54
CA THR D 44 -18.07 -34.03 33.88
C THR D 44 -16.56 -34.28 34.01
N ASN D 45 -15.86 -34.23 32.86
CA ASN D 45 -14.42 -34.43 32.84
C ASN D 45 -13.89 -33.78 31.57
N ALA D 46 -12.73 -33.11 31.69
CA ALA D 46 -12.11 -32.47 30.54
C ALA D 46 -10.60 -32.70 30.60
N VAL D 47 -10.03 -33.03 29.42
CA VAL D 47 -8.65 -33.44 29.28
C VAL D 47 -8.03 -32.59 28.15
N SER D 48 -6.99 -31.82 28.50
CA SER D 48 -6.26 -30.96 27.58
C SER D 48 -4.92 -31.63 27.23
N CYS D 49 -4.70 -31.88 25.93
CA CYS D 49 -3.51 -32.58 25.48
C CYS D 49 -2.81 -31.80 24.36
N GLY D 50 -1.56 -31.37 24.61
CA GLY D 50 -0.75 -30.81 23.55
C GLY D 50 -0.10 -31.94 22.78
N THR D 51 -0.35 -31.94 21.49
CA THR D 51 0.02 -33.03 20.59
C THR D 51 1.22 -32.69 19.70
N MET D 52 2.18 -31.88 20.21
CA MET D 52 3.39 -31.60 19.47
C MET D 52 4.48 -31.22 20.46
N PHE D 53 5.73 -31.42 20.04
CA PHE D 53 6.90 -31.03 20.81
C PHE D 53 8.05 -30.86 19.82
N ARG D 54 8.89 -29.84 20.03
CA ARG D 54 10.08 -29.63 19.19
C ARG D 54 11.40 -29.64 19.98
N GLY D 55 11.39 -29.09 21.21
CA GLY D 55 12.55 -29.10 22.10
C GLY D 55 13.51 -27.93 21.94
N LEU D 56 12.98 -26.69 21.81
CA LEU D 56 13.83 -25.52 21.79
C LEU D 56 14.73 -25.44 23.03
N GLU D 57 14.26 -25.84 24.21
CA GLU D 57 15.08 -25.74 25.42
C GLU D 57 16.36 -26.58 25.31
N ILE D 58 16.28 -27.67 24.55
CA ILE D 58 17.41 -28.57 24.32
C ILE D 58 18.31 -27.97 23.25
N ILE D 59 17.69 -27.49 22.15
CA ILE D 59 18.39 -26.91 21.01
C ILE D 59 19.23 -25.70 21.41
N LEU D 60 18.75 -24.92 22.39
CA LEU D 60 19.45 -23.71 22.80
C LEU D 60 20.73 -23.96 23.58
N GLN D 61 20.88 -25.15 24.19
CA GLN D 61 22.10 -25.40 24.96
C GLN D 61 23.32 -25.31 24.07
N GLY D 62 24.35 -24.59 24.57
CA GLY D 62 25.63 -24.49 23.85
C GLY D 62 25.66 -23.37 22.80
N ARG D 63 24.53 -22.67 22.64
CA ARG D 63 24.45 -21.55 21.70
C ARG D 63 25.00 -20.28 22.31
N ASP D 64 25.40 -19.35 21.42
CA ASP D 64 25.79 -18.04 21.88
C ASP D 64 24.55 -17.32 22.37
N PRO D 65 24.58 -16.70 23.58
CA PRO D 65 23.42 -15.96 24.07
C PRO D 65 22.88 -14.84 23.16
N ARG D 66 23.78 -14.26 22.35
CA ARG D 66 23.36 -13.23 21.41
C ARG D 66 22.51 -13.80 20.28
N ASP D 67 22.60 -15.10 19.99
CA ASP D 67 21.80 -15.74 18.96
C ASP D 67 20.45 -16.24 19.47
N ALA D 68 20.25 -16.30 20.80
CA ALA D 68 19.14 -17.04 21.36
C ALA D 68 17.80 -16.54 20.82
N TRP D 69 17.69 -15.22 20.70
CA TRP D 69 16.41 -14.61 20.35
C TRP D 69 15.88 -15.17 19.04
N ALA D 70 16.80 -15.47 18.09
CA ALA D 70 16.40 -15.86 16.77
C ALA D 70 15.84 -17.28 16.74
N PHE D 71 16.45 -18.15 17.55
CA PHE D 71 15.96 -19.52 17.74
C PHE D 71 14.60 -19.50 18.44
N VAL D 72 14.51 -18.81 19.56
CA VAL D 72 13.29 -18.90 20.36
C VAL D 72 12.17 -18.12 19.70
N GLU D 73 12.49 -17.21 18.77
CA GLU D 73 11.41 -16.53 18.07
C GLU D 73 10.54 -17.54 17.33
N ARG D 74 11.20 -18.61 16.86
CA ARG D 74 10.55 -19.65 16.10
C ARG D 74 9.78 -20.63 16.99
N ILE D 75 9.65 -20.37 18.28
CA ILE D 75 8.65 -21.08 19.06
C ILE D 75 7.31 -20.85 18.41
N CYS D 76 7.08 -19.65 17.85
CA CYS D 76 5.74 -19.37 17.36
C CYS D 76 5.71 -18.25 16.33
N GLY D 77 5.00 -18.49 15.24
CA GLY D 77 4.89 -17.50 14.18
C GLY D 77 3.59 -16.71 14.25
N VAL D 78 2.68 -17.10 15.15
CA VAL D 78 1.47 -16.34 15.44
C VAL D 78 1.80 -15.23 16.42
N CYS D 79 2.31 -15.59 17.61
CA CYS D 79 2.82 -14.60 18.53
C CYS D 79 4.27 -14.23 18.16
N THR D 80 4.49 -13.95 16.87
CA THR D 80 5.83 -13.70 16.37
C THR D 80 6.43 -12.44 16.97
N GLY D 81 7.64 -12.56 17.49
CA GLY D 81 8.36 -11.46 18.08
C GLY D 81 8.41 -11.54 19.59
N VAL D 82 7.34 -12.07 20.23
CA VAL D 82 7.26 -11.96 21.67
C VAL D 82 8.37 -12.79 22.32
N HIS D 83 8.77 -13.93 21.75
CA HIS D 83 9.80 -14.75 22.34
C HIS D 83 11.17 -14.11 22.15
N ALA D 84 11.31 -13.37 21.02
CA ALA D 84 12.56 -12.63 20.80
C ALA D 84 12.71 -11.55 21.86
N LEU D 85 11.62 -10.85 22.19
CA LEU D 85 11.63 -9.81 23.21
C LEU D 85 12.00 -10.44 24.55
N ALA D 86 11.33 -11.55 24.90
CA ALA D 86 11.60 -12.16 26.19
C ALA D 86 13.07 -12.62 26.27
N SER D 87 13.61 -13.10 25.15
CA SER D 87 14.99 -13.58 25.04
C SER D 87 15.99 -12.46 25.27
N VAL D 88 15.82 -11.34 24.56
CA VAL D 88 16.78 -10.26 24.72
C VAL D 88 16.67 -9.73 26.16
N TYR D 89 15.45 -9.62 26.70
CA TYR D 89 15.28 -9.24 28.09
C TYR D 89 16.07 -10.19 28.99
N ALA D 90 15.99 -11.49 28.75
CA ALA D 90 16.59 -12.46 29.64
C ALA D 90 18.11 -12.34 29.61
N ILE D 91 18.66 -12.22 28.40
CA ILE D 91 20.11 -12.19 28.23
C ILE D 91 20.65 -10.88 28.80
N GLU D 92 19.96 -9.77 28.55
CA GLU D 92 20.29 -8.49 29.19
C GLU D 92 20.25 -8.57 30.70
N ASP D 93 19.23 -9.23 31.27
CA ASP D 93 19.11 -9.37 32.71
C ASP D 93 20.29 -10.18 33.26
N ALA D 94 20.69 -11.24 32.54
CA ALA D 94 21.78 -12.09 32.97
C ALA D 94 23.11 -11.32 33.01
N ILE D 95 23.40 -10.65 31.90
CA ILE D 95 24.72 -10.02 31.68
C ILE D 95 24.82 -8.67 32.39
N GLY D 96 23.70 -7.99 32.62
CA GLY D 96 23.66 -6.66 33.21
C GLY D 96 23.75 -5.55 32.16
N ILE D 97 22.91 -5.63 31.13
CA ILE D 97 22.92 -4.67 30.04
C ILE D 97 21.72 -3.77 30.20
N LYS D 98 21.90 -2.46 29.96
CA LYS D 98 20.84 -1.47 29.91
C LYS D 98 20.78 -0.89 28.51
N VAL D 99 19.59 -0.98 27.88
CA VAL D 99 19.42 -0.51 26.51
C VAL D 99 19.07 0.97 26.54
N PRO D 100 19.38 1.71 25.47
CA PRO D 100 18.94 3.11 25.39
C PRO D 100 17.44 3.25 25.25
N ASP D 101 16.88 4.40 25.61
CA ASP D 101 15.45 4.60 25.64
C ASP D 101 14.80 4.25 24.31
N ASN D 102 15.35 4.71 23.18
CA ASN D 102 14.67 4.47 21.91
C ASN D 102 14.54 2.97 21.63
N ALA D 103 15.54 2.18 22.02
CA ALA D 103 15.41 0.73 21.85
C ALA D 103 14.23 0.18 22.67
N ASN D 104 14.07 0.65 23.91
CA ASN D 104 12.93 0.20 24.72
C ASN D 104 11.60 0.62 24.12
N ILE D 105 11.53 1.86 23.62
CA ILE D 105 10.32 2.37 23.02
C ILE D 105 9.99 1.55 21.78
N ILE D 106 10.99 1.29 20.94
CA ILE D 106 10.73 0.51 19.72
C ILE D 106 10.31 -0.91 20.09
N ARG D 107 10.90 -1.52 21.13
CA ARG D 107 10.47 -2.82 21.58
C ARG D 107 9.00 -2.81 22.01
N ASN D 108 8.61 -1.80 22.79
CA ASN D 108 7.23 -1.59 23.16
C ASN D 108 6.32 -1.42 21.95
N ILE D 109 6.77 -0.69 20.92
CA ILE D 109 6.02 -0.58 19.67
C ILE D 109 5.86 -1.97 19.05
N MET D 110 6.94 -2.78 19.03
CA MET D 110 6.85 -4.11 18.41
C MET D 110 5.80 -4.97 19.17
N LEU D 111 5.83 -4.91 20.50
CA LEU D 111 4.88 -5.66 21.33
C LEU D 111 3.45 -5.18 21.11
N ALA D 112 3.19 -3.86 21.11
CA ALA D 112 1.83 -3.34 20.95
C ALA D 112 1.30 -3.71 19.55
N THR D 113 2.17 -3.63 18.53
CA THR D 113 1.83 -3.98 17.16
C THR D 113 1.33 -5.42 17.15
N LEU D 114 2.13 -6.30 17.77
CA LEU D 114 1.80 -7.71 17.87
C LEU D 114 0.44 -7.89 18.56
N TRP D 115 0.22 -7.27 19.71
CA TRP D 115 -1.08 -7.35 20.36
C TRP D 115 -2.24 -7.00 19.43
N CYS D 116 -2.10 -5.87 18.71
CA CYS D 116 -3.14 -5.44 17.78
C CYS D 116 -3.40 -6.49 16.70
N HIS D 117 -2.32 -6.90 16.01
CA HIS D 117 -2.46 -7.83 14.92
C HIS D 117 -3.03 -9.18 15.35
N ASP D 118 -2.42 -9.74 16.40
CA ASP D 118 -2.74 -11.07 16.88
C ASP D 118 -4.18 -11.08 17.37
N HIS D 119 -4.56 -10.11 18.20
CA HIS D 119 -5.94 -10.06 18.69
C HIS D 119 -6.96 -9.95 17.57
N LEU D 120 -6.65 -9.15 16.53
CA LEU D 120 -7.55 -8.92 15.44
C LEU D 120 -7.78 -10.24 14.68
N VAL D 121 -6.68 -10.88 14.28
CA VAL D 121 -6.79 -12.13 13.55
C VAL D 121 -7.49 -13.20 14.40
N HIS D 122 -7.26 -13.22 15.71
CA HIS D 122 -7.89 -14.24 16.52
C HIS D 122 -9.42 -14.08 16.46
N PHE D 123 -9.85 -12.83 16.62
CA PHE D 123 -11.27 -12.53 16.73
C PHE D 123 -11.99 -13.01 15.48
N TYR D 124 -11.45 -12.64 14.29
CA TYR D 124 -12.13 -12.93 13.05
C TYR D 124 -11.78 -14.35 12.58
N GLN D 125 -10.51 -14.62 12.33
CA GLN D 125 -10.14 -15.83 11.61
C GLN D 125 -10.16 -17.09 12.48
N LEU D 126 -9.93 -16.96 13.80
CA LEU D 126 -9.84 -18.13 14.66
C LEU D 126 -11.14 -18.37 15.42
N ALA D 127 -11.59 -17.39 16.21
CA ALA D 127 -12.77 -17.57 17.03
C ALA D 127 -14.08 -17.30 16.28
N GLY D 128 -14.06 -16.43 15.27
CA GLY D 128 -15.24 -15.84 14.64
C GLY D 128 -16.32 -16.82 14.23
N MET D 129 -15.92 -17.89 13.53
CA MET D 129 -16.88 -18.85 13.00
C MET D 129 -17.54 -19.68 14.09
N ASP D 130 -17.16 -19.50 15.35
CA ASP D 130 -17.88 -20.16 16.45
C ASP D 130 -19.14 -19.37 16.82
N TRP D 131 -19.24 -18.11 16.34
CA TRP D 131 -20.26 -17.15 16.75
C TRP D 131 -21.10 -16.68 15.56
N ILE D 132 -20.46 -16.64 14.39
CA ILE D 132 -21.01 -16.20 13.14
C ILE D 132 -21.35 -17.42 12.30
N ASP D 133 -22.64 -17.57 11.96
CA ASP D 133 -23.05 -18.61 11.05
C ASP D 133 -22.89 -18.10 9.62
N VAL D 134 -21.80 -18.54 8.98
CA VAL D 134 -21.38 -17.99 7.70
C VAL D 134 -22.43 -18.33 6.63
N LEU D 135 -22.98 -19.55 6.64
CA LEU D 135 -23.96 -19.88 5.61
C LEU D 135 -25.27 -19.12 5.80
N ASP D 136 -25.61 -18.82 7.07
CA ASP D 136 -26.83 -18.09 7.36
C ASP D 136 -26.76 -16.68 6.74
N ALA D 137 -25.55 -16.17 6.50
CA ALA D 137 -25.40 -14.84 5.90
C ALA D 137 -26.07 -14.74 4.53
N LEU D 138 -26.23 -15.88 3.85
CA LEU D 138 -26.88 -15.93 2.56
C LEU D 138 -28.36 -15.58 2.62
N LYS D 139 -28.96 -15.60 3.82
CA LYS D 139 -30.38 -15.33 3.98
C LYS D 139 -30.63 -13.90 4.38
N ALA D 140 -29.57 -13.10 4.61
CA ALA D 140 -29.74 -11.75 5.11
C ALA D 140 -30.32 -10.86 4.04
N ASP D 141 -30.94 -9.78 4.51
CA ASP D 141 -31.32 -8.68 3.64
C ASP D 141 -30.21 -7.63 3.70
N PRO D 142 -29.62 -7.26 2.54
CA PRO D 142 -28.54 -6.25 2.49
C PRO D 142 -28.86 -4.89 3.11
N ARG D 143 -30.09 -4.39 2.89
CA ARG D 143 -30.49 -3.13 3.50
C ARG D 143 -30.54 -3.24 5.01
N LYS D 144 -31.14 -4.34 5.52
CA LYS D 144 -31.27 -4.49 6.96
C LYS D 144 -29.87 -4.68 7.56
N THR D 145 -28.95 -5.25 6.78
CA THR D 145 -27.56 -5.43 7.22
C THR D 145 -26.89 -4.06 7.34
N SER D 146 -27.08 -3.23 6.30
CA SER D 146 -26.59 -1.84 6.31
C SER D 146 -27.13 -1.11 7.53
N GLU D 147 -28.44 -1.23 7.78
CA GLU D 147 -29.04 -0.49 8.89
C GLU D 147 -28.46 -0.99 10.22
N LEU D 148 -28.25 -2.30 10.36
CA LEU D 148 -27.65 -2.82 11.59
C LEU D 148 -26.24 -2.23 11.78
N ALA D 149 -25.40 -2.35 10.75
CA ALA D 149 -24.02 -1.91 10.89
C ALA D 149 -23.99 -0.42 11.24
N GLN D 150 -24.81 0.40 10.57
CA GLN D 150 -24.77 1.84 10.81
C GLN D 150 -25.29 2.19 12.19
N SER D 151 -26.15 1.33 12.76
CA SER D 151 -26.60 1.55 14.12
C SER D 151 -25.48 1.29 15.14
N LEU D 152 -24.45 0.50 14.77
CA LEU D 152 -23.41 0.08 15.70
C LEU D 152 -22.14 0.91 15.57
N SER D 153 -21.93 1.53 14.40
CA SER D 153 -20.61 2.08 14.09
C SER D 153 -20.65 3.17 13.03
N SER D 154 -19.65 4.09 13.12
CA SER D 154 -19.37 5.09 12.12
CA SER D 154 -19.39 5.10 12.12
C SER D 154 -18.55 4.54 10.95
N TRP D 155 -18.12 3.28 11.05
CA TRP D 155 -17.27 2.71 10.01
C TRP D 155 -17.84 3.00 8.64
N PRO D 156 -17.05 3.48 7.64
CA PRO D 156 -17.66 3.89 6.38
C PRO D 156 -18.34 2.78 5.59
N LYS D 157 -17.74 1.59 5.58
CA LYS D 157 -18.06 0.52 4.64
C LYS D 157 -19.33 -0.19 5.11
N SER D 158 -20.50 0.34 4.73
CA SER D 158 -21.76 -0.11 5.32
C SER D 158 -22.91 -0.04 4.32
N SER D 159 -22.66 0.31 3.05
CA SER D 159 -23.75 0.50 2.10
C SER D 159 -24.50 -0.79 1.85
N PRO D 160 -25.82 -0.70 1.51
CA PRO D 160 -26.55 -1.89 1.10
C PRO D 160 -25.89 -2.60 -0.08
N GLY D 161 -25.34 -1.82 -1.03
CA GLY D 161 -24.67 -2.40 -2.18
C GLY D 161 -23.45 -3.22 -1.79
N TYR D 162 -22.71 -2.73 -0.79
CA TYR D 162 -21.53 -3.45 -0.29
C TYR D 162 -21.95 -4.80 0.28
N PHE D 163 -22.97 -4.78 1.14
CA PHE D 163 -23.40 -6.04 1.76
C PHE D 163 -23.96 -6.98 0.69
N PHE D 164 -24.62 -6.43 -0.33
CA PHE D 164 -25.09 -7.24 -1.43
C PHE D 164 -23.91 -7.90 -2.16
N ASP D 165 -22.85 -7.12 -2.41
CA ASP D 165 -21.69 -7.61 -3.13
C ASP D 165 -21.00 -8.69 -2.30
N VAL D 166 -20.86 -8.46 -0.98
CA VAL D 166 -20.27 -9.47 -0.07
C VAL D 166 -21.09 -10.77 -0.12
N GLN D 167 -22.41 -10.62 0.01
CA GLN D 167 -23.30 -11.78 0.01
C GLN D 167 -23.18 -12.53 -1.31
N ASN D 168 -23.12 -11.78 -2.41
CA ASN D 168 -22.98 -12.38 -3.73
C ASN D 168 -21.64 -13.08 -3.93
N ARG D 169 -20.56 -12.56 -3.31
CA ARG D 169 -19.29 -13.28 -3.38
C ARG D 169 -19.43 -14.64 -2.70
N LEU D 170 -20.07 -14.63 -1.54
CA LEU D 170 -20.26 -15.85 -0.76
C LEU D 170 -21.12 -16.84 -1.52
N LYS D 171 -22.23 -16.33 -2.06
CA LYS D 171 -23.14 -17.13 -2.87
C LYS D 171 -22.39 -17.82 -4.01
N LYS D 172 -21.61 -17.05 -4.77
CA LYS D 172 -20.81 -17.61 -5.88
C LYS D 172 -19.79 -18.65 -5.39
N PHE D 173 -19.20 -18.39 -4.22
CA PHE D 173 -18.18 -19.27 -3.66
C PHE D 173 -18.77 -20.66 -3.40
N VAL D 174 -19.98 -20.69 -2.83
CA VAL D 174 -20.59 -21.94 -2.40
C VAL D 174 -21.34 -22.62 -3.55
N GLU D 175 -21.65 -21.89 -4.63
CA GLU D 175 -22.46 -22.36 -5.75
CA GLU D 175 -22.49 -22.39 -5.70
C GLU D 175 -21.78 -23.51 -6.48
N GLY D 176 -20.44 -23.57 -6.45
CA GLY D 176 -19.68 -24.64 -7.11
C GLY D 176 -19.55 -25.91 -6.27
N GLY D 177 -19.98 -25.81 -5.02
CA GLY D 177 -19.90 -26.94 -4.12
C GLY D 177 -18.53 -27.10 -3.48
N GLN D 178 -17.61 -26.15 -3.72
CA GLN D 178 -16.29 -26.18 -3.07
C GLN D 178 -16.32 -25.25 -1.86
N LEU D 179 -16.82 -25.74 -0.73
CA LEU D 179 -17.07 -24.86 0.41
C LEU D 179 -15.77 -24.55 1.17
N GLY D 180 -14.66 -25.21 0.80
CA GLY D 180 -13.35 -24.92 1.36
C GLY D 180 -13.37 -24.98 2.89
N ILE D 181 -12.91 -23.89 3.52
CA ILE D 181 -12.83 -23.80 4.96
C ILE D 181 -14.21 -23.83 5.63
N PHE D 182 -15.33 -23.69 4.89
CA PHE D 182 -16.63 -23.73 5.51
C PHE D 182 -17.25 -25.13 5.44
N ARG D 183 -16.55 -26.07 4.77
CA ARG D 183 -17.14 -27.40 4.55
C ARG D 183 -17.31 -28.16 5.85
N ASN D 184 -18.50 -28.76 6.02
CA ASN D 184 -18.82 -29.64 7.13
C ASN D 184 -18.71 -28.89 8.46
N GLY D 185 -19.00 -27.59 8.43
CA GLY D 185 -19.07 -26.75 9.61
C GLY D 185 -20.34 -27.05 10.41
N TYR D 186 -20.54 -26.31 11.50
CA TYR D 186 -21.61 -26.54 12.47
C TYR D 186 -22.83 -25.66 12.19
N TRP D 187 -22.89 -25.14 10.96
CA TRP D 187 -23.90 -24.17 10.54
C TRP D 187 -25.28 -24.70 10.88
N GLY D 188 -26.13 -23.83 11.44
CA GLY D 188 -27.50 -24.21 11.81
C GLY D 188 -27.59 -24.78 13.22
N HIS D 189 -26.44 -25.02 13.89
CA HIS D 189 -26.44 -25.52 15.25
C HIS D 189 -27.24 -24.56 16.12
N PRO D 190 -28.08 -25.03 17.09
CA PRO D 190 -28.96 -24.13 17.81
C PRO D 190 -28.28 -23.04 18.63
N GLN D 191 -26.99 -23.23 18.97
CA GLN D 191 -26.23 -22.21 19.68
C GLN D 191 -25.81 -21.01 18.80
N TYR D 192 -25.94 -21.10 17.48
CA TYR D 192 -25.79 -19.92 16.64
C TYR D 192 -27.03 -19.05 16.80
N LYS D 193 -26.86 -17.88 17.39
CA LYS D 193 -27.95 -16.99 17.78
C LYS D 193 -28.02 -15.66 17.04
N LEU D 194 -27.04 -15.31 16.18
CA LEU D 194 -27.13 -14.05 15.47
C LEU D 194 -28.27 -14.11 14.47
N PRO D 195 -28.97 -12.97 14.23
CA PRO D 195 -29.86 -12.92 13.07
C PRO D 195 -29.07 -12.90 11.77
N PRO D 196 -29.69 -13.21 10.62
CA PRO D 196 -28.99 -13.22 9.34
C PRO D 196 -28.17 -11.96 9.06
N GLU D 197 -28.74 -10.78 9.38
CA GLU D 197 -28.09 -9.50 9.09
CA GLU D 197 -28.09 -9.50 9.09
C GLU D 197 -26.77 -9.39 9.88
N ALA D 198 -26.76 -9.88 11.12
CA ALA D 198 -25.57 -9.83 11.95
C ALA D 198 -24.55 -10.82 11.41
N ASN D 199 -25.01 -11.96 10.87
CA ASN D 199 -24.09 -12.92 10.26
C ASN D 199 -23.41 -12.30 9.03
N LEU D 200 -24.18 -11.56 8.22
CA LEU D 200 -23.62 -11.01 7.00
C LEU D 200 -22.63 -9.91 7.38
N MET D 201 -23.00 -9.11 8.36
CA MET D 201 -22.13 -8.06 8.83
C MET D 201 -20.83 -8.68 9.34
N GLY D 202 -20.92 -9.72 10.17
CA GLY D 202 -19.73 -10.36 10.69
C GLY D 202 -18.86 -11.00 9.62
N PHE D 203 -19.47 -11.61 8.60
CA PHE D 203 -18.73 -12.23 7.52
C PHE D 203 -17.99 -11.17 6.68
N ALA D 204 -18.67 -10.07 6.36
CA ALA D 204 -18.05 -8.95 5.66
C ALA D 204 -16.78 -8.53 6.41
N HIS D 205 -16.93 -8.39 7.72
CA HIS D 205 -15.85 -7.95 8.60
C HIS D 205 -14.74 -9.00 8.70
N TYR D 206 -15.08 -10.30 8.69
CA TYR D 206 -14.07 -11.36 8.56
C TYR D 206 -13.18 -11.07 7.36
N LEU D 207 -13.77 -10.77 6.21
CA LEU D 207 -13.04 -10.56 4.97
C LEU D 207 -12.22 -9.26 5.10
N GLU D 208 -12.85 -8.19 5.60
CA GLU D 208 -12.14 -6.91 5.77
C GLU D 208 -10.94 -7.07 6.69
N ALA D 209 -11.08 -7.89 7.74
CA ALA D 209 -10.02 -8.10 8.72
C ALA D 209 -8.86 -8.92 8.12
N LEU D 210 -9.21 -9.94 7.34
CA LEU D 210 -8.23 -10.76 6.65
C LEU D 210 -7.37 -9.87 5.77
N ASP D 211 -8.00 -8.95 5.04
CA ASP D 211 -7.24 -7.99 4.24
C ASP D 211 -6.42 -7.08 5.17
N PHE D 212 -7.07 -6.46 6.16
CA PHE D 212 -6.45 -5.35 6.84
C PHE D 212 -5.27 -5.82 7.69
N GLN D 213 -5.34 -7.03 8.26
CA GLN D 213 -4.31 -7.43 9.20
C GLN D 213 -2.91 -7.33 8.57
N ARG D 214 -2.80 -7.54 7.25
CA ARG D 214 -1.50 -7.51 6.59
C ARG D 214 -0.80 -6.14 6.72
N GLU D 215 -1.57 -5.08 6.93
CA GLU D 215 -1.03 -3.73 7.00
C GLU D 215 -0.36 -3.53 8.35
N ILE D 216 -0.94 -4.08 9.43
CA ILE D 216 -0.52 -3.76 10.78
C ILE D 216 0.98 -4.07 10.95
N VAL D 217 1.40 -5.21 10.41
CA VAL D 217 2.74 -5.75 10.61
C VAL D 217 3.79 -4.98 9.80
N LYS D 218 3.38 -4.01 8.96
CA LYS D 218 4.34 -3.14 8.30
C LYS D 218 5.17 -2.37 9.32
N ILE D 219 4.61 -2.18 10.54
CA ILE D 219 5.42 -1.59 11.60
C ILE D 219 6.58 -2.50 11.97
N HIS D 220 6.31 -3.81 12.12
CA HIS D 220 7.37 -4.78 12.34
C HIS D 220 8.41 -4.79 11.20
N ALA D 221 7.94 -4.58 9.97
CA ALA D 221 8.85 -4.58 8.83
C ALA D 221 9.79 -3.39 8.89
N VAL D 222 9.28 -2.23 9.31
CA VAL D 222 10.15 -1.04 9.38
C VAL D 222 11.26 -1.24 10.42
N PHE D 223 10.88 -1.59 11.66
CA PHE D 223 11.85 -1.66 12.74
C PHE D 223 12.58 -3.00 12.79
N GLY D 224 11.96 -4.05 12.24
CA GLY D 224 12.45 -5.40 12.47
C GLY D 224 12.70 -6.20 11.18
N GLY D 225 12.61 -5.53 10.02
CA GLY D 225 12.99 -6.12 8.74
C GLY D 225 11.88 -6.89 8.00
N LYS D 226 11.05 -7.62 8.74
CA LYS D 226 10.09 -8.52 8.14
C LYS D 226 9.09 -8.98 9.20
N ASN D 227 7.94 -9.47 8.69
CA ASN D 227 6.99 -10.15 9.54
C ASN D 227 6.33 -11.23 8.66
N PRO D 228 6.18 -12.49 9.12
CA PRO D 228 6.63 -12.98 10.43
C PRO D 228 8.14 -12.96 10.72
N HIS D 229 8.46 -13.04 12.03
CA HIS D 229 9.79 -13.26 12.57
C HIS D 229 10.73 -12.10 12.27
N PRO D 230 10.49 -10.92 12.87
CA PRO D 230 11.41 -9.79 12.73
C PRO D 230 12.71 -10.07 13.49
N ASN D 231 13.70 -9.19 13.31
CA ASN D 231 15.00 -9.28 13.92
C ASN D 231 15.16 -8.30 15.08
N TRP D 232 16.07 -8.65 16.00
CA TRP D 232 16.30 -7.98 17.27
C TRP D 232 17.78 -8.10 17.57
N ILE D 233 18.27 -7.37 18.58
CA ILE D 233 19.60 -7.63 19.14
C ILE D 233 19.60 -7.53 20.66
N VAL D 234 20.50 -8.30 21.24
CA VAL D 234 20.91 -8.06 22.61
C VAL D 234 21.63 -6.72 22.63
N GLY D 235 21.11 -5.82 23.46
CA GLY D 235 21.66 -4.48 23.56
C GLY D 235 20.72 -3.41 23.00
N GLY D 236 19.63 -3.79 22.30
CA GLY D 236 18.64 -2.83 21.88
C GLY D 236 17.92 -3.30 20.62
N MET D 237 18.06 -2.56 19.53
CA MET D 237 17.52 -2.96 18.24
C MET D 237 18.50 -2.55 17.15
N PRO D 238 18.56 -3.28 16.00
CA PRO D 238 19.54 -2.98 14.96
C PRO D 238 19.14 -1.88 13.98
N CYS D 239 17.90 -1.40 14.12
CA CYS D 239 17.32 -0.41 13.23
C CYS D 239 17.79 0.99 13.63
N ALA D 240 19.05 1.24 13.31
CA ALA D 240 19.70 2.54 13.55
C ALA D 240 18.87 3.67 12.94
N ILE D 241 18.85 4.80 13.67
CA ILE D 241 18.09 5.97 13.27
C ILE D 241 19.02 7.04 12.72
N ASN D 242 18.58 7.66 11.64
CA ASN D 242 19.24 8.84 11.09
C ASN D 242 18.15 9.72 10.47
N ILE D 243 17.90 10.89 11.07
CA ILE D 243 16.87 11.80 10.61
C ILE D 243 17.39 12.88 9.68
N ASP D 244 18.59 13.42 9.95
CA ASP D 244 19.01 14.69 9.33
C ASP D 244 20.47 14.71 8.87
N GLU D 245 21.06 13.52 8.61
N GLU D 245 21.06 13.52 8.61
CA GLU D 245 22.46 13.41 8.24
CA GLU D 245 22.46 13.41 8.23
C GLU D 245 22.57 12.61 6.95
C GLU D 245 22.56 12.63 6.94
N SER D 246 23.70 12.78 6.26
CA SER D 246 23.96 12.03 5.07
C SER D 246 23.75 10.55 5.35
N GLY D 247 23.15 9.86 4.37
CA GLY D 247 22.93 8.43 4.45
C GLY D 247 21.67 8.06 5.23
N ALA D 248 20.76 9.00 5.52
CA ALA D 248 19.52 8.66 6.20
C ALA D 248 18.70 7.65 5.38
N VAL D 249 18.94 7.65 4.07
CA VAL D 249 18.32 6.70 3.16
C VAL D 249 18.64 5.26 3.58
N GLY D 250 19.70 5.08 4.36
CA GLY D 250 20.12 3.77 4.81
C GLY D 250 19.67 3.38 6.21
N ALA D 251 18.71 4.12 6.79
CA ALA D 251 18.37 4.00 8.19
C ALA D 251 16.90 4.34 8.39
N VAL D 252 16.46 4.31 9.64
CA VAL D 252 15.14 4.76 10.04
C VAL D 252 15.14 6.28 10.02
N ASN D 253 14.48 6.83 9.01
CA ASN D 253 14.47 8.23 8.67
C ASN D 253 13.02 8.75 8.74
N MET D 254 12.82 10.03 8.43
CA MET D 254 11.51 10.62 8.54
C MET D 254 10.47 9.92 7.65
N GLU D 255 10.88 9.47 6.46
CA GLU D 255 9.92 8.79 5.58
C GLU D 255 9.49 7.45 6.20
N ARG D 256 10.45 6.72 6.79
N ARG D 256 10.44 6.72 6.80
CA ARG D 256 10.14 5.45 7.44
CA ARG D 256 10.13 5.45 7.44
C ARG D 256 9.19 5.68 8.62
C ARG D 256 9.19 5.68 8.62
N LEU D 257 9.47 6.71 9.42
CA LEU D 257 8.64 7.02 10.59
C LEU D 257 7.23 7.44 10.16
N ASN D 258 7.12 8.16 9.04
CA ASN D 258 5.83 8.56 8.49
C ASN D 258 5.03 7.33 8.10
N LEU D 259 5.69 6.33 7.48
CA LEU D 259 5.00 5.07 7.17
C LEU D 259 4.41 4.48 8.46
N VAL D 260 5.22 4.42 9.52
CA VAL D 260 4.77 3.82 10.77
C VAL D 260 3.53 4.58 11.27
N GLN D 261 3.61 5.92 11.34
CA GLN D 261 2.48 6.70 11.81
C GLN D 261 1.20 6.39 11.03
N SER D 262 1.31 6.29 9.71
CA SER D 262 0.13 6.03 8.88
CA SER D 262 0.14 6.01 8.87
C SER D 262 -0.51 4.69 9.27
N ILE D 263 0.32 3.67 9.56
CA ILE D 263 -0.20 2.36 9.93
C ILE D 263 -0.85 2.41 11.32
N ILE D 264 -0.26 3.14 12.25
CA ILE D 264 -0.85 3.25 13.58
C ILE D 264 -2.27 3.79 13.49
N THR D 265 -2.47 4.87 12.72
CA THR D 265 -3.77 5.53 12.69
C THR D 265 -4.80 4.57 12.09
N ARG D 266 -4.40 3.87 11.03
CA ARG D 266 -5.34 2.95 10.35
C ARG D 266 -5.70 1.79 11.29
N THR D 267 -4.71 1.34 12.09
CA THR D 267 -4.88 0.20 12.96
C THR D 267 -5.90 0.54 14.05
N ALA D 268 -5.73 1.69 14.69
CA ALA D 268 -6.67 2.18 15.71
C ALA D 268 -8.06 2.28 15.11
N ASP D 269 -8.17 2.84 13.90
CA ASP D 269 -9.46 3.04 13.25
CA ASP D 269 -9.47 3.04 13.28
C ASP D 269 -10.17 1.69 13.05
N PHE D 270 -9.44 0.70 12.50
CA PHE D 270 -10.07 -0.58 12.21
C PHE D 270 -10.54 -1.27 13.50
N ILE D 271 -9.68 -1.29 14.53
CA ILE D 271 -10.00 -1.92 15.78
C ILE D 271 -11.22 -1.24 16.41
N ASN D 272 -11.19 0.10 16.46
CA ASN D 272 -12.23 0.83 17.22
C ASN D 272 -13.57 0.80 16.51
N ASN D 273 -13.57 0.75 15.17
CA ASN D 273 -14.81 0.94 14.41
C ASN D 273 -15.33 -0.37 13.80
N VAL D 274 -14.52 -1.44 13.76
CA VAL D 274 -14.96 -2.72 13.22
C VAL D 274 -14.95 -3.78 14.31
N MET D 275 -13.80 -4.05 14.93
CA MET D 275 -13.74 -5.14 15.88
C MET D 275 -14.52 -4.86 17.17
N ILE D 276 -14.38 -3.67 17.75
CA ILE D 276 -15.03 -3.35 19.03
C ILE D 276 -16.55 -3.45 18.88
N PRO D 277 -17.20 -2.84 17.88
CA PRO D 277 -18.65 -3.00 17.74
C PRO D 277 -19.08 -4.43 17.43
N ASP D 278 -18.26 -5.22 16.69
CA ASP D 278 -18.58 -6.61 16.47
C ASP D 278 -18.50 -7.42 17.76
N ALA D 279 -17.54 -7.12 18.64
CA ALA D 279 -17.40 -7.85 19.90
C ALA D 279 -18.63 -7.58 20.77
N LEU D 280 -19.06 -6.32 20.80
CA LEU D 280 -20.25 -5.96 21.56
C LEU D 280 -21.49 -6.63 20.95
N ALA D 281 -21.56 -6.74 19.61
CA ALA D 281 -22.71 -7.32 18.96
C ALA D 281 -22.77 -8.81 19.27
N ILE D 282 -21.62 -9.49 19.25
CA ILE D 282 -21.62 -10.89 19.66
C ILE D 282 -22.09 -11.01 21.10
N GLY D 283 -21.65 -10.12 21.98
CA GLY D 283 -22.08 -10.11 23.37
C GLY D 283 -23.61 -9.97 23.45
N GLN D 284 -24.18 -9.04 22.66
CA GLN D 284 -25.61 -8.71 22.75
C GLN D 284 -26.47 -9.92 22.39
N PHE D 285 -26.02 -10.76 21.46
CA PHE D 285 -26.78 -11.91 20.99
C PHE D 285 -26.42 -13.21 21.70
N ASN D 286 -25.40 -13.22 22.56
CA ASN D 286 -24.91 -14.44 23.21
C ASN D 286 -24.68 -14.20 24.70
N LYS D 287 -25.60 -13.44 25.33
CA LYS D 287 -25.45 -13.12 26.73
C LYS D 287 -25.34 -14.36 27.64
N PRO D 288 -25.99 -15.50 27.37
CA PRO D 288 -25.81 -16.68 28.23
C PRO D 288 -24.36 -17.13 28.38
N TRP D 289 -23.51 -16.76 27.38
CA TRP D 289 -22.11 -17.16 27.40
C TRP D 289 -21.30 -16.29 28.34
N SER D 290 -21.94 -15.28 28.98
CA SER D 290 -21.32 -14.58 30.11
C SER D 290 -21.37 -15.40 31.41
N GLU D 291 -22.02 -16.57 31.39
CA GLU D 291 -22.12 -17.45 32.55
C GLU D 291 -21.55 -18.85 32.29
N ILE D 292 -20.93 -19.03 31.11
CA ILE D 292 -20.38 -20.32 30.68
C ILE D 292 -18.87 -20.16 30.56
N GLY D 293 -18.11 -21.21 30.97
CA GLY D 293 -16.66 -21.22 30.79
C GLY D 293 -15.89 -20.38 31.79
N THR D 294 -16.49 -20.07 32.95
CA THR D 294 -15.78 -19.29 33.94
C THR D 294 -14.42 -19.93 34.27
N GLY D 295 -14.42 -21.23 34.60
CA GLY D 295 -13.21 -21.93 35.04
C GLY D 295 -12.51 -21.25 36.21
N LEU D 296 -11.21 -21.04 36.05
CA LEU D 296 -10.37 -20.48 37.09
C LEU D 296 -10.47 -18.96 37.13
N SER D 297 -11.25 -18.34 36.23
CA SER D 297 -11.23 -16.90 36.12
C SER D 297 -11.88 -16.21 37.32
N ASP D 298 -12.69 -16.92 38.11
CA ASP D 298 -13.15 -16.35 39.36
C ASP D 298 -12.38 -16.88 40.58
N LYS D 299 -11.21 -17.50 40.37
CA LYS D 299 -10.44 -18.13 41.43
C LYS D 299 -8.98 -17.68 41.45
N CYS D 300 -8.23 -18.00 40.37
CA CYS D 300 -6.80 -17.76 40.30
C CYS D 300 -6.43 -17.21 38.92
N VAL D 301 -5.86 -16.00 38.90
CA VAL D 301 -5.42 -15.36 37.66
C VAL D 301 -4.06 -14.70 37.87
N LEU D 302 -3.27 -14.66 36.75
CA LEU D 302 -1.87 -14.31 36.84
C LEU D 302 -1.46 -13.40 35.67
N SER D 303 -0.73 -12.33 36.02
CA SER D 303 -0.05 -11.47 35.04
C SER D 303 1.35 -11.18 35.57
N TYR D 304 2.36 -11.21 34.70
CA TYR D 304 3.68 -10.76 35.07
C TYR D 304 3.82 -9.25 34.87
N GLY D 305 2.99 -8.70 33.98
CA GLY D 305 3.11 -7.31 33.59
C GLY D 305 4.02 -7.15 32.38
N ALA D 306 3.85 -6.00 31.72
CA ALA D 306 4.54 -5.74 30.48
C ALA D 306 4.62 -4.24 30.17
N PHE D 307 5.32 -3.94 29.08
CA PHE D 307 5.48 -2.58 28.58
C PHE D 307 6.17 -1.65 29.59
N PRO D 308 7.43 -1.90 29.93
CA PRO D 308 8.18 -1.01 30.85
C PRO D 308 8.29 0.35 30.18
N ASP D 309 7.76 1.39 30.81
CA ASP D 309 7.78 2.72 30.20
C ASP D 309 9.06 3.45 30.59
N ILE D 310 9.67 3.03 31.71
CA ILE D 310 10.93 3.57 32.15
C ILE D 310 11.97 2.56 31.70
N ALA D 311 12.84 2.94 30.77
CA ALA D 311 13.72 1.96 30.18
C ALA D 311 14.53 1.22 31.24
N ASN D 312 14.55 -0.12 31.11
CA ASN D 312 15.37 -1.02 31.92
C ASN D 312 14.83 -1.15 33.35
N ASP D 313 13.63 -0.61 33.59
CA ASP D 313 12.97 -0.71 34.88
C ASP D 313 11.76 -1.60 34.68
N PHE D 314 11.79 -2.80 35.31
CA PHE D 314 10.70 -3.75 35.17
C PHE D 314 9.80 -3.74 36.42
N GLY D 315 9.90 -2.70 37.23
CA GLY D 315 9.10 -2.60 38.44
C GLY D 315 7.70 -2.05 38.18
N GLU D 316 6.90 -2.01 39.27
CA GLU D 316 5.50 -1.65 39.23
C GLU D 316 5.27 -0.21 38.75
N LYS D 317 6.19 0.72 39.03
CA LYS D 317 5.98 2.09 38.59
C LYS D 317 6.25 2.26 37.09
N SER D 318 6.89 1.26 36.45
CA SER D 318 7.29 1.35 35.06
C SER D 318 6.32 0.60 34.13
N LEU D 319 5.91 -0.61 34.47
CA LEU D 319 5.11 -1.47 33.59
C LEU D 319 3.72 -0.86 33.37
N LEU D 320 3.41 -0.55 32.11
CA LEU D 320 2.13 0.03 31.75
C LEU D 320 0.99 -1.00 31.80
N MET D 321 1.34 -2.28 31.61
CA MET D 321 0.37 -3.36 31.80
C MET D 321 0.69 -4.03 33.12
N PRO D 322 -0.19 -3.86 34.15
CA PRO D 322 0.10 -4.36 35.49
C PRO D 322 0.41 -5.84 35.59
N GLY D 323 1.27 -6.17 36.57
CA GLY D 323 1.51 -7.54 36.98
C GLY D 323 0.84 -7.82 38.33
N GLY D 324 0.63 -9.11 38.61
CA GLY D 324 0.16 -9.53 39.92
C GLY D 324 -0.55 -10.88 39.83
N ALA D 325 -0.85 -11.45 41.00
CA ALA D 325 -1.57 -12.72 41.08
C ALA D 325 -2.72 -12.63 42.05
N VAL D 326 -3.82 -13.28 41.69
CA VAL D 326 -4.96 -13.48 42.57
C VAL D 326 -5.16 -14.98 42.77
N ILE D 327 -5.39 -15.39 44.03
CA ILE D 327 -5.72 -16.77 44.36
C ILE D 327 -6.94 -16.78 45.28
N ASN D 328 -7.61 -17.95 45.28
CA ASN D 328 -8.70 -18.26 46.21
C ASN D 328 -9.87 -17.31 46.03
N GLY D 329 -10.01 -16.71 44.84
CA GLY D 329 -11.04 -15.76 44.50
C GLY D 329 -10.98 -14.44 45.26
N ASP D 330 -9.81 -14.14 45.83
CA ASP D 330 -9.62 -12.96 46.65
C ASP D 330 -9.04 -11.85 45.78
N PHE D 331 -9.92 -11.19 45.04
CA PHE D 331 -9.50 -10.15 44.10
C PHE D 331 -9.11 -8.86 44.83
N ASN D 332 -9.23 -8.81 46.18
CA ASN D 332 -8.68 -7.73 47.00
C ASN D 332 -7.21 -7.90 47.35
N ASN D 333 -6.63 -9.06 47.03
CA ASN D 333 -5.23 -9.28 47.34
C ASN D 333 -4.55 -9.62 46.03
N VAL D 334 -4.22 -8.57 45.26
CA VAL D 334 -3.32 -8.74 44.15
C VAL D 334 -1.90 -8.89 44.69
N LEU D 335 -1.37 -10.09 44.56
CA LEU D 335 -0.11 -10.46 45.15
C LEU D 335 1.04 -10.17 44.20
N PRO D 336 2.22 -9.75 44.71
CA PRO D 336 3.37 -9.48 43.86
C PRO D 336 3.96 -10.80 43.39
N VAL D 337 4.46 -10.78 42.15
CA VAL D 337 5.07 -11.96 41.55
C VAL D 337 6.57 -11.74 41.43
N ASP D 338 7.32 -12.75 41.84
CA ASP D 338 8.76 -12.76 41.72
C ASP D 338 9.16 -13.98 40.95
N LEU D 339 9.74 -13.79 39.75
CA LEU D 339 10.10 -14.89 38.89
C LEU D 339 11.40 -15.57 39.28
N VAL D 340 12.14 -15.04 40.30
CA VAL D 340 13.34 -15.69 40.78
C VAL D 340 13.01 -16.59 41.97
N ASP D 341 11.88 -16.31 42.65
CA ASP D 341 11.54 -17.05 43.87
C ASP D 341 11.22 -18.52 43.55
N PRO D 342 12.02 -19.48 44.04
CA PRO D 342 11.82 -20.90 43.72
C PRO D 342 10.48 -21.46 44.20
N GLN D 343 9.83 -20.74 45.13
CA GLN D 343 8.56 -21.16 45.72
C GLN D 343 7.36 -20.62 44.92
N GLN D 344 7.58 -19.78 43.89
CA GLN D 344 6.46 -19.24 43.12
C GLN D 344 6.20 -20.07 41.87
N VAL D 345 6.87 -19.75 40.77
CA VAL D 345 6.64 -20.47 39.52
C VAL D 345 7.38 -21.80 39.54
N GLN D 346 6.60 -22.89 39.43
CA GLN D 346 7.14 -24.24 39.32
C GLN D 346 6.41 -25.00 38.23
N GLU D 347 7.13 -25.92 37.54
CA GLU D 347 6.46 -26.81 36.62
C GLU D 347 6.52 -28.26 37.08
N PHE D 348 5.36 -28.94 36.94
CA PHE D 348 5.18 -30.35 37.28
C PHE D 348 5.06 -31.15 35.99
N VAL D 349 5.51 -32.42 36.02
CA VAL D 349 5.39 -33.29 34.85
C VAL D 349 4.83 -34.68 35.16
N ASP D 350 4.22 -34.86 36.34
CA ASP D 350 3.65 -36.17 36.68
C ASP D 350 2.60 -36.59 35.67
N HIS D 351 1.93 -35.63 34.99
CA HIS D 351 0.93 -35.94 33.97
C HIS D 351 1.37 -35.54 32.56
N ALA D 352 2.68 -35.36 32.35
CA ALA D 352 3.20 -34.96 31.06
C ALA D 352 4.32 -35.90 30.62
N TRP D 353 4.68 -35.82 29.36
CA TRP D 353 5.64 -36.74 28.75
C TRP D 353 7.10 -36.28 28.90
N TYR D 354 7.56 -36.21 30.16
CA TYR D 354 8.87 -35.77 30.55
C TYR D 354 9.38 -36.57 31.75
N ARG D 355 10.71 -36.57 31.93
CA ARG D 355 11.32 -37.24 33.07
C ARG D 355 11.83 -36.21 34.06
N TYR D 356 11.50 -36.41 35.34
CA TYR D 356 12.08 -35.64 36.43
C TYR D 356 12.68 -36.66 37.40
N PRO D 357 13.68 -36.28 38.23
CA PRO D 357 14.08 -37.16 39.34
C PRO D 357 12.96 -37.51 40.31
N ASN D 358 12.11 -36.52 40.61
CA ASN D 358 10.94 -36.73 41.46
C ASN D 358 9.75 -36.03 40.78
N ASP D 359 8.85 -36.81 40.16
CA ASP D 359 7.70 -36.26 39.44
C ASP D 359 6.56 -35.83 40.36
N GLN D 360 6.75 -35.98 41.68
CA GLN D 360 5.75 -35.48 42.62
C GLN D 360 6.07 -34.07 43.11
N VAL D 361 7.16 -33.44 42.64
CA VAL D 361 7.46 -32.09 43.04
C VAL D 361 7.55 -31.25 41.77
N GLY D 362 7.44 -29.95 41.98
CA GLY D 362 7.54 -28.97 40.90
C GLY D 362 8.95 -28.40 40.85
N ARG D 363 9.40 -27.97 39.65
CA ARG D 363 10.71 -27.39 39.54
C ARG D 363 10.59 -25.97 38.99
N HIS D 364 11.20 -25.03 39.71
CA HIS D 364 11.35 -23.66 39.23
C HIS D 364 12.18 -23.71 37.95
N PRO D 365 11.93 -22.79 36.98
CA PRO D 365 12.63 -22.92 35.70
C PRO D 365 14.16 -22.85 35.75
N PHE D 366 14.77 -22.17 36.72
CA PHE D 366 16.22 -22.24 36.83
C PHE D 366 16.74 -23.63 37.22
N ASP D 367 15.81 -24.48 37.72
CA ASP D 367 16.06 -25.88 37.99
C ASP D 367 15.31 -26.76 36.99
N GLY D 368 14.90 -26.20 35.83
CA GLY D 368 14.02 -26.91 34.91
C GLY D 368 14.74 -28.01 34.19
N ILE D 369 13.98 -29.02 33.74
CA ILE D 369 14.52 -30.14 33.02
C ILE D 369 13.56 -30.44 31.89
N THR D 370 14.12 -30.65 30.70
CA THR D 370 13.33 -30.97 29.53
C THR D 370 13.93 -32.23 28.92
N ASP D 371 13.46 -33.37 29.44
CA ASP D 371 13.95 -34.69 29.06
C ASP D 371 12.73 -35.48 28.56
N PRO D 372 12.45 -35.43 27.25
CA PRO D 372 11.20 -35.94 26.72
C PRO D 372 11.04 -37.45 26.94
N TRP D 373 9.81 -37.86 27.31
CA TRP D 373 9.52 -39.24 27.59
C TRP D 373 8.09 -39.53 27.18
N TYR D 374 7.96 -40.09 25.98
CA TYR D 374 6.66 -40.39 25.46
C TYR D 374 6.18 -41.70 26.07
N ASN D 375 5.29 -41.59 27.06
CA ASN D 375 4.76 -42.72 27.79
C ASN D 375 3.31 -42.46 28.14
N PRO D 376 2.38 -42.78 27.21
CA PRO D 376 0.97 -42.53 27.44
C PRO D 376 0.35 -43.57 28.36
N GLY D 377 1.13 -44.58 28.74
CA GLY D 377 0.67 -45.62 29.64
C GLY D 377 -0.57 -46.34 29.10
N ASP D 378 -1.52 -46.60 30.01
CA ASP D 378 -2.63 -47.51 29.75
C ASP D 378 -3.75 -46.80 28.98
N VAL D 379 -3.49 -46.46 27.71
CA VAL D 379 -4.45 -45.81 26.84
C VAL D 379 -5.46 -46.86 26.37
N LYS D 380 -6.60 -46.37 25.91
CA LYS D 380 -7.43 -47.13 25.02
C LYS D 380 -6.80 -46.98 23.65
N GLY D 381 -6.25 -48.11 23.18
CA GLY D 381 -5.44 -48.20 21.96
C GLY D 381 -3.98 -48.58 22.27
N SER D 382 -3.07 -47.96 21.52
CA SER D 382 -1.64 -48.21 21.59
C SER D 382 -0.89 -46.88 21.58
N ASP D 383 0.40 -46.94 21.93
CA ASP D 383 1.33 -45.83 21.84
C ASP D 383 1.13 -45.05 20.53
N THR D 384 0.78 -45.70 19.40
CA THR D 384 0.79 -45.03 18.10
C THR D 384 -0.60 -44.99 17.51
N ASN D 385 -1.61 -45.40 18.29
CA ASN D 385 -2.96 -45.25 17.83
C ASN D 385 -3.84 -45.09 19.06
N ILE D 386 -4.01 -43.82 19.47
CA ILE D 386 -4.65 -43.50 20.72
C ILE D 386 -6.15 -43.30 20.46
N GLN D 387 -7.01 -44.14 21.08
CA GLN D 387 -8.44 -43.90 21.05
C GLN D 387 -8.83 -43.03 22.26
N GLN D 388 -8.25 -43.30 23.42
CA GLN D 388 -8.46 -42.46 24.57
C GLN D 388 -7.18 -42.35 25.37
N LEU D 389 -6.74 -41.12 25.64
CA LEU D 389 -5.69 -40.86 26.61
C LEU D 389 -6.12 -41.36 27.97
N ASN D 390 -5.11 -41.62 28.81
CA ASN D 390 -5.31 -41.94 30.20
C ASN D 390 -4.83 -40.77 31.06
N GLU D 391 -5.82 -39.94 31.45
CA GLU D 391 -5.59 -38.74 32.22
C GLU D 391 -5.21 -39.01 33.67
N GLN D 392 -5.35 -40.27 34.14
CA GLN D 392 -4.76 -40.68 35.40
C GLN D 392 -3.24 -40.78 35.35
N GLU D 393 -2.65 -40.86 34.12
CA GLU D 393 -1.18 -40.93 34.02
CA GLU D 393 -1.22 -41.01 33.90
C GLU D 393 -0.72 -39.82 33.09
N ARG D 394 0.29 -40.03 32.25
CA ARG D 394 0.85 -38.92 31.46
C ARG D 394 0.05 -38.78 30.17
N TYR D 395 -0.35 -37.53 29.82
CA TYR D 395 -1.28 -37.35 28.72
C TYR D 395 -1.04 -36.12 27.84
N SER D 396 0.16 -35.50 27.92
CA SER D 396 0.41 -34.26 27.20
C SER D 396 1.90 -33.98 27.02
N TRP D 397 2.23 -33.25 25.93
CA TRP D 397 3.55 -32.65 25.76
C TRP D 397 3.66 -31.33 26.51
N ILE D 398 2.59 -30.89 27.19
CA ILE D 398 2.63 -29.62 27.91
C ILE D 398 2.97 -29.86 29.37
N LYS D 399 3.96 -29.15 29.90
CA LYS D 399 4.26 -29.21 31.32
C LYS D 399 3.17 -28.48 32.09
N ALA D 400 3.06 -28.75 33.40
CA ALA D 400 2.03 -28.14 34.25
C ALA D 400 2.61 -27.06 35.16
N PRO D 401 2.54 -25.76 34.78
CA PRO D 401 3.00 -24.69 35.68
C PRO D 401 1.97 -24.43 36.74
N ARG D 402 2.47 -24.05 37.91
CA ARG D 402 1.68 -23.60 39.03
C ARG D 402 2.37 -22.41 39.66
N TRP D 403 1.61 -21.59 40.41
CA TRP D 403 2.18 -20.43 41.11
C TRP D 403 1.87 -20.60 42.60
N ARG D 404 2.92 -20.84 43.38
CA ARG D 404 2.80 -21.18 44.78
C ARG D 404 1.87 -22.39 44.95
N GLY D 405 1.93 -23.30 43.98
CA GLY D 405 1.15 -24.50 44.03
C GLY D 405 -0.24 -24.37 43.44
N ASN D 406 -0.65 -23.14 43.08
CA ASN D 406 -2.00 -22.88 42.62
C ASN D 406 -2.05 -22.97 41.10
N ALA D 407 -3.17 -23.50 40.57
CA ALA D 407 -3.43 -23.48 39.14
C ALA D 407 -4.07 -22.15 38.73
N MET D 408 -3.49 -21.50 37.69
CA MET D 408 -3.79 -20.12 37.35
C MET D 408 -4.31 -20.01 35.91
N GLU D 409 -5.18 -19.03 35.66
CA GLU D 409 -5.54 -18.61 34.30
C GLU D 409 -4.71 -17.37 33.94
N VAL D 410 -4.15 -17.34 32.73
CA VAL D 410 -3.41 -16.20 32.16
C VAL D 410 -4.10 -15.70 30.90
N GLY D 411 -3.75 -14.49 30.46
CA GLY D 411 -4.23 -13.95 29.20
C GLY D 411 -5.08 -12.69 29.40
N PRO D 412 -5.78 -12.21 28.36
CA PRO D 412 -6.49 -10.91 28.38
C PRO D 412 -7.46 -10.75 29.55
N LEU D 413 -8.24 -11.79 29.83
CA LEU D 413 -9.18 -11.73 30.96
C LEU D 413 -8.42 -11.62 32.27
N ALA D 414 -7.40 -12.48 32.48
CA ALA D 414 -6.57 -12.42 33.67
C ALA D 414 -6.01 -11.02 33.86
N ARG D 415 -5.40 -10.46 32.79
CA ARG D 415 -4.80 -9.13 32.89
C ARG D 415 -5.84 -8.08 33.25
N THR D 416 -7.01 -8.16 32.62
CA THR D 416 -8.06 -7.18 32.82
C THR D 416 -8.47 -7.22 34.29
N LEU D 417 -8.63 -8.44 34.82
CA LEU D 417 -8.96 -8.60 36.24
C LEU D 417 -7.90 -8.02 37.15
N ILE D 418 -6.64 -8.30 36.87
CA ILE D 418 -5.53 -7.82 37.69
C ILE D 418 -5.51 -6.29 37.67
N ALA D 419 -5.61 -5.70 36.47
CA ALA D 419 -5.51 -4.25 36.38
C ALA D 419 -6.73 -3.58 37.02
N TYR D 420 -7.90 -4.19 36.85
CA TYR D 420 -9.16 -3.70 37.40
C TYR D 420 -9.01 -3.61 38.91
N HIS D 421 -8.52 -4.70 39.51
CA HIS D 421 -8.46 -4.77 40.97
C HIS D 421 -7.26 -4.05 41.55
N LYS D 422 -6.29 -3.66 40.70
CA LYS D 422 -5.25 -2.76 41.19
C LYS D 422 -5.71 -1.30 41.11
N GLY D 423 -6.85 -1.03 40.46
CA GLY D 423 -7.43 0.31 40.40
C GLY D 423 -6.93 1.12 39.21
N ASP D 424 -6.44 0.46 38.16
CA ASP D 424 -6.08 1.15 36.93
C ASP D 424 -7.33 1.84 36.36
N ALA D 425 -7.29 3.17 36.33
CA ALA D 425 -8.46 3.96 35.94
C ALA D 425 -9.01 3.57 34.56
N ALA D 426 -8.11 3.46 33.58
CA ALA D 426 -8.54 3.19 32.21
C ALA D 426 -9.20 1.81 32.14
N THR D 427 -8.65 0.81 32.85
CA THR D 427 -9.23 -0.53 32.81
C THR D 427 -10.62 -0.51 33.47
N VAL D 428 -10.72 0.12 34.65
CA VAL D 428 -11.98 0.15 35.38
C VAL D 428 -13.05 0.78 34.50
N GLU D 429 -12.72 1.91 33.86
CA GLU D 429 -13.71 2.57 33.01
C GLU D 429 -14.08 1.68 31.82
N SER D 430 -13.10 1.06 31.16
CA SER D 430 -13.41 0.25 29.98
C SER D 430 -14.34 -0.91 30.35
N VAL D 431 -14.01 -1.61 31.44
CA VAL D 431 -14.75 -2.77 31.88
C VAL D 431 -16.18 -2.35 32.26
N ASP D 432 -16.28 -1.33 33.11
CA ASP D 432 -17.57 -0.85 33.58
C ASP D 432 -18.45 -0.48 32.39
N ARG D 433 -17.88 0.23 31.41
CA ARG D 433 -18.67 0.70 30.29
C ARG D 433 -19.08 -0.47 29.42
N MET D 434 -18.19 -1.44 29.23
CA MET D 434 -18.44 -2.57 28.36
C MET D 434 -19.60 -3.40 28.94
N MET D 435 -19.54 -3.65 30.23
CA MET D 435 -20.53 -4.54 30.83
C MET D 435 -21.85 -3.77 30.96
N SER D 436 -21.76 -2.45 31.17
CA SER D 436 -22.96 -1.61 31.20
C SER D 436 -23.70 -1.69 29.86
N ALA D 437 -22.93 -1.65 28.76
CA ALA D 437 -23.50 -1.64 27.44
C ALA D 437 -24.29 -2.92 27.19
N LEU D 438 -23.88 -4.03 27.81
CA LEU D 438 -24.56 -5.30 27.64
C LEU D 438 -25.63 -5.57 28.71
N ASN D 439 -25.83 -4.64 29.63
CA ASN D 439 -26.66 -4.89 30.81
C ASN D 439 -26.26 -6.18 31.53
N LEU D 440 -24.94 -6.36 31.73
CA LEU D 440 -24.44 -7.50 32.47
C LEU D 440 -23.70 -7.03 33.70
N PRO D 441 -23.68 -7.88 34.76
CA PRO D 441 -22.87 -7.65 35.94
C PRO D 441 -21.38 -7.75 35.58
N LEU D 442 -20.54 -7.17 36.44
CA LEU D 442 -19.09 -7.22 36.24
C LEU D 442 -18.61 -8.68 36.18
N SER D 443 -19.24 -9.56 36.96
CA SER D 443 -18.90 -10.98 37.03
C SER D 443 -19.02 -11.62 35.64
N GLY D 444 -19.84 -11.04 34.76
CA GLY D 444 -20.03 -11.57 33.41
C GLY D 444 -18.75 -11.58 32.56
N ILE D 445 -17.73 -10.81 32.95
CA ILE D 445 -16.45 -10.85 32.25
C ILE D 445 -15.70 -12.16 32.56
N GLN D 446 -16.05 -12.82 33.67
CA GLN D 446 -15.41 -14.07 34.09
C GLN D 446 -16.09 -15.26 33.41
N SER D 447 -15.78 -15.45 32.12
CA SER D 447 -16.58 -16.29 31.27
C SER D 447 -15.94 -16.43 29.89
N THR D 448 -16.45 -17.38 29.10
CA THR D 448 -16.01 -17.52 27.73
C THR D 448 -16.30 -16.25 26.92
N LEU D 449 -17.47 -15.65 27.11
CA LEU D 449 -17.78 -14.41 26.40
C LEU D 449 -16.82 -13.34 26.88
N GLY D 450 -16.59 -13.30 28.19
CA GLY D 450 -15.73 -12.28 28.75
C GLY D 450 -14.31 -12.32 28.20
N ARG D 451 -13.77 -13.53 27.96
CA ARG D 451 -12.44 -13.62 27.41
C ARG D 451 -12.36 -12.92 26.05
N ILE D 452 -13.39 -13.09 25.22
CA ILE D 452 -13.46 -12.46 23.90
C ILE D 452 -13.60 -10.94 24.03
N LEU D 453 -14.49 -10.49 24.95
CA LEU D 453 -14.65 -9.06 25.16
C LEU D 453 -13.37 -8.40 25.64
N CYS D 454 -12.69 -9.02 26.60
CA CYS D 454 -11.45 -8.49 27.11
C CYS D 454 -10.38 -8.41 26.01
N ARG D 455 -10.32 -9.42 25.15
CA ARG D 455 -9.34 -9.42 24.08
C ARG D 455 -9.57 -8.24 23.14
N ALA D 456 -10.83 -7.96 22.81
CA ALA D 456 -11.16 -6.86 21.91
C ALA D 456 -10.79 -5.52 22.57
N HIS D 457 -11.22 -5.30 23.85
N HIS D 457 -11.11 -5.34 23.85
CA HIS D 457 -10.75 -4.22 24.72
CA HIS D 457 -10.79 -4.09 24.51
C HIS D 457 -9.25 -3.99 24.57
C HIS D 457 -9.26 -3.95 24.75
N GLU D 458 -8.50 -5.06 24.81
CA GLU D 458 -7.05 -4.98 24.82
C GLU D 458 -6.48 -4.55 23.47
N ALA D 459 -7.10 -4.95 22.36
CA ALA D 459 -6.65 -4.48 21.07
C ALA D 459 -6.80 -2.95 20.99
N GLN D 460 -7.91 -2.40 21.51
CA GLN D 460 -8.08 -0.96 21.57
C GLN D 460 -7.01 -0.32 22.45
N TRP D 461 -6.76 -0.90 23.62
CA TRP D 461 -5.79 -0.38 24.56
C TRP D 461 -4.40 -0.32 23.88
N ALA D 462 -4.02 -1.43 23.21
CA ALA D 462 -2.73 -1.51 22.57
C ALA D 462 -2.59 -0.52 21.41
N ALA D 463 -3.69 -0.28 20.66
CA ALA D 463 -3.65 0.65 19.55
C ALA D 463 -3.39 2.04 20.11
N GLY D 464 -4.01 2.39 21.24
CA GLY D 464 -3.72 3.66 21.91
C GLY D 464 -2.28 3.78 22.39
N LYS D 465 -1.74 2.71 22.97
CA LYS D 465 -0.38 2.73 23.48
C LYS D 465 0.62 2.86 22.33
N LEU D 466 0.31 2.26 21.18
CA LEU D 466 1.12 2.39 19.97
C LEU D 466 1.43 3.84 19.66
N GLN D 467 0.39 4.70 19.71
CA GLN D 467 0.59 6.11 19.40
C GLN D 467 1.43 6.76 20.50
N TYR D 468 1.13 6.39 21.74
CA TYR D 468 1.88 6.92 22.88
C TYR D 468 3.37 6.65 22.73
N PHE D 469 3.71 5.39 22.42
CA PHE D 469 5.11 5.03 22.25
C PHE D 469 5.74 5.76 21.07
N PHE D 470 5.03 5.83 19.95
CA PHE D 470 5.52 6.52 18.78
C PHE D 470 5.82 7.97 19.14
N ASP D 471 4.90 8.64 19.84
CA ASP D 471 5.12 10.02 20.24
C ASP D 471 6.33 10.18 21.16
N LYS D 472 6.56 9.20 22.05
CA LYS D 472 7.74 9.19 22.91
C LYS D 472 9.00 9.12 22.07
N LEU D 473 8.99 8.24 21.05
CA LEU D 473 10.15 8.11 20.18
C LEU D 473 10.43 9.47 19.51
N MET D 474 9.37 10.11 18.97
CA MET D 474 9.54 11.35 18.25
C MET D 474 10.05 12.47 19.18
N THR D 475 9.55 12.46 20.42
CA THR D 475 10.04 13.40 21.44
C THR D 475 11.54 13.23 21.62
N ASN D 476 12.03 12.00 21.75
CA ASN D 476 13.47 11.78 21.89
C ASN D 476 14.24 12.33 20.67
N LEU D 477 13.70 12.08 19.47
CA LEU D 477 14.37 12.51 18.25
C LEU D 477 14.44 14.04 18.19
N LYS D 478 13.37 14.69 18.62
CA LYS D 478 13.34 16.15 18.63
C LYS D 478 14.45 16.67 19.54
N ASN D 479 14.72 15.94 20.63
CA ASN D 479 15.77 16.27 21.59
C ASN D 479 17.17 15.79 21.19
N GLY D 480 17.34 15.20 20.00
CA GLY D 480 18.62 14.74 19.52
C GLY D 480 19.09 13.41 20.13
N ASN D 481 18.17 12.66 20.73
CA ASN D 481 18.44 11.39 21.40
C ASN D 481 18.10 10.31 20.39
N LEU D 482 19.13 9.77 19.71
CA LEU D 482 18.96 8.86 18.59
C LEU D 482 19.34 7.41 18.94
N ALA D 483 20.00 7.19 20.08
CA ALA D 483 20.64 5.89 20.29
C ALA D 483 19.63 4.72 20.27
N THR D 484 20.05 3.60 19.63
CA THR D 484 19.26 2.37 19.57
C THR D 484 20.01 1.15 20.09
N ALA D 485 21.29 1.24 20.45
CA ALA D 485 21.99 0.08 21.00
C ALA D 485 23.03 0.48 22.05
N SER D 486 23.19 -0.40 23.02
CA SER D 486 24.30 -0.45 23.96
C SER D 486 25.16 -1.62 23.53
N THR D 487 26.48 -1.40 23.39
CA THR D 487 27.35 -2.46 22.90
C THR D 487 28.58 -2.68 23.79
N GLU D 488 28.64 -2.03 24.96
CA GLU D 488 29.84 -2.19 25.78
C GLU D 488 29.94 -3.62 26.36
N LYS D 489 28.84 -4.38 26.38
CA LYS D 489 28.89 -5.78 26.77
C LYS D 489 28.43 -6.69 25.64
N TRP D 490 28.72 -6.33 24.38
CA TRP D 490 28.41 -7.18 23.25
C TRP D 490 29.35 -8.38 23.19
N GLU D 491 30.62 -8.18 23.54
CA GLU D 491 31.64 -9.22 23.39
C GLU D 491 31.55 -10.24 24.54
N PRO D 492 31.55 -11.56 24.28
CA PRO D 492 31.48 -12.56 25.37
C PRO D 492 32.51 -12.42 26.50
N ALA D 493 33.70 -11.88 26.19
CA ALA D 493 34.70 -11.75 27.23
C ALA D 493 34.34 -10.71 28.28
N THR D 494 33.31 -9.88 28.03
CA THR D 494 32.85 -8.92 29.00
C THR D 494 31.81 -9.48 29.94
N TRP D 495 31.32 -10.69 29.65
CA TRP D 495 30.23 -11.25 30.45
C TRP D 495 30.78 -11.96 31.69
N PRO D 496 29.95 -12.06 32.73
CA PRO D 496 30.29 -12.89 33.89
C PRO D 496 30.50 -14.33 33.42
N THR D 497 31.48 -15.03 34.02
CA THR D 497 31.69 -16.44 33.69
C THR D 497 30.43 -17.26 33.90
N GLU D 498 29.73 -16.95 34.99
CA GLU D 498 28.44 -17.58 35.27
C GLU D 498 27.43 -16.52 35.70
N CYS D 499 26.28 -16.49 35.02
CA CYS D 499 25.24 -15.54 35.40
C CYS D 499 23.88 -16.09 34.92
N ARG D 500 22.81 -15.55 35.48
CA ARG D 500 21.49 -15.96 35.06
CA ARG D 500 21.49 -15.98 35.07
C ARG D 500 20.52 -14.79 35.05
N GLY D 501 19.49 -14.91 34.20
CA GLY D 501 18.55 -13.82 34.02
C GLY D 501 17.15 -14.35 33.70
N VAL D 502 16.18 -13.45 33.91
CA VAL D 502 14.78 -13.71 33.60
CA VAL D 502 14.82 -13.75 33.53
C VAL D 502 14.33 -12.60 32.65
N GLY D 503 13.71 -13.00 31.55
CA GLY D 503 13.04 -12.07 30.65
C GLY D 503 11.57 -12.39 30.68
N PHE D 504 10.73 -11.39 31.01
CA PHE D 504 9.30 -11.63 31.10
C PHE D 504 8.51 -10.53 30.41
N THR D 505 7.32 -10.92 29.94
CA THR D 505 6.40 -9.98 29.33
C THR D 505 5.00 -10.60 29.35
N GLU D 506 4.05 -9.87 28.75
CA GLU D 506 2.71 -10.34 28.53
C GLU D 506 2.55 -10.47 27.02
N ALA D 507 2.58 -11.71 26.57
CA ALA D 507 2.29 -12.05 25.19
C ALA D 507 0.79 -11.90 25.00
N PRO D 508 0.33 -11.87 23.75
CA PRO D 508 -1.13 -11.84 23.50
C PRO D 508 -1.95 -12.82 24.32
N ARG D 509 -1.40 -14.00 24.59
CA ARG D 509 -2.14 -15.04 25.29
C ARG D 509 -1.90 -15.08 26.79
N GLY D 510 -0.95 -14.29 27.31
CA GLY D 510 -0.72 -14.23 28.74
C GLY D 510 0.77 -14.15 29.10
N ALA D 511 1.03 -14.50 30.36
CA ALA D 511 2.33 -14.33 31.00
C ALA D 511 3.38 -15.24 30.37
N LEU D 512 4.48 -14.66 29.88
CA LEU D 512 5.61 -15.34 29.29
C LEU D 512 6.88 -15.05 30.09
N GLY D 513 7.64 -16.11 30.35
CA GLY D 513 8.95 -16.01 30.97
C GLY D 513 9.94 -16.89 30.23
N HIS D 514 11.16 -16.36 30.07
CA HIS D 514 12.35 -17.09 29.66
C HIS D 514 13.38 -16.96 30.78
N TRP D 515 13.89 -18.10 31.26
CA TRP D 515 14.91 -18.17 32.28
C TRP D 515 16.17 -18.71 31.63
N ALA D 516 17.24 -17.90 31.69
CA ALA D 516 18.46 -18.27 30.99
C ALA D 516 19.63 -18.26 31.96
N ALA D 517 20.46 -19.29 31.85
CA ALA D 517 21.73 -19.35 32.57
C ALA D 517 22.84 -19.34 31.52
N ILE D 518 23.83 -18.45 31.73
CA ILE D 518 24.97 -18.37 30.86
C ILE D 518 26.17 -18.88 31.64
N ARG D 519 27.01 -19.70 31.02
CA ARG D 519 28.25 -20.14 31.64
C ARG D 519 29.29 -20.27 30.56
N ASP D 520 30.46 -19.64 30.79
CA ASP D 520 31.56 -19.78 29.85
C ASP D 520 31.17 -19.32 28.44
N GLY D 521 30.40 -18.23 28.37
CA GLY D 521 30.04 -17.57 27.13
C GLY D 521 28.96 -18.31 26.34
N LYS D 522 28.37 -19.38 26.91
CA LYS D 522 27.38 -20.18 26.19
C LYS D 522 26.13 -20.36 27.04
N ILE D 523 25.01 -20.68 26.36
CA ILE D 523 23.79 -20.96 27.08
CA ILE D 523 23.78 -20.98 27.06
C ILE D 523 23.95 -22.31 27.79
N ASP D 524 23.83 -22.27 29.10
CA ASP D 524 23.97 -23.44 29.94
C ASP D 524 22.61 -24.05 30.21
N LEU D 525 21.58 -23.20 30.39
CA LEU D 525 20.20 -23.63 30.56
C LEU D 525 19.30 -22.55 29.96
N TYR D 526 18.20 -22.97 29.34
CA TYR D 526 17.25 -22.02 28.76
C TYR D 526 15.87 -22.66 28.89
N GLN D 527 15.06 -22.15 29.83
CA GLN D 527 13.77 -22.74 30.11
C GLN D 527 12.70 -21.68 29.85
N CYS D 528 11.67 -22.12 29.13
CA CYS D 528 10.56 -21.26 28.79
C CYS D 528 9.29 -21.75 29.47
N VAL D 529 8.52 -20.84 30.01
CA VAL D 529 7.18 -21.11 30.48
C VAL D 529 6.29 -20.10 29.78
N VAL D 530 5.33 -20.58 28.96
CA VAL D 530 4.61 -19.74 28.01
C VAL D 530 3.11 -19.73 28.33
N PRO D 531 2.37 -18.70 27.93
CA PRO D 531 1.01 -18.56 28.42
C PRO D 531 0.12 -19.78 28.20
N THR D 532 0.18 -20.36 27.00
CA THR D 532 -0.64 -21.54 26.77
C THR D 532 -0.11 -22.77 27.55
N THR D 533 1.14 -22.75 28.02
CA THR D 533 1.60 -23.78 28.95
C THR D 533 0.73 -23.74 30.21
N TRP D 534 0.53 -22.52 30.74
CA TRP D 534 -0.35 -22.35 31.88
C TRP D 534 -1.77 -22.82 31.52
N ASN D 535 -2.38 -22.22 30.51
CA ASN D 535 -3.82 -22.41 30.31
C ASN D 535 -4.16 -23.85 29.93
N ALA D 536 -3.34 -24.47 29.06
CA ALA D 536 -3.60 -25.81 28.52
C ALA D 536 -2.98 -26.90 29.39
N SER D 537 -2.45 -26.52 30.57
CA SER D 537 -1.74 -27.39 31.52
C SER D 537 -2.50 -28.68 31.78
N PRO D 538 -1.81 -29.83 31.89
CA PRO D 538 -2.41 -31.02 32.50
C PRO D 538 -2.41 -30.90 34.02
N ARG D 539 -2.87 -31.98 34.68
CA ARG D 539 -2.97 -32.02 36.13
C ARG D 539 -1.60 -32.10 36.81
N ASP D 540 -1.64 -31.91 38.13
CA ASP D 540 -0.50 -31.92 39.02
C ASP D 540 -0.65 -33.06 40.04
N PRO D 541 0.31 -33.27 40.96
CA PRO D 541 0.24 -34.43 41.87
C PRO D 541 -1.01 -34.43 42.77
N LYS D 542 -1.59 -33.25 43.02
CA LYS D 542 -2.79 -33.15 43.83
C LYS D 542 -4.03 -33.34 42.97
N GLY D 543 -3.86 -33.50 41.64
CA GLY D 543 -4.96 -33.66 40.72
C GLY D 543 -5.63 -32.34 40.32
N GLN D 544 -5.01 -31.21 40.69
CA GLN D 544 -5.56 -29.91 40.32
C GLN D 544 -5.54 -29.72 38.80
N ILE D 545 -6.66 -29.21 38.28
CA ILE D 545 -6.85 -29.00 36.87
C ILE D 545 -6.47 -27.57 36.47
N GLY D 546 -6.01 -27.46 35.22
CA GLY D 546 -5.67 -26.19 34.61
C GLY D 546 -6.85 -25.44 34.02
N ALA D 547 -6.55 -24.26 33.43
CA ALA D 547 -7.57 -23.32 33.05
C ALA D 547 -8.53 -23.86 32.00
N TYR D 548 -8.03 -24.57 30.97
CA TYR D 548 -8.88 -25.10 29.92
C TYR D 548 -9.79 -26.20 30.52
N GLU D 549 -9.19 -27.12 31.27
CA GLU D 549 -9.98 -28.20 31.88
C GLU D 549 -11.10 -27.64 32.75
N ALA D 550 -10.77 -26.69 33.60
CA ALA D 550 -11.73 -26.05 34.50
C ALA D 550 -12.83 -25.34 33.72
N ALA D 551 -12.46 -24.57 32.66
CA ALA D 551 -13.44 -23.83 31.88
C ALA D 551 -14.41 -24.77 31.18
N LEU D 552 -13.95 -25.95 30.80
CA LEU D 552 -14.80 -26.88 30.07
C LEU D 552 -15.71 -27.65 31.04
N MET D 553 -15.26 -27.86 32.29
CA MET D 553 -16.09 -28.54 33.29
C MET D 553 -17.49 -27.89 33.36
N ASN D 554 -18.52 -28.75 33.52
CA ASN D 554 -19.89 -28.36 33.79
C ASN D 554 -20.58 -27.73 32.59
N THR D 555 -19.99 -27.82 31.37
CA THR D 555 -20.56 -27.22 30.18
C THR D 555 -21.65 -28.09 29.57
N LYS D 556 -22.80 -27.50 29.23
CA LYS D 556 -23.84 -28.16 28.47
C LYS D 556 -23.48 -28.22 26.99
N MET D 557 -23.77 -29.37 26.33
CA MET D 557 -23.65 -29.52 24.89
C MET D 557 -25.03 -29.83 24.31
N ALA D 558 -25.44 -29.13 23.25
CA ALA D 558 -26.73 -29.36 22.61
C ALA D 558 -26.73 -30.70 21.88
N ILE D 559 -25.59 -31.02 21.24
CA ILE D 559 -25.40 -32.13 20.34
C ILE D 559 -24.03 -32.73 20.63
N PRO D 560 -23.95 -33.83 21.38
CA PRO D 560 -22.65 -34.38 21.77
C PRO D 560 -21.61 -34.57 20.66
N GLU D 561 -22.06 -34.96 19.47
CA GLU D 561 -21.18 -35.29 18.36
C GLU D 561 -20.57 -34.02 17.73
N GLN D 562 -21.14 -32.84 18.04
CA GLN D 562 -20.72 -31.56 17.46
C GLN D 562 -20.12 -30.67 18.53
N PRO D 563 -18.79 -30.55 18.58
CA PRO D 563 -18.15 -29.88 19.73
C PRO D 563 -18.19 -28.36 19.74
N LEU D 564 -19.29 -27.75 19.29
CA LEU D 564 -19.32 -26.29 19.14
C LEU D 564 -19.03 -25.62 20.48
N GLU D 565 -19.62 -26.09 21.60
CA GLU D 565 -19.46 -25.45 22.88
C GLU D 565 -18.03 -25.60 23.38
N ILE D 566 -17.40 -26.75 23.10
CA ILE D 566 -16.02 -27.03 23.50
C ILE D 566 -15.11 -26.06 22.73
N LEU D 567 -15.30 -25.95 21.42
CA LEU D 567 -14.54 -25.03 20.57
C LEU D 567 -14.72 -23.59 21.05
N ARG D 568 -15.96 -23.18 21.38
CA ARG D 568 -16.17 -21.81 21.82
C ARG D 568 -15.30 -21.48 23.01
N THR D 569 -15.32 -22.35 24.03
CA THR D 569 -14.58 -22.09 25.24
C THR D 569 -13.08 -22.18 24.96
N LEU D 570 -12.61 -23.23 24.28
CA LEU D 570 -11.19 -23.32 24.01
C LEU D 570 -10.70 -22.13 23.19
N HIS D 571 -11.37 -21.84 22.08
CA HIS D 571 -11.01 -20.69 21.25
C HIS D 571 -10.98 -19.38 22.04
N SER D 572 -11.83 -19.21 23.06
CA SER D 572 -11.85 -17.98 23.82
C SER D 572 -10.52 -17.70 24.51
N PHE D 573 -9.73 -18.75 24.80
CA PHE D 573 -8.41 -18.60 25.40
C PHE D 573 -7.32 -18.37 24.36
N ASP D 574 -7.64 -18.53 23.08
CA ASP D 574 -6.73 -18.29 21.97
C ASP D 574 -5.53 -19.25 22.10
N PRO D 575 -5.75 -20.58 22.05
CA PRO D 575 -4.67 -21.55 22.26
C PRO D 575 -3.54 -21.41 21.24
N CYS D 576 -2.32 -21.44 21.77
CA CYS D 576 -1.14 -21.51 20.91
C CYS D 576 -0.31 -22.70 21.33
N LEU D 577 -0.39 -23.77 20.55
CA LEU D 577 0.10 -25.03 21.06
C LEU D 577 1.60 -25.16 20.83
N ALA D 578 2.12 -24.54 19.75
CA ALA D 578 3.57 -24.56 19.53
C ALA D 578 4.23 -23.80 20.67
N CYS D 579 3.60 -22.67 21.03
CA CYS D 579 3.99 -21.93 22.23
C CYS D 579 4.02 -22.83 23.47
N SER D 580 2.91 -23.57 23.68
CA SER D 580 2.70 -24.29 24.94
C SER D 580 3.80 -25.33 25.19
N THR D 581 4.31 -25.92 24.10
CA THR D 581 5.21 -27.08 24.13
C THR D 581 6.67 -26.70 23.84
N HIS D 582 6.88 -25.77 22.89
CA HIS D 582 8.19 -25.31 22.47
C HIS D 582 9.19 -26.48 22.29
#